data_7QR7
#
_entry.id   7QR7
#
_cell.length_a   176.753
_cell.length_b   67.129
_cell.length_c   186.633
_cell.angle_alpha   90.000
_cell.angle_beta   110.996
_cell.angle_gamma   90.000
#
_symmetry.space_group_name_H-M   'C 1 2 1'
#
loop_
_entity.id
_entity.type
_entity.pdbx_description
1 polymer 'AAVS1 sgRNA'
2 polymer 'CRISPR-associated endonuclease Cas9/Csn1'
3 polymer 'AAVS1 off-target2 target strand'
4 polymer 'AAVS1 off-target2 non-target strand'
5 non-polymer 'MAGNESIUM ION'
6 non-polymer 'POTASSIUM ION'
7 water water
#
loop_
_entity_poly.entity_id
_entity_poly.type
_entity_poly.pdbx_seq_one_letter_code
_entity_poly.pdbx_strand_id
1 'polyribonucleotide'
;GGGGGGCCACUAGGGACAGGAUGUUUUAGAGCUAGAAAUAGCAAGUUAAAAUAAGGCUAGUCCGUUAUCAACUUGAAAAA
GUGA
;
A
2 'polypeptide(L)'
;MDKKYSIGLAIGTNSVGWAVITDEYKVPSKKFKVLGNTDRHSIKKNLIGALLFDSGETAEATRLKRTARRRYTRRKNRIC
YLQEIFSNEMAKVDDSFFHRLEESFLVEEDKKHERHPIFGNIVDEVAYHEKYPTIYHLRKKLVDSTDKADLRLIYLALAH
MIKFRGHFLIEGDLNPDNSDVDKLFIQLVQTYNQLFEENPINASGVDAKAILSARLSKSRRLENLIAQLPGEKKNGLFGN
LIALSLGLTPNFKSNFDLAEDAKLQLSKDTYDDDLDNLLAQIGDQYADLFLAAKNLSDAILLSDILRVNTEITKAPLSAS
MIKRYDEHHQDLTLLKALVRQQLPEKYKEIFFDQSKNGYAGYIDGGASQEEFYKFIKPILEKMDGTEELLVKLNREDLLR
KQRTFDNGSIPHQIHLGELHAILRRQEDFYPFLKDNREKIEKILTFRIPYYVGPLARGNSRFAWMTRKSEETITPWNFEE
VVDKGASAQSFIERMTNFDKNLPNEKVLPKHSLLYEYFTVYNELTKVKYVTEGMRKPAFLSGEQKKAIVDLLFKTNRKVT
VKQLKEDYFKKIECFDSVEISGVEDRFNASLGTYHDLLKIIKDKDFLDNEENEDILEDIVLTLTLFEDREMIEERLKTYA
HLFDDKVMKQLKRRRYTGWGRLSRKLINGIRDKQSGKTILDFLKSDGFANRNFMQLIHDDSLTFKEDIQKAQVSGQGDSL
HEHIANLAGSPAIKKGILQTVKVVDELVKVMGRHKPENIVIEMARENQTTQKGQKNSRERMKRIEEGIKELGSQILKEHP
VENTQLQNEKLYLYYLQNGRDMYVDQELDINRLSDYDVDAIVPQSFLKDDSIDNKVLTRSDKNRGKSDNVPSEEVVKKMK
NYWRQLLNAKLITQRKFDNLTKAERGGLSELDKAGFIKRQLVETRQITKHVAQILDSRMNTKYDENDKLIREVKVITLKS
KLVSDFRKDFQFYKVREINNYHHAHDAYLNAVVGTALIKKYPKLESEFVYGDYKVYDVRKMIAKSEQEIGKATAKYFFYS
NIMNFFKTEITLANGEIRKRPLIETNGETGEIVWDKGRDFATVRKVLSMPQVNIVKKTEVQTGGFSKESILPKRNSDKLI
ARKKDWDPKKYGGFDSPTVAYSVLVVAKVEKGKSKKLKSVKELLGITIMERSSFEKNPIDFLEAKGYKEVKKDLIIKLPK
YSLFELENGRKRMLASAGELQKGNELALPSKYVNFLYLASHYEKLKGSPEDNEQKQLFVEQHKHYLDEIIEQISEFSKRV
ILADANLDKVLSAYNKHRDKPIREQAENIIHLFTLTNLGAPAAFKYFDTTIDRKRYTSTKEVLDATLIHQSITGLYETRI
DLSQLGGD
;
B
3 'polydeoxyribonucleotide'
;(DC)(DA)(DA)(DT)(DA)(DC)(DC)(DA)(DA)(DA)(DC)(DC)(DT)(DG)(DT)(DC)(DC)(DC)(DT)(DG)
(DT)(DG)(DG)(DC)(DC)(DC)(DC)(DA)
;
C
4 'polydeoxyribonucleotide' (DG)(DG)(DT)(DT)(DT)(DG)(DG)(DT)(DA)(DT)(DT)(DG) D
#
loop_
_chem_comp.id
_chem_comp.type
_chem_comp.name
_chem_comp.formula
A RNA linking ADENOSINE-5'-MONOPHOSPHATE 'C10 H14 N5 O7 P'
C RNA linking CYTIDINE-5'-MONOPHOSPHATE 'C9 H14 N3 O8 P'
DA DNA linking 2'-DEOXYADENOSINE-5'-MONOPHOSPHATE 'C10 H14 N5 O6 P'
DC DNA linking 2'-DEOXYCYTIDINE-5'-MONOPHOSPHATE 'C9 H14 N3 O7 P'
DG DNA linking 2'-DEOXYGUANOSINE-5'-MONOPHOSPHATE 'C10 H14 N5 O7 P'
DT DNA linking THYMIDINE-5'-MONOPHOSPHATE 'C10 H15 N2 O8 P'
G RNA linking GUANOSINE-5'-MONOPHOSPHATE 'C10 H14 N5 O8 P'
K non-polymer 'POTASSIUM ION' 'K 1'
MG non-polymer 'MAGNESIUM ION' 'Mg 2'
U RNA linking URIDINE-5'-MONOPHOSPHATE 'C9 H13 N2 O9 P'
#
# COMPACT_ATOMS: atom_id res chain seq x y z
N LYS B 3 44.34 16.31 13.59
CA LYS B 3 43.34 16.56 12.56
C LYS B 3 41.97 16.02 12.95
N LYS B 4 41.06 16.94 13.27
CA LYS B 4 39.70 16.60 13.67
C LYS B 4 38.70 17.10 12.64
N TYR B 5 37.53 16.47 12.62
CA TYR B 5 36.53 16.74 11.60
C TYR B 5 35.20 16.13 12.04
N SER B 6 34.13 16.55 11.38
CA SER B 6 32.80 16.01 11.58
C SER B 6 32.18 15.71 10.22
N ILE B 7 31.15 14.87 10.23
CA ILE B 7 30.49 14.41 9.01
C ILE B 7 29.02 14.81 9.06
N GLY B 8 28.56 15.44 7.99
CA GLY B 8 27.15 15.76 7.81
C GLY B 8 26.53 14.85 6.76
N LEU B 9 25.38 14.29 7.10
CA LEU B 9 24.68 13.33 6.25
C LEU B 9 23.24 13.77 6.03
N ALA B 10 22.74 13.50 4.82
CA ALA B 10 21.37 13.80 4.44
C ALA B 10 20.79 12.57 3.75
N ILE B 11 19.88 11.88 4.42
CA ILE B 11 19.39 10.57 3.98
C ILE B 11 18.04 10.76 3.30
N GLY B 12 17.92 10.25 2.07
CA GLY B 12 16.69 10.35 1.31
C GLY B 12 16.38 9.05 0.61
N THR B 13 15.26 9.06 -0.13
CA THR B 13 14.82 7.85 -0.84
C THR B 13 15.56 7.64 -2.15
N ASN B 14 16.20 8.69 -2.69
CA ASN B 14 16.93 8.60 -3.95
C ASN B 14 18.29 9.26 -3.88
N SER B 15 18.76 9.65 -2.69
CA SER B 15 20.03 10.34 -2.57
C SER B 15 20.54 10.22 -1.14
N VAL B 16 21.86 10.26 -1.02
CA VAL B 16 22.54 10.40 0.27
C VAL B 16 23.60 11.49 0.10
N GLY B 17 23.35 12.64 0.69
CA GLY B 17 24.31 13.72 0.68
C GLY B 17 25.28 13.62 1.85
N TRP B 18 26.53 14.01 1.60
CA TRP B 18 27.59 13.87 2.59
C TRP B 18 28.53 15.05 2.48
N ALA B 19 29.08 15.46 3.64
CA ALA B 19 30.07 16.52 3.68
C ALA B 19 30.96 16.33 4.90
N VAL B 20 32.21 16.77 4.77
CA VAL B 20 33.19 16.72 5.84
C VAL B 20 33.53 18.16 6.22
N ILE B 21 33.47 18.45 7.52
CA ILE B 21 33.78 19.78 8.02
C ILE B 21 34.91 19.69 9.04
N THR B 22 35.63 20.80 9.19
CA THR B 22 36.71 20.91 10.16
C THR B 22 36.23 21.72 11.37
N ASP B 23 37.17 22.23 12.17
CA ASP B 23 36.78 23.01 13.33
C ASP B 23 36.16 24.34 12.92
N GLU B 24 36.66 24.95 11.85
CA GLU B 24 36.17 26.23 11.36
C GLU B 24 34.99 26.08 10.41
N TYR B 25 34.32 24.93 10.43
CA TYR B 25 33.21 24.62 9.52
C TYR B 25 33.62 24.70 8.06
N LYS B 26 34.91 24.56 7.77
CA LYS B 26 35.41 24.51 6.42
C LYS B 26 35.36 23.08 5.90
N VAL B 27 35.35 22.95 4.58
CA VAL B 27 35.33 21.65 3.91
C VAL B 27 36.71 21.40 3.33
N PRO B 28 37.39 20.32 3.71
CA PRO B 28 38.75 20.09 3.22
C PRO B 28 38.77 19.76 1.74
N SER B 29 39.99 19.74 1.20
CA SER B 29 40.24 19.28 -0.16
C SER B 29 41.52 18.47 -0.18
N LYS B 30 41.49 17.34 -0.87
CA LYS B 30 42.64 16.44 -0.90
C LYS B 30 43.04 16.13 -2.35
N LYS B 31 44.26 15.65 -2.50
CA LYS B 31 44.74 15.12 -3.77
C LYS B 31 44.59 13.60 -3.72
N PHE B 32 43.64 13.08 -4.49
CA PHE B 32 43.34 11.65 -4.52
C PHE B 32 44.02 10.98 -5.70
N LYS B 33 44.56 9.80 -5.46
CA LYS B 33 45.22 9.02 -6.50
C LYS B 33 44.22 8.60 -7.56
N VAL B 34 44.66 8.57 -8.81
CA VAL B 34 43.84 8.16 -9.94
C VAL B 34 44.52 6.98 -10.64
N LEU B 35 43.73 5.97 -10.96
CA LEU B 35 44.23 4.76 -11.61
C LEU B 35 43.68 4.63 -13.02
N GLY B 36 44.25 3.71 -13.78
CA GLY B 36 43.79 3.46 -15.13
C GLY B 36 44.90 3.42 -16.17
N ASN B 37 44.68 4.09 -17.31
CA ASN B 37 45.70 4.14 -18.36
C ASN B 37 45.83 5.54 -18.96
N THR B 38 45.34 6.56 -18.27
CA THR B 38 45.43 7.93 -18.74
C THR B 38 46.64 8.63 -18.12
N ASP B 39 46.93 9.81 -18.64
CA ASP B 39 48.02 10.63 -18.10
C ASP B 39 47.72 11.19 -16.72
N ARG B 40 46.51 11.02 -16.22
CA ARG B 40 46.10 11.58 -14.94
C ARG B 40 46.49 10.64 -13.81
N HIS B 41 47.37 11.11 -12.93
CA HIS B 41 47.83 10.33 -11.78
C HIS B 41 47.13 10.70 -10.49
N SER B 42 46.43 11.83 -10.45
CA SER B 42 45.74 12.29 -9.25
C SER B 42 44.75 13.37 -9.64
N ILE B 43 43.98 13.81 -8.65
CA ILE B 43 42.97 14.85 -8.89
C ILE B 43 42.59 15.47 -7.56
N LYS B 44 42.32 16.78 -7.58
CA LYS B 44 41.93 17.52 -6.38
C LYS B 44 40.43 17.43 -6.18
N LYS B 45 40.03 16.99 -4.98
CA LYS B 45 38.63 16.77 -4.66
C LYS B 45 38.26 17.51 -3.38
N ASN B 46 37.14 18.21 -3.42
CA ASN B 46 36.50 18.70 -2.21
C ASN B 46 35.79 17.54 -1.52
N LEU B 47 35.80 17.54 -0.18
CA LEU B 47 35.18 16.47 0.58
C LEU B 47 33.71 16.78 0.86
N ILE B 48 32.96 16.91 -0.23
CA ILE B 48 31.52 17.15 -0.18
C ILE B 48 30.90 16.58 -1.45
N GLY B 49 29.74 15.96 -1.32
CA GLY B 49 29.11 15.37 -2.49
C GLY B 49 27.80 14.71 -2.13
N ALA B 50 27.27 13.96 -3.09
CA ALA B 50 26.00 13.28 -2.91
C ALA B 50 25.92 12.08 -3.84
N LEU B 51 25.54 10.93 -3.29
CA LEU B 51 25.30 9.72 -4.06
C LEU B 51 23.85 9.67 -4.50
N LEU B 52 23.62 9.41 -5.79
CA LEU B 52 22.28 9.29 -6.34
C LEU B 52 22.03 7.85 -6.78
N PHE B 53 20.77 7.42 -6.69
CA PHE B 53 20.42 6.06 -7.07
C PHE B 53 18.94 5.98 -7.40
N ASP B 54 18.58 5.01 -8.22
CA ASP B 54 17.18 4.75 -8.50
C ASP B 54 16.47 4.26 -7.24
N SER B 55 15.15 4.45 -7.22
CA SER B 55 14.36 4.14 -6.04
C SER B 55 14.38 2.63 -5.76
N GLY B 56 14.58 2.27 -4.50
CA GLY B 56 14.38 0.89 -4.10
C GLY B 56 12.92 0.49 -4.21
N GLU B 57 12.69 -0.77 -4.54
CA GLU B 57 11.36 -1.24 -4.86
C GLU B 57 10.87 -2.23 -3.82
N THR B 58 9.55 -2.21 -3.58
CA THR B 58 8.92 -3.21 -2.75
C THR B 58 8.92 -4.57 -3.45
N ALA B 59 8.64 -5.61 -2.68
CA ALA B 59 8.54 -6.96 -3.22
C ALA B 59 7.13 -7.30 -3.66
N GLU B 60 6.24 -6.31 -3.74
CA GLU B 60 4.82 -6.58 -3.99
C GLU B 60 4.61 -7.11 -5.41
N ALA B 61 5.14 -6.40 -6.42
CA ALA B 61 4.94 -6.83 -7.79
C ALA B 61 5.53 -8.21 -8.03
N THR B 62 6.71 -8.46 -7.47
CA THR B 62 7.31 -9.78 -7.54
C THR B 62 6.40 -10.84 -6.94
N ARG B 63 5.78 -10.52 -5.79
CA ARG B 63 4.88 -11.47 -5.14
C ARG B 63 3.65 -11.75 -6.01
N LEU B 64 3.06 -10.70 -6.57
CA LEU B 64 1.90 -10.89 -7.43
C LEU B 64 2.25 -11.77 -8.63
N LYS B 65 3.39 -11.49 -9.28
CA LYS B 65 3.80 -12.32 -10.41
C LYS B 65 4.02 -13.76 -9.98
N ARG B 66 4.65 -13.97 -8.82
CA ARG B 66 4.92 -15.32 -8.34
C ARG B 66 3.63 -16.10 -8.12
N THR B 67 2.66 -15.47 -7.45
CA THR B 67 1.41 -16.15 -7.16
C THR B 67 0.60 -16.41 -8.43
N ALA B 68 0.63 -15.48 -9.38
CA ALA B 68 -0.05 -15.72 -10.64
C ALA B 68 0.60 -16.86 -11.42
N ARG B 69 1.94 -16.93 -11.37
CA ARG B 69 2.67 -18.07 -11.93
C ARG B 69 2.15 -19.38 -11.35
N ARG B 70 2.05 -19.43 -10.03
CA ARG B 70 1.57 -20.65 -9.37
C ARG B 70 0.14 -20.98 -9.79
N ARG B 71 -0.71 -19.96 -9.90
CA ARG B 71 -2.09 -20.19 -10.33
C ARG B 71 -2.15 -20.77 -11.74
N TYR B 72 -1.33 -20.25 -12.65
CA TYR B 72 -1.30 -20.78 -14.01
C TYR B 72 -0.85 -22.24 -14.02
N THR B 73 0.22 -22.54 -13.26
CA THR B 73 0.70 -23.92 -13.18
C THR B 73 -0.40 -24.85 -12.68
N ARG B 74 -1.11 -24.44 -11.63
CA ARG B 74 -2.10 -25.32 -11.02
C ARG B 74 -3.38 -25.44 -11.86
N ARG B 75 -3.75 -24.40 -12.61
CA ARG B 75 -4.86 -24.54 -13.55
C ARG B 75 -4.52 -25.54 -14.64
N LYS B 76 -3.31 -25.42 -15.21
CA LYS B 76 -2.82 -26.43 -16.15
C LYS B 76 -2.89 -27.83 -15.52
N ASN B 77 -2.53 -27.94 -14.24
CA ASN B 77 -2.56 -29.24 -13.58
C ASN B 77 -3.98 -29.76 -13.43
N ARG B 78 -4.95 -28.88 -13.16
CA ARG B 78 -6.35 -29.33 -13.13
C ARG B 78 -6.74 -29.93 -14.47
N ILE B 79 -6.42 -29.24 -15.56
CA ILE B 79 -6.75 -29.75 -16.88
C ILE B 79 -6.05 -31.09 -17.11
N CYS B 80 -4.80 -31.22 -16.66
CA CYS B 80 -4.07 -32.47 -16.82
C CYS B 80 -4.71 -33.60 -16.04
N TYR B 81 -5.18 -33.31 -14.82
CA TYR B 81 -5.93 -34.32 -14.06
C TYR B 81 -7.14 -34.81 -14.85
N LEU B 82 -7.93 -33.87 -15.38
CA LEU B 82 -9.13 -34.27 -16.11
C LEU B 82 -8.78 -35.10 -17.33
N GLN B 83 -7.73 -34.71 -18.05
CA GLN B 83 -7.34 -35.47 -19.23
C GLN B 83 -6.84 -36.86 -18.85
N GLU B 84 -6.10 -36.98 -17.75
CA GLU B 84 -5.68 -38.30 -17.29
C GLU B 84 -6.89 -39.17 -16.97
N ILE B 85 -7.93 -38.58 -16.40
CA ILE B 85 -9.16 -39.33 -16.14
C ILE B 85 -9.79 -39.81 -17.46
N PHE B 86 -9.84 -38.93 -18.46
CA PHE B 86 -10.52 -39.25 -19.71
C PHE B 86 -9.71 -40.17 -20.63
N SER B 87 -8.40 -40.27 -20.42
CA SER B 87 -7.44 -40.87 -21.34
C SER B 87 -7.89 -42.12 -22.11
N ASN B 88 -8.17 -43.22 -21.40
CA ASN B 88 -8.38 -44.50 -22.08
C ASN B 88 -9.63 -44.47 -22.95
N GLU B 89 -10.75 -44.03 -22.39
CA GLU B 89 -11.98 -44.01 -23.18
C GLU B 89 -11.92 -42.99 -24.30
N MET B 90 -11.17 -41.90 -24.11
CA MET B 90 -11.01 -40.95 -25.21
C MET B 90 -10.15 -41.56 -26.31
N ALA B 91 -9.13 -42.34 -25.94
CA ALA B 91 -8.35 -43.06 -26.93
C ALA B 91 -9.21 -44.07 -27.68
N LYS B 92 -10.20 -44.65 -27.00
CA LYS B 92 -11.16 -45.49 -27.70
C LYS B 92 -12.00 -44.68 -28.68
N VAL B 93 -12.40 -43.46 -28.29
CA VAL B 93 -13.25 -42.65 -29.15
C VAL B 93 -12.43 -41.94 -30.23
N ASP B 94 -11.41 -41.18 -29.82
CA ASP B 94 -10.57 -40.43 -30.75
C ASP B 94 -9.16 -40.40 -30.18
N ASP B 95 -8.24 -41.12 -30.80
CA ASP B 95 -6.91 -41.32 -30.26
C ASP B 95 -6.02 -40.09 -30.37
N SER B 96 -6.47 -39.01 -31.00
CA SER B 96 -5.66 -37.80 -31.16
C SER B 96 -6.39 -36.53 -30.73
N PHE B 97 -7.49 -36.66 -29.99
CA PHE B 97 -8.28 -35.50 -29.58
C PHE B 97 -7.44 -34.55 -28.72
N PHE B 98 -6.84 -35.08 -27.64
CA PHE B 98 -6.05 -34.23 -26.76
C PHE B 98 -4.80 -33.71 -27.47
N HIS B 99 -4.28 -34.46 -28.45
CA HIS B 99 -3.13 -33.97 -29.22
C HIS B 99 -3.51 -32.75 -30.05
N ARG B 100 -4.64 -32.82 -30.74
CA ARG B 100 -5.11 -31.65 -31.49
C ARG B 100 -5.41 -30.49 -30.55
N LEU B 101 -5.91 -30.78 -29.34
CA LEU B 101 -6.15 -29.70 -28.38
C LEU B 101 -4.84 -29.03 -27.97
N GLU B 102 -3.80 -29.83 -27.72
CA GLU B 102 -2.55 -29.27 -27.23
C GLU B 102 -1.87 -28.40 -28.29
N GLU B 103 -2.00 -28.78 -29.56
CA GLU B 103 -1.35 -28.06 -30.66
C GLU B 103 -2.30 -27.08 -31.33
N SER B 104 -3.36 -26.65 -30.65
CA SER B 104 -4.33 -25.76 -31.28
C SER B 104 -3.68 -24.43 -31.66
N PHE B 105 -2.60 -24.05 -30.96
CA PHE B 105 -1.97 -22.76 -31.18
C PHE B 105 -1.11 -22.73 -32.45
N LEU B 106 -0.66 -23.89 -32.93
CA LEU B 106 0.30 -23.95 -34.01
C LEU B 106 -0.36 -23.68 -35.35
N VAL B 107 0.46 -23.24 -36.31
CA VAL B 107 -0.01 -23.07 -37.68
C VAL B 107 -0.11 -24.45 -38.34
N GLU B 108 -0.98 -24.54 -39.35
CA GLU B 108 -1.20 -25.83 -40.01
C GLU B 108 0.09 -26.41 -40.57
N GLU B 109 1.05 -25.54 -40.90
CA GLU B 109 2.36 -26.00 -41.36
C GLU B 109 3.06 -26.84 -40.30
N ASP B 110 2.95 -26.44 -39.04
CA ASP B 110 3.60 -27.15 -37.94
C ASP B 110 2.69 -28.15 -37.23
N LYS B 111 1.39 -28.12 -37.50
CA LYS B 111 0.49 -29.09 -36.89
C LYS B 111 0.78 -30.48 -37.42
N LYS B 112 0.85 -31.46 -36.51
CA LYS B 112 1.08 -32.84 -36.91
C LYS B 112 -0.21 -33.60 -37.18
N HIS B 113 -1.35 -33.07 -36.79
CA HIS B 113 -2.65 -33.69 -37.03
C HIS B 113 -3.53 -32.72 -37.80
N GLU B 114 -4.80 -33.08 -37.97
CA GLU B 114 -5.73 -32.23 -38.70
C GLU B 114 -5.95 -30.92 -37.95
N ARG B 115 -6.20 -29.85 -38.72
CA ARG B 115 -6.26 -28.50 -38.15
C ARG B 115 -7.58 -28.21 -37.43
N HIS B 116 -8.58 -29.07 -37.55
CA HIS B 116 -9.84 -28.87 -36.85
C HIS B 116 -9.80 -29.64 -35.53
N PRO B 117 -9.89 -28.95 -34.39
CA PRO B 117 -9.56 -29.59 -33.10
C PRO B 117 -10.54 -30.67 -32.66
N ILE B 118 -11.84 -30.34 -32.64
CA ILE B 118 -12.80 -31.18 -31.93
C ILE B 118 -12.99 -32.51 -32.66
N PHE B 119 -13.19 -32.47 -33.98
CA PHE B 119 -13.58 -33.65 -34.73
C PHE B 119 -12.59 -34.08 -35.81
N GLY B 120 -11.64 -33.23 -36.19
CA GLY B 120 -10.64 -33.61 -37.16
C GLY B 120 -11.12 -33.65 -38.60
N ASN B 121 -12.27 -33.04 -38.91
CA ASN B 121 -12.69 -32.87 -40.28
C ASN B 121 -13.61 -31.65 -40.33
N ILE B 122 -13.63 -30.99 -41.49
CA ILE B 122 -14.25 -29.67 -41.55
C ILE B 122 -15.77 -29.78 -41.42
N VAL B 123 -16.36 -30.84 -41.95
CA VAL B 123 -17.81 -30.97 -41.95
C VAL B 123 -18.35 -31.01 -40.52
N ASP B 124 -17.82 -31.93 -39.71
CA ASP B 124 -18.30 -32.06 -38.34
C ASP B 124 -17.99 -30.81 -37.52
N GLU B 125 -16.87 -30.15 -37.80
CA GLU B 125 -16.51 -28.95 -37.06
C GLU B 125 -17.49 -27.82 -37.33
N VAL B 126 -17.78 -27.56 -38.61
CA VAL B 126 -18.74 -26.51 -38.94
C VAL B 126 -20.14 -26.89 -38.45
N ALA B 127 -20.47 -28.19 -38.45
CA ALA B 127 -21.77 -28.61 -37.92
C ALA B 127 -21.86 -28.32 -36.43
N TYR B 128 -20.81 -28.65 -35.68
CA TYR B 128 -20.76 -28.34 -34.25
C TYR B 128 -20.95 -26.84 -34.03
N HIS B 129 -20.19 -26.02 -34.77
CA HIS B 129 -20.25 -24.58 -34.53
C HIS B 129 -21.61 -24.01 -34.90
N GLU B 130 -22.30 -24.59 -35.88
CA GLU B 130 -23.66 -24.17 -36.18
C GLU B 130 -24.61 -24.59 -35.07
N LYS B 131 -24.38 -25.76 -34.47
CA LYS B 131 -25.28 -26.22 -33.42
C LYS B 131 -24.99 -25.57 -32.08
N TYR B 132 -23.71 -25.33 -31.77
CA TYR B 132 -23.31 -24.74 -30.48
C TYR B 132 -22.41 -23.54 -30.76
N PRO B 133 -23.00 -22.39 -31.11
CA PRO B 133 -22.17 -21.21 -31.42
C PRO B 133 -21.34 -20.74 -30.25
N THR B 134 -21.77 -21.00 -29.03
CA THR B 134 -20.96 -20.74 -27.85
C THR B 134 -20.87 -22.01 -27.02
N ILE B 135 -19.85 -22.07 -26.17
CA ILE B 135 -19.66 -23.24 -25.32
C ILE B 135 -20.84 -23.41 -24.37
N TYR B 136 -21.51 -22.31 -24.02
CA TYR B 136 -22.63 -22.39 -23.09
C TYR B 136 -23.84 -23.08 -23.72
N HIS B 137 -23.98 -23.02 -25.04
CA HIS B 137 -24.98 -23.83 -25.72
C HIS B 137 -24.74 -25.31 -25.45
N LEU B 138 -23.50 -25.77 -25.64
CA LEU B 138 -23.18 -27.16 -25.40
C LEU B 138 -23.35 -27.51 -23.92
N ARG B 139 -23.00 -26.58 -23.03
CA ARG B 139 -23.16 -26.83 -21.59
C ARG B 139 -24.62 -27.03 -21.24
N LYS B 140 -25.50 -26.15 -21.73
CA LYS B 140 -26.92 -26.29 -21.43
C LYS B 140 -27.48 -27.56 -22.04
N LYS B 141 -27.05 -27.91 -23.26
CA LYS B 141 -27.54 -29.13 -23.89
C LYS B 141 -27.14 -30.35 -23.08
N LEU B 142 -25.88 -30.40 -22.63
CA LEU B 142 -25.41 -31.55 -21.86
C LEU B 142 -26.00 -31.57 -20.46
N VAL B 143 -26.46 -30.44 -19.94
CA VAL B 143 -27.14 -30.44 -18.64
C VAL B 143 -28.57 -30.93 -18.78
N ASP B 144 -29.27 -30.48 -19.83
CA ASP B 144 -30.70 -30.76 -19.97
C ASP B 144 -31.00 -32.10 -20.66
N SER B 145 -30.25 -32.44 -21.70
CA SER B 145 -30.61 -33.57 -22.55
C SER B 145 -30.37 -34.90 -21.84
N THR B 146 -31.07 -35.92 -22.33
CA THR B 146 -30.98 -37.28 -21.79
C THR B 146 -30.22 -38.24 -22.68
N ASP B 147 -29.85 -37.81 -23.89
CA ASP B 147 -29.20 -38.68 -24.86
C ASP B 147 -27.71 -38.82 -24.56
N LYS B 148 -27.17 -39.99 -24.91
CA LYS B 148 -25.73 -40.17 -24.84
C LYS B 148 -25.04 -39.19 -25.78
N ALA B 149 -23.99 -38.55 -25.29
CA ALA B 149 -23.29 -37.50 -26.01
C ALA B 149 -21.90 -37.97 -26.41
N ASP B 150 -21.29 -37.21 -27.31
CA ASP B 150 -19.92 -37.47 -27.72
C ASP B 150 -18.97 -37.21 -26.56
N LEU B 151 -18.11 -38.18 -26.27
CA LEU B 151 -17.18 -38.05 -25.15
C LEU B 151 -16.31 -36.81 -25.28
N ARG B 152 -15.98 -36.42 -26.52
CA ARG B 152 -15.19 -35.22 -26.73
C ARG B 152 -15.95 -33.96 -26.30
N LEU B 153 -17.24 -33.90 -26.59
CA LEU B 153 -18.01 -32.73 -26.17
C LEU B 153 -18.23 -32.74 -24.66
N ILE B 154 -18.40 -33.92 -24.06
CA ILE B 154 -18.43 -34.02 -22.61
C ILE B 154 -17.17 -33.42 -22.02
N TYR B 155 -16.00 -33.84 -22.55
CA TYR B 155 -14.75 -33.29 -22.06
C TYR B 155 -14.69 -31.78 -22.26
N LEU B 156 -15.13 -31.28 -23.41
CA LEU B 156 -15.04 -29.84 -23.65
C LEU B 156 -15.87 -29.07 -22.65
N ALA B 157 -17.08 -29.54 -22.35
CA ALA B 157 -17.91 -28.87 -21.36
C ALA B 157 -17.25 -28.90 -19.98
N LEU B 158 -16.83 -30.09 -19.53
CA LEU B 158 -16.26 -30.21 -18.19
C LEU B 158 -14.97 -29.42 -18.06
N ALA B 159 -14.17 -29.39 -19.12
CA ALA B 159 -12.91 -28.65 -19.07
C ALA B 159 -13.15 -27.15 -19.12
N HIS B 160 -14.19 -26.70 -19.83
CA HIS B 160 -14.52 -25.28 -19.78
C HIS B 160 -15.01 -24.89 -18.39
N MET B 161 -15.68 -25.80 -17.70
CA MET B 161 -16.10 -25.47 -16.33
C MET B 161 -14.92 -25.48 -15.37
N ILE B 162 -13.97 -26.40 -15.56
CA ILE B 162 -12.87 -26.53 -14.62
C ILE B 162 -11.81 -25.44 -14.84
N LYS B 163 -11.51 -25.12 -16.09
CA LYS B 163 -10.48 -24.12 -16.38
C LYS B 163 -10.92 -22.73 -15.93
N PHE B 164 -12.23 -22.47 -15.94
CA PHE B 164 -12.79 -21.18 -15.52
C PHE B 164 -13.93 -21.51 -14.56
N ARG B 165 -13.61 -21.61 -13.28
CA ARG B 165 -14.44 -22.31 -12.30
C ARG B 165 -15.13 -21.40 -11.31
N GLY B 166 -15.01 -20.08 -11.44
CA GLY B 166 -15.69 -19.17 -10.53
C GLY B 166 -15.06 -19.09 -9.18
N HIS B 167 -15.56 -18.11 -8.40
CA HIS B 167 -14.93 -17.75 -7.14
C HIS B 167 -15.38 -18.66 -6.00
N PHE B 168 -14.68 -18.53 -4.86
CA PHE B 168 -14.94 -19.34 -3.68
C PHE B 168 -15.26 -18.49 -2.47
N LEU B 169 -15.93 -17.34 -2.67
CA LEU B 169 -16.18 -16.45 -1.54
C LEU B 169 -17.32 -16.93 -0.66
N ILE B 170 -18.24 -17.72 -1.21
CA ILE B 170 -19.38 -18.22 -0.46
C ILE B 170 -19.05 -19.60 0.08
N GLU B 171 -19.22 -19.77 1.39
CA GLU B 171 -19.03 -21.07 2.01
C GLU B 171 -20.31 -21.89 1.91
N GLY B 172 -20.16 -23.20 1.96
CA GLY B 172 -21.30 -24.08 1.87
C GLY B 172 -21.75 -24.30 0.43
N ASP B 173 -22.94 -24.86 0.31
CA ASP B 173 -23.53 -25.17 -0.98
C ASP B 173 -24.54 -24.11 -1.38
N LEU B 174 -24.98 -24.19 -2.64
CA LEU B 174 -25.84 -23.16 -3.22
C LEU B 174 -27.11 -23.78 -3.80
N ASN B 175 -27.99 -22.89 -4.25
CA ASN B 175 -29.36 -23.21 -4.61
C ASN B 175 -30.09 -24.03 -3.54
N PRO B 176 -30.10 -23.59 -2.25
CA PRO B 176 -30.90 -24.30 -1.26
C PRO B 176 -32.33 -23.80 -1.25
N ASP B 177 -33.24 -24.58 -1.83
CA ASP B 177 -34.57 -24.09 -2.18
C ASP B 177 -34.40 -22.84 -3.03
N ASN B 178 -34.84 -21.69 -2.50
CA ASN B 178 -34.65 -20.40 -3.16
C ASN B 178 -35.12 -20.47 -4.61
N SER B 179 -34.18 -20.32 -5.55
CA SER B 179 -34.38 -20.34 -7.00
C SER B 179 -35.31 -19.25 -7.52
N ASP B 180 -35.76 -18.33 -6.68
CA ASP B 180 -36.67 -17.25 -7.09
C ASP B 180 -36.73 -16.24 -5.96
N VAL B 181 -37.07 -15.01 -6.31
CA VAL B 181 -37.16 -13.93 -5.32
C VAL B 181 -38.55 -13.88 -4.69
N ASP B 182 -39.59 -14.13 -5.49
CA ASP B 182 -40.97 -13.95 -5.03
C ASP B 182 -41.26 -14.75 -3.77
N LYS B 183 -40.76 -15.99 -3.69
CA LYS B 183 -41.04 -16.82 -2.52
C LYS B 183 -40.39 -16.25 -1.26
N LEU B 184 -39.14 -15.77 -1.35
CA LEU B 184 -38.50 -15.22 -0.16
C LEU B 184 -39.06 -13.86 0.22
N PHE B 185 -39.49 -13.06 -0.76
CA PHE B 185 -40.19 -11.82 -0.44
C PHE B 185 -41.52 -12.12 0.23
N ILE B 186 -42.23 -13.14 -0.26
CA ILE B 186 -43.47 -13.57 0.39
C ILE B 186 -43.20 -14.01 1.82
N GLN B 187 -42.12 -14.77 2.03
CA GLN B 187 -41.82 -15.24 3.37
C GLN B 187 -41.48 -14.09 4.31
N LEU B 188 -40.73 -13.10 3.80
CA LEU B 188 -40.44 -11.91 4.61
C LEU B 188 -41.72 -11.19 4.98
N VAL B 189 -42.64 -11.02 4.02
CA VAL B 189 -43.94 -10.41 4.31
C VAL B 189 -44.70 -11.22 5.36
N GLN B 190 -44.61 -12.56 5.28
CA GLN B 190 -45.33 -13.40 6.22
C GLN B 190 -44.78 -13.27 7.63
N THR B 191 -43.46 -13.31 7.80
CA THR B 191 -42.90 -13.19 9.14
C THR B 191 -43.10 -11.79 9.70
N TYR B 192 -43.06 -10.76 8.84
CA TYR B 192 -43.36 -9.41 9.29
C TYR B 192 -44.81 -9.33 9.77
N ASN B 193 -45.75 -9.86 8.99
CA ASN B 193 -47.15 -9.82 9.39
C ASN B 193 -47.40 -10.68 10.63
N GLN B 194 -46.56 -11.68 10.83
CA GLN B 194 -46.64 -12.47 12.07
C GLN B 194 -46.22 -11.63 13.28
N LEU B 195 -45.17 -10.83 13.13
CA LEU B 195 -44.74 -9.99 14.25
C LEU B 195 -45.65 -8.78 14.47
N PHE B 196 -46.21 -8.24 13.40
CA PHE B 196 -47.05 -7.04 13.47
C PHE B 196 -48.43 -7.35 12.93
N GLU B 197 -49.19 -8.15 13.70
CA GLU B 197 -50.57 -8.43 13.32
C GLU B 197 -51.40 -7.16 13.26
N GLU B 198 -51.09 -6.17 14.09
CA GLU B 198 -51.83 -4.91 14.08
C GLU B 198 -51.45 -4.05 12.88
N ASN B 199 -50.20 -4.12 12.42
CA ASN B 199 -49.71 -3.30 11.31
C ASN B 199 -49.21 -4.23 10.21
N PRO B 200 -50.11 -4.79 9.40
CA PRO B 200 -49.71 -5.71 8.33
C PRO B 200 -49.42 -4.98 7.03
N ILE B 201 -48.74 -5.68 6.14
CA ILE B 201 -48.32 -5.16 4.84
C ILE B 201 -49.06 -5.91 3.74
N ASN B 202 -49.67 -5.17 2.82
CA ASN B 202 -50.43 -5.75 1.72
C ASN B 202 -49.51 -5.85 0.52
N ALA B 203 -48.86 -7.01 0.37
CA ALA B 203 -47.93 -7.23 -0.73
C ALA B 203 -48.61 -7.85 -1.96
N SER B 204 -49.94 -7.86 -2.01
CA SER B 204 -50.64 -8.39 -3.16
C SER B 204 -50.48 -7.47 -4.35
N GLY B 205 -50.35 -8.05 -5.54
CA GLY B 205 -50.10 -7.29 -6.74
C GLY B 205 -48.71 -6.72 -6.86
N VAL B 206 -47.83 -7.01 -5.92
CA VAL B 206 -46.46 -6.51 -5.95
C VAL B 206 -45.57 -7.54 -6.64
N ASP B 207 -44.95 -7.15 -7.76
CA ASP B 207 -44.05 -8.02 -8.51
C ASP B 207 -42.64 -7.85 -7.96
N ALA B 208 -42.32 -8.63 -6.94
CA ALA B 208 -41.01 -8.52 -6.29
C ALA B 208 -39.89 -9.01 -7.19
N LYS B 209 -40.16 -10.01 -8.03
CA LYS B 209 -39.13 -10.56 -8.91
C LYS B 209 -38.52 -9.48 -9.78
N ALA B 210 -39.36 -8.81 -10.58
CA ALA B 210 -38.86 -7.80 -11.52
C ALA B 210 -38.27 -6.61 -10.78
N ILE B 211 -38.88 -6.19 -9.68
CA ILE B 211 -38.44 -4.97 -9.01
C ILE B 211 -37.09 -5.19 -8.33
N LEU B 212 -36.93 -6.30 -7.62
CA LEU B 212 -35.70 -6.54 -6.88
C LEU B 212 -34.61 -7.20 -7.71
N SER B 213 -34.95 -7.81 -8.85
CA SER B 213 -33.93 -8.34 -9.75
C SER B 213 -33.59 -7.40 -10.89
N ALA B 214 -34.29 -6.27 -11.01
CA ALA B 214 -33.98 -5.29 -12.04
C ALA B 214 -32.55 -4.79 -11.86
N ARG B 215 -31.81 -4.69 -12.97
CA ARG B 215 -30.42 -4.25 -12.92
C ARG B 215 -30.39 -2.74 -12.71
N LEU B 216 -30.62 -2.36 -11.45
CA LEU B 216 -30.57 -0.98 -11.02
C LEU B 216 -29.87 -0.92 -9.66
N SER B 217 -29.59 0.30 -9.20
CA SER B 217 -28.92 0.46 -7.92
C SER B 217 -29.78 -0.06 -6.79
N LYS B 218 -29.13 -0.45 -5.69
CA LYS B 218 -29.83 -1.02 -4.55
C LYS B 218 -30.88 -0.05 -4.02
N SER B 219 -30.50 1.21 -3.83
CA SER B 219 -31.44 2.20 -3.31
C SER B 219 -32.59 2.45 -4.27
N ARG B 220 -32.36 2.31 -5.58
CA ARG B 220 -33.44 2.51 -6.55
C ARG B 220 -34.46 1.39 -6.49
N ARG B 221 -34.00 0.14 -6.45
CA ARG B 221 -34.92 -0.98 -6.27
C ARG B 221 -35.66 -0.86 -4.94
N LEU B 222 -34.95 -0.43 -3.90
CA LEU B 222 -35.58 -0.09 -2.63
C LEU B 222 -36.75 0.87 -2.85
N GLU B 223 -36.46 2.04 -3.43
CA GLU B 223 -37.48 3.06 -3.64
C GLU B 223 -38.65 2.53 -4.46
N ASN B 224 -38.36 1.69 -5.46
CA ASN B 224 -39.42 1.14 -6.29
C ASN B 224 -40.36 0.25 -5.46
N LEU B 225 -39.79 -0.74 -4.78
CA LEU B 225 -40.60 -1.64 -3.96
C LEU B 225 -41.37 -0.87 -2.88
N ILE B 226 -40.81 0.21 -2.37
CA ILE B 226 -41.48 0.95 -1.31
C ILE B 226 -42.59 1.83 -1.88
N ALA B 227 -42.40 2.35 -3.10
CA ALA B 227 -43.50 3.02 -3.78
C ALA B 227 -44.64 2.05 -4.05
N GLN B 228 -44.32 0.78 -4.28
CA GLN B 228 -45.39 -0.20 -4.49
C GLN B 228 -46.25 -0.39 -3.25
N LEU B 229 -45.69 -0.16 -2.06
CA LEU B 229 -46.43 -0.34 -0.82
C LEU B 229 -46.79 1.01 -0.23
N PRO B 230 -48.06 1.42 -0.26
CA PRO B 230 -48.43 2.72 0.32
C PRO B 230 -48.48 2.68 1.84
N GLY B 231 -48.24 3.84 2.43
CA GLY B 231 -48.19 3.94 3.88
C GLY B 231 -46.98 3.31 4.53
N GLU B 232 -46.10 2.70 3.74
CA GLU B 232 -44.83 2.17 4.23
C GLU B 232 -43.71 2.98 3.58
N LYS B 233 -42.82 3.52 4.41
CA LYS B 233 -41.74 4.39 3.95
C LYS B 233 -40.42 3.64 3.91
N LYS B 234 -39.43 4.26 3.27
CA LYS B 234 -38.17 3.58 3.00
C LYS B 234 -37.33 3.36 4.25
N ASN B 235 -37.54 4.15 5.30
CA ASN B 235 -36.77 4.00 6.53
C ASN B 235 -37.56 3.32 7.64
N GLY B 236 -38.77 2.85 7.35
CA GLY B 236 -39.50 2.02 8.30
C GLY B 236 -38.84 0.66 8.45
N LEU B 237 -39.49 -0.19 9.24
CA LEU B 237 -38.92 -1.50 9.53
C LEU B 237 -38.82 -2.36 8.27
N PHE B 238 -39.91 -2.44 7.52
CA PHE B 238 -39.89 -3.25 6.29
C PHE B 238 -38.95 -2.64 5.26
N GLY B 239 -38.94 -1.32 5.13
CA GLY B 239 -38.00 -0.67 4.23
C GLY B 239 -36.56 -0.95 4.61
N ASN B 240 -36.26 -0.94 5.91
CA ASN B 240 -34.90 -1.23 6.34
C ASN B 240 -34.55 -2.70 6.12
N LEU B 241 -35.51 -3.60 6.28
CA LEU B 241 -35.25 -5.01 5.98
C LEU B 241 -34.96 -5.20 4.50
N ILE B 242 -35.73 -4.53 3.63
CA ILE B 242 -35.48 -4.65 2.19
C ILE B 242 -34.14 -4.01 1.82
N ALA B 243 -33.78 -2.92 2.50
CA ALA B 243 -32.48 -2.31 2.26
C ALA B 243 -31.34 -3.24 2.67
N LEU B 244 -31.50 -3.91 3.81
CA LEU B 244 -30.53 -4.90 4.24
C LEU B 244 -30.43 -6.04 3.24
N SER B 245 -31.56 -6.43 2.64
CA SER B 245 -31.54 -7.48 1.63
C SER B 245 -30.85 -7.00 0.36
N LEU B 246 -31.03 -5.73 0.00
CA LEU B 246 -30.40 -5.20 -1.20
C LEU B 246 -28.91 -4.91 -1.03
N GLY B 247 -28.39 -4.98 0.19
CA GLY B 247 -26.98 -4.77 0.44
C GLY B 247 -26.61 -3.44 1.04
N LEU B 248 -27.59 -2.60 1.38
CA LEU B 248 -27.32 -1.29 1.96
C LEU B 248 -26.97 -1.46 3.44
N THR B 249 -26.81 -0.34 4.14
CA THR B 249 -26.47 -0.32 5.56
C THR B 249 -27.57 0.44 6.30
N PRO B 250 -28.73 -0.17 6.50
CA PRO B 250 -29.80 0.51 7.23
C PRO B 250 -29.57 0.51 8.74
N ASN B 251 -30.21 1.47 9.39
CA ASN B 251 -30.10 1.66 10.83
C ASN B 251 -31.42 1.24 11.47
N PHE B 252 -31.42 0.10 12.15
CA PHE B 252 -32.60 -0.42 12.80
C PHE B 252 -32.87 0.21 14.16
N LYS B 253 -32.12 1.25 14.54
CA LYS B 253 -32.33 1.89 15.82
C LYS B 253 -33.73 2.52 15.90
N SER B 254 -34.06 3.38 14.94
CA SER B 254 -35.32 4.09 14.96
C SER B 254 -36.52 3.16 14.79
N ASN B 255 -36.32 1.98 14.19
CA ASN B 255 -37.43 1.05 14.01
C ASN B 255 -37.88 0.45 15.33
N PHE B 256 -36.96 0.30 16.30
CA PHE B 256 -37.29 -0.32 17.58
C PHE B 256 -37.02 0.60 18.76
N ASP B 257 -36.97 1.91 18.52
CA ASP B 257 -36.78 2.90 19.59
C ASP B 257 -35.53 2.57 20.43
N LEU B 258 -34.47 2.17 19.74
CA LEU B 258 -33.30 1.62 20.40
C LEU B 258 -32.38 2.73 20.91
N ALA B 259 -31.46 2.33 21.78
CA ALA B 259 -30.35 3.19 22.21
C ALA B 259 -29.09 2.87 21.43
N GLU B 260 -28.66 1.61 21.45
CA GLU B 260 -27.53 1.18 20.65
C GLU B 260 -27.86 1.28 19.16
N ASP B 261 -26.92 1.84 18.40
CA ASP B 261 -27.14 2.06 16.96
C ASP B 261 -27.06 0.72 16.23
N ALA B 262 -28.22 0.24 15.80
CA ALA B 262 -28.32 -1.06 15.12
C ALA B 262 -28.08 -0.87 13.62
N LYS B 263 -26.80 -0.64 13.29
CA LYS B 263 -26.36 -0.57 11.90
C LYS B 263 -26.01 -1.97 11.41
N LEU B 264 -26.66 -2.40 10.34
CA LEU B 264 -26.51 -3.76 9.83
C LEU B 264 -26.21 -3.72 8.33
N GLN B 265 -25.07 -4.27 7.95
CA GLN B 265 -24.78 -4.60 6.56
C GLN B 265 -24.44 -6.07 6.48
N LEU B 266 -25.07 -6.78 5.53
CA LEU B 266 -24.85 -8.21 5.40
C LEU B 266 -23.47 -8.56 4.86
N SER B 267 -22.69 -7.57 4.45
CA SER B 267 -21.34 -7.81 3.96
C SER B 267 -20.33 -7.72 5.11
N THR B 270 -18.58 -7.92 10.39
CA THR B 270 -18.99 -7.75 11.78
C THR B 270 -20.48 -8.03 11.95
N TYR B 271 -21.13 -8.50 10.88
CA TYR B 271 -22.58 -8.60 10.91
C TYR B 271 -23.07 -9.64 11.91
N ASP B 272 -22.35 -10.75 12.06
CA ASP B 272 -22.76 -11.74 13.05
C ASP B 272 -22.80 -11.13 14.44
N ASP B 273 -21.72 -10.45 14.82
CA ASP B 273 -21.66 -9.82 16.14
C ASP B 273 -22.60 -8.62 16.24
N ASP B 274 -22.76 -7.86 15.14
CA ASP B 274 -23.70 -6.74 15.16
C ASP B 274 -25.13 -7.23 15.39
N LEU B 275 -25.52 -8.31 14.71
CA LEU B 275 -26.87 -8.84 14.87
C LEU B 275 -27.05 -9.47 16.24
N ASP B 276 -26.02 -10.11 16.79
CA ASP B 276 -26.15 -10.65 18.14
C ASP B 276 -26.26 -9.52 19.17
N ASN B 277 -25.47 -8.46 18.99
CA ASN B 277 -25.61 -7.23 19.77
C ASN B 277 -27.05 -6.74 19.77
N LEU B 278 -27.60 -6.52 18.57
CA LEU B 278 -28.97 -6.01 18.45
C LEU B 278 -29.98 -7.00 19.02
N LEU B 279 -29.77 -8.30 18.79
CA LEU B 279 -30.72 -9.31 19.23
C LEU B 279 -30.75 -9.43 20.75
N ALA B 280 -29.65 -9.09 21.42
CA ALA B 280 -29.65 -9.07 22.87
C ALA B 280 -30.75 -8.12 23.40
N GLN B 281 -30.95 -6.99 22.73
CA GLN B 281 -31.94 -6.00 23.16
C GLN B 281 -33.35 -6.55 23.09
N ILE B 282 -33.84 -6.84 21.89
CA ILE B 282 -35.14 -7.49 21.76
C ILE B 282 -34.91 -8.93 21.31
N GLY B 283 -34.83 -9.84 22.29
CA GLY B 283 -34.40 -11.20 22.06
C GLY B 283 -35.35 -12.05 21.24
N ASP B 284 -36.46 -12.44 21.85
CA ASP B 284 -37.34 -13.42 21.23
C ASP B 284 -38.16 -12.78 20.10
N GLN B 285 -38.62 -13.64 19.19
CA GLN B 285 -39.61 -13.34 18.15
C GLN B 285 -39.03 -12.59 16.96
N TYR B 286 -37.84 -12.01 17.08
CA TYR B 286 -37.34 -11.12 16.04
C TYR B 286 -36.13 -11.68 15.29
N ALA B 287 -35.72 -12.93 15.54
CA ALA B 287 -34.58 -13.47 14.81
C ALA B 287 -34.98 -14.03 13.45
N ASP B 288 -36.11 -14.74 13.38
CA ASP B 288 -36.51 -15.40 12.14
C ASP B 288 -36.82 -14.40 11.04
N LEU B 289 -37.30 -13.21 11.43
CA LEU B 289 -37.55 -12.14 10.47
C LEU B 289 -36.26 -11.76 9.75
N PHE B 290 -35.17 -11.56 10.49
CA PHE B 290 -33.90 -11.22 9.85
C PHE B 290 -33.31 -12.41 9.11
N LEU B 291 -33.62 -13.64 9.55
CA LEU B 291 -33.29 -14.81 8.73
C LEU B 291 -33.90 -14.68 7.34
N ALA B 292 -35.22 -14.40 7.29
CA ALA B 292 -35.90 -14.22 6.02
C ALA B 292 -35.26 -13.09 5.21
N ALA B 293 -34.86 -12.01 5.88
CA ALA B 293 -34.23 -10.88 5.20
C ALA B 293 -32.94 -11.30 4.50
N LYS B 294 -32.05 -11.99 5.22
CA LYS B 294 -30.79 -12.42 4.62
C LYS B 294 -31.03 -13.38 3.46
N ASN B 295 -32.04 -14.25 3.58
CA ASN B 295 -32.35 -15.16 2.48
C ASN B 295 -32.77 -14.39 1.23
N LEU B 296 -33.63 -13.36 1.41
CA LEU B 296 -34.00 -12.52 0.28
C LEU B 296 -32.78 -11.84 -0.34
N SER B 297 -31.83 -11.42 0.51
CA SER B 297 -30.59 -10.83 0.00
C SER B 297 -29.87 -11.80 -0.93
N ASP B 298 -29.74 -13.05 -0.49
CA ASP B 298 -29.07 -14.07 -1.31
C ASP B 298 -29.80 -14.27 -2.63
N ALA B 299 -31.13 -14.32 -2.59
CA ALA B 299 -31.91 -14.49 -3.82
C ALA B 299 -31.66 -13.36 -4.81
N ILE B 300 -31.62 -12.11 -4.33
CA ILE B 300 -31.38 -10.98 -5.21
C ILE B 300 -29.97 -11.04 -5.80
N LEU B 301 -28.98 -11.36 -4.96
CA LEU B 301 -27.61 -11.47 -5.44
C LEU B 301 -27.50 -12.51 -6.55
N LEU B 302 -28.21 -13.63 -6.42
CA LEU B 302 -28.16 -14.64 -7.47
C LEU B 302 -28.92 -14.19 -8.71
N SER B 303 -30.04 -13.47 -8.53
CA SER B 303 -30.77 -12.95 -9.68
C SER B 303 -29.91 -11.99 -10.50
N ASP B 304 -28.93 -11.34 -9.85
CA ASP B 304 -27.97 -10.54 -10.60
C ASP B 304 -27.23 -11.37 -11.66
N ILE B 305 -26.93 -12.63 -11.34
CA ILE B 305 -26.19 -13.50 -12.25
C ILE B 305 -27.12 -14.31 -13.13
N LEU B 306 -28.05 -15.05 -12.53
CA LEU B 306 -28.97 -15.92 -13.25
C LEU B 306 -30.19 -15.10 -13.66
N ARG B 307 -30.22 -14.70 -14.93
CA ARG B 307 -31.29 -13.87 -15.47
C ARG B 307 -32.24 -14.68 -16.35
N VAL B 308 -32.53 -15.91 -15.91
CA VAL B 308 -33.50 -16.78 -16.55
C VAL B 308 -34.17 -17.58 -15.45
N ASN B 309 -35.42 -17.97 -15.67
CA ASN B 309 -36.12 -18.76 -14.67
C ASN B 309 -35.42 -20.10 -14.50
N THR B 310 -35.37 -20.58 -13.26
CA THR B 310 -34.62 -21.78 -12.93
C THR B 310 -35.46 -23.05 -12.99
N GLU B 311 -36.66 -22.98 -13.54
CA GLU B 311 -37.55 -24.13 -13.62
C GLU B 311 -37.66 -24.73 -15.01
N ILE B 312 -37.07 -24.11 -16.03
CA ILE B 312 -37.00 -24.72 -17.36
C ILE B 312 -35.65 -25.36 -17.62
N THR B 313 -34.65 -25.13 -16.77
CA THR B 313 -33.32 -25.66 -17.02
C THR B 313 -32.58 -25.79 -15.70
N LYS B 314 -31.75 -26.84 -15.60
CA LYS B 314 -30.80 -26.98 -14.51
C LYS B 314 -29.48 -26.28 -14.82
N ALA B 315 -29.42 -25.51 -15.90
CA ALA B 315 -28.25 -24.73 -16.27
C ALA B 315 -28.67 -23.27 -16.45
N PRO B 316 -29.07 -22.61 -15.37
CA PRO B 316 -29.53 -21.22 -15.51
C PRO B 316 -28.42 -20.25 -15.88
N LEU B 317 -27.17 -20.56 -15.52
CA LEU B 317 -26.06 -19.70 -15.91
C LEU B 317 -25.83 -19.79 -17.41
N SER B 318 -25.72 -21.02 -17.92
CA SER B 318 -25.57 -21.21 -19.37
C SER B 318 -26.78 -20.67 -20.12
N ALA B 319 -27.97 -20.86 -19.57
CA ALA B 319 -29.16 -20.29 -20.20
C ALA B 319 -29.11 -18.76 -20.22
N SER B 320 -28.54 -18.14 -19.18
CA SER B 320 -28.43 -16.69 -19.17
C SER B 320 -27.39 -16.22 -20.19
N MET B 321 -26.30 -16.98 -20.34
CA MET B 321 -25.34 -16.67 -21.39
C MET B 321 -25.97 -16.81 -22.77
N ILE B 322 -26.81 -17.81 -22.96
CA ILE B 322 -27.51 -17.97 -24.23
C ILE B 322 -28.52 -16.84 -24.43
N LYS B 323 -29.14 -16.36 -23.35
CA LYS B 323 -29.97 -15.17 -23.43
C LYS B 323 -29.17 -13.97 -23.92
N ARG B 324 -27.96 -13.80 -23.37
CA ARG B 324 -27.05 -12.78 -23.87
C ARG B 324 -26.81 -12.93 -25.36
N TYR B 325 -26.48 -14.14 -25.80
CA TYR B 325 -26.17 -14.38 -27.20
C TYR B 325 -27.38 -14.09 -28.10
N ASP B 326 -28.57 -14.53 -27.68
CA ASP B 326 -29.75 -14.34 -28.50
C ASP B 326 -30.14 -12.87 -28.59
N GLU B 327 -30.10 -12.15 -27.47
CA GLU B 327 -30.37 -10.72 -27.52
C GLU B 327 -29.31 -9.98 -28.33
N HIS B 328 -28.06 -10.42 -28.26
CA HIS B 328 -27.01 -9.86 -29.10
C HIS B 328 -27.34 -10.05 -30.57
N HIS B 329 -27.74 -11.27 -30.96
CA HIS B 329 -28.07 -11.53 -32.36
C HIS B 329 -29.25 -10.66 -32.81
N GLN B 330 -30.32 -10.64 -32.01
CA GLN B 330 -31.51 -9.87 -32.39
C GLN B 330 -31.20 -8.39 -32.49
N ASP B 331 -30.51 -7.83 -31.49
CA ASP B 331 -30.19 -6.41 -31.51
C ASP B 331 -29.20 -6.06 -32.61
N LEU B 332 -28.28 -6.97 -32.95
CA LEU B 332 -27.36 -6.71 -34.04
C LEU B 332 -28.10 -6.69 -35.37
N THR B 333 -29.03 -7.64 -35.57
CA THR B 333 -29.85 -7.62 -36.78
C THR B 333 -30.62 -6.30 -36.88
N LEU B 334 -31.28 -5.91 -35.79
CA LEU B 334 -32.07 -4.68 -35.81
C LEU B 334 -31.20 -3.46 -36.05
N LEU B 335 -30.02 -3.42 -35.43
CA LEU B 335 -29.14 -2.27 -35.58
C LEU B 335 -28.58 -2.18 -37.00
N LYS B 336 -28.21 -3.33 -37.59
CA LYS B 336 -27.77 -3.34 -38.98
C LYS B 336 -28.86 -2.81 -39.90
N ALA B 337 -30.10 -3.31 -39.74
CA ALA B 337 -31.18 -2.85 -40.60
C ALA B 337 -31.45 -1.35 -40.39
N LEU B 338 -31.43 -0.89 -39.13
CA LEU B 338 -31.69 0.51 -38.84
C LEU B 338 -30.63 1.41 -39.49
N VAL B 339 -29.36 1.04 -39.35
CA VAL B 339 -28.30 1.85 -39.94
C VAL B 339 -28.35 1.79 -41.46
N ARG B 340 -28.75 0.63 -42.02
CA ARG B 340 -28.90 0.54 -43.47
C ARG B 340 -29.97 1.48 -43.98
N GLN B 341 -31.08 1.60 -43.23
CA GLN B 341 -32.18 2.43 -43.71
C GLN B 341 -31.94 3.92 -43.44
N GLN B 342 -31.45 4.26 -42.25
CA GLN B 342 -31.41 5.65 -41.82
C GLN B 342 -30.08 6.34 -42.14
N LEU B 343 -28.97 5.73 -41.76
CA LEU B 343 -27.64 6.29 -41.99
C LEU B 343 -26.78 5.30 -42.75
N PRO B 344 -27.12 5.01 -44.02
CA PRO B 344 -26.34 4.01 -44.77
C PRO B 344 -24.91 4.42 -45.03
N GLU B 345 -24.58 5.70 -44.88
CA GLU B 345 -23.22 6.15 -45.15
C GLU B 345 -22.26 5.78 -44.03
N LYS B 346 -22.77 5.57 -42.82
CA LYS B 346 -21.95 5.23 -41.67
C LYS B 346 -21.77 3.74 -41.48
N TYR B 347 -22.50 2.91 -42.23
CA TYR B 347 -22.52 1.47 -41.97
C TYR B 347 -21.12 0.86 -41.99
N LYS B 348 -20.31 1.26 -42.99
CA LYS B 348 -18.97 0.69 -43.12
C LYS B 348 -18.11 1.03 -41.91
N GLU B 349 -18.11 2.30 -41.51
CA GLU B 349 -17.34 2.72 -40.34
C GLU B 349 -17.76 1.97 -39.08
N ILE B 350 -19.03 1.57 -38.99
CA ILE B 350 -19.52 0.90 -37.79
C ILE B 350 -19.18 -0.59 -37.82
N PHE B 351 -19.25 -1.22 -39.00
CA PHE B 351 -19.19 -2.68 -39.07
C PHE B 351 -17.96 -3.21 -39.83
N PHE B 352 -17.03 -2.34 -40.23
CA PHE B 352 -15.85 -2.79 -40.96
C PHE B 352 -14.54 -2.19 -40.48
N ASP B 353 -14.55 -1.07 -39.77
CA ASP B 353 -13.32 -0.36 -39.42
C ASP B 353 -12.91 -0.75 -38.01
N GLN B 354 -11.84 -1.55 -37.90
CA GLN B 354 -11.39 -1.98 -36.58
C GLN B 354 -10.77 -0.84 -35.80
N SER B 355 -10.26 0.17 -36.50
CA SER B 355 -9.60 1.28 -35.80
C SER B 355 -10.60 2.12 -35.01
N LYS B 356 -11.80 2.32 -35.56
CA LYS B 356 -12.84 3.01 -34.84
C LYS B 356 -13.38 2.11 -33.72
N ASN B 357 -14.13 2.74 -32.80
CA ASN B 357 -14.72 2.02 -31.67
C ASN B 357 -16.12 1.51 -31.97
N GLY B 358 -16.41 1.16 -33.22
CA GLY B 358 -17.67 0.56 -33.58
C GLY B 358 -17.67 -0.94 -33.33
N TYR B 359 -18.68 -1.60 -33.90
CA TYR B 359 -18.81 -3.05 -33.73
C TYR B 359 -17.60 -3.79 -34.28
N ALA B 360 -16.98 -3.26 -35.33
CA ALA B 360 -15.77 -3.88 -35.87
C ALA B 360 -14.62 -3.80 -34.86
N GLY B 361 -14.38 -2.60 -34.31
CA GLY B 361 -13.41 -2.48 -33.24
C GLY B 361 -13.83 -3.15 -31.96
N TYR B 362 -15.14 -3.34 -31.77
CA TYR B 362 -15.64 -3.99 -30.56
C TYR B 362 -15.36 -5.49 -30.60
N ILE B 363 -15.60 -6.13 -31.74
CA ILE B 363 -15.43 -7.58 -31.86
C ILE B 363 -14.00 -7.95 -32.25
N ASP B 364 -13.43 -7.24 -33.23
CA ASP B 364 -12.13 -7.59 -33.80
C ASP B 364 -11.00 -6.68 -33.36
N GLY B 365 -11.28 -5.41 -33.07
CA GLY B 365 -10.26 -4.48 -32.67
C GLY B 365 -9.92 -4.52 -31.20
N GLY B 366 -9.57 -3.35 -30.66
CA GLY B 366 -9.29 -3.22 -29.25
C GLY B 366 -10.32 -2.47 -28.46
N ALA B 367 -11.50 -2.22 -29.01
CA ALA B 367 -12.50 -1.45 -28.29
C ALA B 367 -13.14 -2.31 -27.22
N SER B 368 -13.36 -1.70 -26.07
CA SER B 368 -14.02 -2.37 -24.96
C SER B 368 -15.53 -2.13 -25.04
N GLN B 369 -16.27 -2.84 -24.19
CA GLN B 369 -17.72 -2.63 -24.11
C GLN B 369 -18.05 -1.19 -23.79
N GLU B 370 -17.28 -0.58 -22.88
CA GLU B 370 -17.51 0.80 -22.50
C GLU B 370 -17.22 1.75 -23.66
N GLU B 371 -16.08 1.55 -24.33
CA GLU B 371 -15.75 2.38 -25.49
C GLU B 371 -16.78 2.22 -26.59
N PHE B 372 -17.29 1.01 -26.80
CA PHE B 372 -18.29 0.79 -27.84
C PHE B 372 -19.60 1.47 -27.51
N TYR B 373 -20.04 1.37 -26.24
CA TYR B 373 -21.25 2.07 -25.83
C TYR B 373 -21.09 3.57 -26.00
N LYS B 374 -19.92 4.11 -25.64
CA LYS B 374 -19.68 5.54 -25.81
C LYS B 374 -19.69 5.94 -27.28
N PHE B 375 -19.15 5.08 -28.15
CA PHE B 375 -19.12 5.40 -29.57
C PHE B 375 -20.49 5.33 -30.20
N ILE B 376 -21.38 4.46 -29.71
CA ILE B 376 -22.64 4.20 -30.42
C ILE B 376 -23.84 4.89 -29.79
N LYS B 377 -23.73 5.40 -28.56
CA LYS B 377 -24.86 6.13 -27.97
C LYS B 377 -25.30 7.33 -28.79
N PRO B 378 -24.41 8.23 -29.24
CA PRO B 378 -24.87 9.34 -30.09
C PRO B 378 -25.53 8.86 -31.37
N ILE B 379 -25.01 7.80 -31.99
CA ILE B 379 -25.62 7.28 -33.20
C ILE B 379 -27.01 6.75 -32.92
N LEU B 380 -27.19 6.11 -31.76
CA LEU B 380 -28.50 5.59 -31.40
C LEU B 380 -29.51 6.71 -31.16
N GLU B 381 -29.09 7.79 -30.51
CA GLU B 381 -30.03 8.89 -30.26
C GLU B 381 -30.39 9.62 -31.55
N LYS B 382 -29.44 9.72 -32.49
CA LYS B 382 -29.70 10.39 -33.77
C LYS B 382 -30.66 9.62 -34.66
N MET B 383 -31.02 8.40 -34.30
CA MET B 383 -31.87 7.56 -35.12
C MET B 383 -33.20 7.29 -34.41
N ASP B 384 -34.14 6.73 -35.17
CA ASP B 384 -35.47 6.41 -34.67
C ASP B 384 -35.62 4.90 -34.54
N GLY B 385 -36.29 4.49 -33.47
CA GLY B 385 -36.43 3.08 -33.16
C GLY B 385 -35.31 2.50 -32.32
N THR B 386 -34.48 3.35 -31.71
CA THR B 386 -33.35 2.89 -30.91
C THR B 386 -33.58 3.11 -29.42
N GLU B 387 -34.84 3.26 -28.99
CA GLU B 387 -35.12 3.55 -27.59
C GLU B 387 -34.84 2.34 -26.71
N GLU B 388 -35.30 1.15 -27.14
CA GLU B 388 -35.02 -0.06 -26.37
C GLU B 388 -33.52 -0.37 -26.37
N LEU B 389 -32.84 -0.10 -27.49
CA LEU B 389 -31.39 -0.27 -27.52
C LEU B 389 -30.70 0.66 -26.55
N LEU B 390 -31.18 1.91 -26.46
CA LEU B 390 -30.62 2.85 -25.48
C LEU B 390 -30.92 2.41 -24.05
N VAL B 391 -32.07 1.77 -23.83
CA VAL B 391 -32.39 1.25 -22.50
C VAL B 391 -31.41 0.15 -22.14
N LYS B 392 -31.19 -0.79 -23.05
CA LYS B 392 -30.22 -1.86 -22.80
C LYS B 392 -28.80 -1.30 -22.67
N LEU B 393 -28.52 -0.18 -23.32
CA LEU B 393 -27.19 0.43 -23.22
C LEU B 393 -26.97 1.06 -21.85
N ASN B 394 -27.94 1.86 -21.39
CA ASN B 394 -27.80 2.52 -20.09
C ASN B 394 -27.87 1.53 -18.93
N ARG B 395 -28.45 0.35 -19.15
CA ARG B 395 -28.38 -0.73 -18.18
C ARG B 395 -27.17 -1.63 -18.41
N GLU B 396 -26.35 -1.32 -19.42
CA GLU B 396 -25.16 -2.10 -19.75
C GLU B 396 -25.52 -3.55 -20.05
N ASP B 397 -26.41 -3.71 -21.02
CA ASP B 397 -26.92 -5.03 -21.41
C ASP B 397 -27.21 -5.08 -22.92
N LEU B 398 -26.46 -4.32 -23.71
CA LEU B 398 -26.65 -4.24 -25.15
C LEU B 398 -25.47 -4.89 -25.86
N LEU B 399 -25.79 -5.81 -26.78
CA LEU B 399 -24.77 -6.48 -27.60
C LEU B 399 -23.68 -7.09 -26.73
N ARG B 400 -24.10 -7.76 -25.66
CA ARG B 400 -23.16 -8.26 -24.67
C ARG B 400 -22.41 -9.49 -25.17
N LYS B 401 -21.13 -9.57 -24.81
CA LYS B 401 -20.35 -10.79 -25.00
C LYS B 401 -20.53 -11.69 -23.79
N GLN B 402 -20.25 -12.98 -23.98
CA GLN B 402 -20.39 -13.92 -22.87
C GLN B 402 -19.15 -13.94 -21.98
N ARG B 403 -17.97 -13.73 -22.57
CA ARG B 403 -16.73 -13.61 -21.82
C ARG B 403 -16.46 -12.13 -21.56
N THR B 404 -16.69 -11.69 -20.32
CA THR B 404 -16.62 -10.28 -19.98
C THR B 404 -15.88 -10.12 -18.65
N PHE B 405 -15.77 -8.87 -18.22
CA PHE B 405 -15.07 -8.53 -16.98
C PHE B 405 -15.96 -8.71 -15.75
N ASP B 406 -17.27 -8.52 -15.89
CA ASP B 406 -18.18 -8.62 -14.75
C ASP B 406 -18.61 -10.05 -14.45
N ASN B 407 -18.07 -11.05 -15.16
CA ASN B 407 -18.36 -12.42 -14.80
C ASN B 407 -17.73 -12.85 -13.48
N GLY B 408 -17.00 -11.97 -12.80
CA GLY B 408 -16.41 -12.36 -11.51
C GLY B 408 -17.44 -12.60 -10.43
N SER B 409 -18.70 -12.20 -10.67
CA SER B 409 -19.76 -12.42 -9.70
C SER B 409 -20.16 -13.88 -9.60
N ILE B 410 -19.85 -14.70 -10.60
CA ILE B 410 -20.31 -16.07 -10.68
C ILE B 410 -19.59 -16.93 -9.64
N PRO B 411 -20.30 -17.49 -8.66
CA PRO B 411 -19.64 -18.35 -7.68
C PRO B 411 -19.34 -19.72 -8.26
N HIS B 412 -18.37 -20.41 -7.66
CA HIS B 412 -17.98 -21.71 -8.18
C HIS B 412 -19.09 -22.74 -8.03
N GLN B 413 -20.03 -22.51 -7.11
CA GLN B 413 -21.09 -23.48 -6.90
C GLN B 413 -21.99 -23.62 -8.13
N ILE B 414 -22.12 -22.56 -8.94
CA ILE B 414 -22.97 -22.64 -10.12
C ILE B 414 -22.32 -23.50 -11.20
N HIS B 415 -21.04 -23.22 -11.49
CA HIS B 415 -20.28 -24.08 -12.40
C HIS B 415 -20.28 -25.51 -11.90
N LEU B 416 -20.15 -25.71 -10.59
CA LEU B 416 -20.17 -27.05 -10.03
C LEU B 416 -21.54 -27.69 -10.23
N GLY B 417 -22.61 -26.91 -10.11
CA GLY B 417 -23.94 -27.46 -10.35
C GLY B 417 -24.10 -27.97 -11.76
N GLU B 418 -23.66 -27.17 -12.74
CA GLU B 418 -23.77 -27.62 -14.12
C GLU B 418 -22.85 -28.81 -14.41
N LEU B 419 -21.65 -28.82 -13.81
CA LEU B 419 -20.74 -29.94 -13.97
C LEU B 419 -21.34 -31.23 -13.42
N HIS B 420 -21.86 -31.17 -12.19
CA HIS B 420 -22.50 -32.32 -11.57
C HIS B 420 -23.70 -32.77 -12.38
N ALA B 421 -24.45 -31.83 -12.97
CA ALA B 421 -25.59 -32.21 -13.79
C ALA B 421 -25.13 -32.99 -15.02
N ILE B 422 -24.08 -32.51 -15.69
CA ILE B 422 -23.58 -33.23 -16.87
C ILE B 422 -23.06 -34.61 -16.47
N LEU B 423 -22.32 -34.70 -15.36
CA LEU B 423 -21.83 -35.99 -14.88
C LEU B 423 -22.98 -36.94 -14.59
N ARG B 424 -24.04 -36.45 -13.95
CA ARG B 424 -25.20 -37.30 -13.69
C ARG B 424 -25.87 -37.76 -14.98
N ARG B 425 -25.94 -36.87 -15.97
CA ARG B 425 -26.55 -37.23 -17.25
C ARG B 425 -25.73 -38.31 -17.96
N GLN B 426 -24.42 -38.18 -18.01
CA GLN B 426 -23.61 -39.02 -18.88
C GLN B 426 -22.95 -40.20 -18.16
N GLU B 427 -22.97 -40.23 -16.82
CA GLU B 427 -22.45 -41.42 -16.14
C GLU B 427 -23.32 -42.64 -16.38
N ASP B 428 -24.55 -42.44 -16.87
CA ASP B 428 -25.39 -43.56 -17.25
C ASP B 428 -24.83 -44.29 -18.47
N PHE B 429 -24.06 -43.61 -19.30
CA PHE B 429 -23.52 -44.21 -20.51
C PHE B 429 -22.04 -44.53 -20.41
N TYR B 430 -21.30 -43.88 -19.53
CA TYR B 430 -19.86 -44.10 -19.40
C TYR B 430 -19.52 -44.53 -17.98
N PRO B 431 -19.14 -45.78 -17.75
CA PRO B 431 -18.85 -46.22 -16.38
C PRO B 431 -17.72 -45.46 -15.71
N PHE B 432 -16.71 -45.03 -16.47
CA PHE B 432 -15.62 -44.29 -15.86
C PHE B 432 -16.06 -42.91 -15.39
N LEU B 433 -17.16 -42.37 -15.94
CA LEU B 433 -17.71 -41.15 -15.38
C LEU B 433 -18.43 -41.41 -14.07
N LYS B 434 -19.10 -42.56 -13.96
CA LYS B 434 -19.72 -42.92 -12.69
C LYS B 434 -18.68 -43.12 -11.60
N ASP B 435 -17.59 -43.81 -11.92
CA ASP B 435 -16.57 -44.08 -10.92
C ASP B 435 -15.76 -42.85 -10.56
N ASN B 436 -15.70 -41.85 -11.45
CA ASN B 436 -14.87 -40.67 -11.24
C ASN B 436 -15.71 -39.38 -11.18
N ARG B 437 -16.97 -39.49 -10.79
CA ARG B 437 -17.81 -38.29 -10.67
C ARG B 437 -17.28 -37.38 -9.56
N GLU B 438 -17.13 -37.92 -8.36
CA GLU B 438 -16.66 -37.12 -7.24
C GLU B 438 -15.22 -36.67 -7.44
N LYS B 439 -14.42 -37.44 -8.18
CA LYS B 439 -13.05 -37.02 -8.48
C LYS B 439 -13.04 -35.73 -9.32
N ILE B 440 -13.85 -35.70 -10.38
CA ILE B 440 -13.93 -34.51 -11.21
C ILE B 440 -14.52 -33.34 -10.43
N GLU B 441 -15.56 -33.60 -9.64
CA GLU B 441 -16.11 -32.55 -8.79
C GLU B 441 -15.03 -31.98 -7.88
N LYS B 442 -14.20 -32.84 -7.29
CA LYS B 442 -13.13 -32.38 -6.41
C LYS B 442 -12.10 -31.57 -7.18
N ILE B 443 -11.80 -31.98 -8.41
CA ILE B 443 -10.91 -31.19 -9.26
C ILE B 443 -11.44 -29.77 -9.38
N LEU B 444 -12.76 -29.63 -9.58
CA LEU B 444 -13.33 -28.29 -9.68
C LEU B 444 -13.26 -27.55 -8.35
N THR B 445 -13.54 -28.25 -7.24
CA THR B 445 -13.80 -27.57 -5.97
C THR B 445 -12.57 -27.37 -5.09
N PHE B 446 -11.45 -28.04 -5.37
CA PHE B 446 -10.33 -28.05 -4.43
C PHE B 446 -9.47 -26.81 -4.58
N ARG B 447 -9.33 -26.06 -3.48
CA ARG B 447 -8.29 -25.05 -3.33
C ARG B 447 -7.26 -25.54 -2.32
N ILE B 448 -6.01 -25.17 -2.54
CA ILE B 448 -5.06 -25.26 -1.44
C ILE B 448 -5.45 -24.24 -0.38
N PRO B 449 -5.56 -24.61 0.89
CA PRO B 449 -5.94 -23.63 1.92
C PRO B 449 -4.86 -22.57 2.09
N TYR B 450 -5.28 -21.32 2.26
CA TYR B 450 -4.34 -20.22 2.40
C TYR B 450 -3.33 -20.49 3.52
N TYR B 451 -3.72 -21.25 4.54
CA TYR B 451 -2.85 -21.55 5.66
C TYR B 451 -1.94 -22.75 5.40
N VAL B 452 -1.86 -23.22 4.15
CA VAL B 452 -1.01 -24.34 3.78
C VAL B 452 0.14 -23.91 2.88
N GLY B 453 -0.12 -23.00 1.94
CA GLY B 453 0.91 -22.45 1.10
C GLY B 453 1.42 -23.44 0.06
N PRO B 454 2.53 -23.10 -0.59
CA PRO B 454 3.07 -23.97 -1.64
C PRO B 454 3.33 -25.38 -1.13
N LEU B 455 2.91 -26.36 -1.93
CA LEU B 455 3.08 -27.77 -1.58
C LEU B 455 4.49 -28.24 -1.94
N ALA B 456 5.47 -27.57 -1.34
CA ALA B 456 6.87 -27.78 -1.67
C ALA B 456 7.44 -28.98 -0.94
N ARG B 457 8.66 -29.35 -1.32
CA ARG B 457 9.39 -30.47 -0.73
C ARG B 457 10.81 -30.05 -0.40
N GLY B 458 10.94 -28.89 0.23
CA GLY B 458 12.23 -28.42 0.70
C GLY B 458 13.04 -27.58 -0.27
N ASN B 459 12.41 -27.02 -1.30
CA ASN B 459 13.10 -26.18 -2.28
C ASN B 459 12.36 -24.87 -2.53
N SER B 460 11.61 -24.41 -1.53
CA SER B 460 10.87 -23.15 -1.62
C SER B 460 11.09 -22.38 -0.34
N ARG B 461 11.68 -21.19 -0.45
CA ARG B 461 11.89 -20.35 0.71
C ARG B 461 10.59 -19.72 1.21
N PHE B 462 9.46 -19.97 0.53
CA PHE B 462 8.16 -19.45 0.96
C PHE B 462 7.30 -20.50 1.64
N ALA B 463 7.64 -21.77 1.54
CA ALA B 463 6.76 -22.84 1.98
C ALA B 463 6.97 -23.16 3.47
N TRP B 464 5.94 -23.75 4.07
CA TRP B 464 5.95 -24.13 5.47
C TRP B 464 5.14 -25.40 5.69
N MET B 465 4.49 -25.87 4.62
CA MET B 465 3.62 -27.03 4.71
C MET B 465 4.40 -28.28 5.13
N THR B 466 3.83 -29.01 6.08
CA THR B 466 4.35 -30.31 6.49
C THR B 466 3.36 -31.39 6.08
N ARG B 467 3.88 -32.51 5.58
CA ARG B 467 3.05 -33.57 5.03
C ARG B 467 3.09 -34.81 5.93
N LYS B 468 1.94 -35.46 6.07
CA LYS B 468 1.84 -36.66 6.89
C LYS B 468 2.51 -37.88 6.23
N SER B 469 2.70 -37.85 4.92
CA SER B 469 3.36 -38.94 4.21
C SER B 469 4.09 -38.37 3.01
N GLU B 470 5.15 -39.07 2.58
CA GLU B 470 5.99 -38.60 1.48
C GLU B 470 5.47 -39.21 0.19
N GLU B 471 4.54 -38.50 -0.46
CA GLU B 471 4.03 -38.91 -1.76
C GLU B 471 3.41 -37.70 -2.43
N THR B 472 3.20 -37.83 -3.74
CA THR B 472 2.68 -36.73 -4.54
C THR B 472 1.29 -36.32 -4.07
N ILE B 473 1.12 -35.01 -3.84
CA ILE B 473 -0.14 -34.48 -3.36
C ILE B 473 -1.06 -34.20 -4.55
N THR B 474 -2.28 -34.69 -4.47
CA THR B 474 -3.30 -34.52 -5.49
C THR B 474 -4.53 -33.90 -4.85
N PRO B 475 -5.49 -33.42 -5.63
CA PRO B 475 -6.73 -32.88 -5.03
C PRO B 475 -7.51 -33.91 -4.24
N TRP B 476 -7.27 -35.20 -4.47
CA TRP B 476 -8.07 -36.25 -3.85
C TRP B 476 -7.42 -36.84 -2.60
N ASN B 477 -6.11 -36.71 -2.44
CA ASN B 477 -5.42 -37.22 -1.26
C ASN B 477 -4.90 -36.11 -0.36
N PHE B 478 -5.39 -34.87 -0.52
CA PHE B 478 -4.79 -33.73 0.16
C PHE B 478 -4.87 -33.88 1.67
N GLU B 479 -6.06 -34.19 2.19
CA GLU B 479 -6.22 -34.33 3.64
C GLU B 479 -5.43 -35.52 4.18
N GLU B 480 -5.24 -36.55 3.38
CA GLU B 480 -4.54 -37.74 3.85
C GLU B 480 -3.03 -37.57 3.84
N VAL B 481 -2.51 -36.68 3.01
CA VAL B 481 -1.07 -36.44 2.90
C VAL B 481 -0.65 -35.19 3.66
N VAL B 482 -1.37 -34.09 3.46
CA VAL B 482 -1.00 -32.82 4.08
C VAL B 482 -1.49 -32.80 5.52
N ASP B 483 -0.59 -32.50 6.45
CA ASP B 483 -0.96 -32.28 7.85
C ASP B 483 -1.54 -30.87 7.95
N LYS B 484 -2.84 -30.74 7.71
CA LYS B 484 -3.45 -29.41 7.73
C LYS B 484 -3.35 -28.76 9.09
N GLY B 485 -3.35 -29.55 10.17
CA GLY B 485 -3.23 -29.00 11.50
C GLY B 485 -1.87 -28.38 11.73
N ALA B 486 -0.81 -29.16 11.53
CA ALA B 486 0.53 -28.64 11.70
C ALA B 486 0.82 -27.50 10.72
N SER B 487 0.29 -27.59 9.51
CA SER B 487 0.51 -26.53 8.53
C SER B 487 -0.17 -25.24 8.94
N ALA B 488 -1.43 -25.31 9.38
CA ALA B 488 -2.14 -24.11 9.82
C ALA B 488 -1.53 -23.54 11.09
N GLN B 489 -0.93 -24.40 11.94
CA GLN B 489 -0.27 -23.89 13.13
C GLN B 489 1.02 -23.17 12.76
N SER B 490 1.85 -23.79 11.91
CA SER B 490 3.08 -23.15 11.48
C SER B 490 2.80 -21.86 10.72
N PHE B 491 1.67 -21.79 10.01
CA PHE B 491 1.32 -20.58 9.28
C PHE B 491 1.29 -19.38 10.21
N ILE B 492 0.76 -19.55 11.41
CA ILE B 492 0.70 -18.45 12.37
C ILE B 492 2.00 -18.34 13.16
N GLU B 493 2.58 -19.47 13.57
CA GLU B 493 3.70 -19.44 14.50
C GLU B 493 4.96 -18.82 13.89
N ARG B 494 5.17 -19.00 12.58
CA ARG B 494 6.34 -18.40 11.94
C ARG B 494 6.22 -16.90 11.77
N MET B 495 5.04 -16.33 12.02
CA MET B 495 4.84 -14.89 11.92
C MET B 495 4.62 -14.21 13.26
N THR B 496 4.21 -14.94 14.29
CA THR B 496 4.03 -14.36 15.61
C THR B 496 5.36 -14.33 16.37
N ASN B 497 5.57 -13.26 17.12
CA ASN B 497 6.79 -13.13 17.89
C ASN B 497 6.65 -13.82 19.24
N PHE B 498 7.78 -14.02 19.90
CA PHE B 498 7.84 -14.63 21.21
C PHE B 498 7.90 -13.55 22.28
N ASP B 499 7.70 -13.97 23.53
CA ASP B 499 7.82 -13.05 24.65
C ASP B 499 9.23 -12.47 24.68
N LYS B 500 9.33 -11.14 24.61
CA LYS B 500 10.64 -10.51 24.64
C LYS B 500 11.39 -10.84 25.92
N ASN B 501 10.65 -10.94 27.03
CA ASN B 501 11.29 -11.24 28.31
C ASN B 501 11.70 -12.71 28.39
N LEU B 502 10.86 -13.62 27.91
CA LEU B 502 11.16 -15.04 27.85
C LEU B 502 11.17 -15.44 26.38
N PRO B 503 12.31 -15.31 25.69
CA PRO B 503 12.30 -15.44 24.22
C PRO B 503 11.93 -16.82 23.69
N ASN B 504 11.86 -17.85 24.54
CA ASN B 504 11.49 -19.17 24.04
C ASN B 504 10.01 -19.47 24.20
N GLU B 505 9.30 -18.74 25.06
CA GLU B 505 7.89 -18.95 25.32
C GLU B 505 7.06 -18.20 24.29
N LYS B 506 6.05 -18.88 23.75
CA LYS B 506 5.13 -18.25 22.81
C LYS B 506 4.21 -17.28 23.54
N VAL B 507 3.82 -16.20 22.86
CA VAL B 507 2.93 -15.23 23.47
C VAL B 507 1.50 -15.79 23.50
N LEU B 508 0.70 -15.24 24.41
CA LEU B 508 -0.69 -15.66 24.56
C LEU B 508 -1.56 -15.07 23.46
N PRO B 509 -2.65 -15.74 23.12
CA PRO B 509 -3.67 -15.11 22.28
C PRO B 509 -4.18 -13.84 22.95
N LYS B 510 -4.40 -12.80 22.13
CA LYS B 510 -4.82 -11.51 22.66
C LYS B 510 -6.10 -11.62 23.48
N HIS B 511 -7.05 -12.41 22.99
CA HIS B 511 -8.33 -12.59 23.69
C HIS B 511 -8.30 -13.76 24.67
N SER B 512 -7.12 -14.18 25.10
CA SER B 512 -7.04 -15.22 26.11
C SER B 512 -7.61 -14.70 27.43
N LEU B 513 -8.38 -15.56 28.11
CA LEU B 513 -8.94 -15.19 29.40
C LEU B 513 -7.84 -14.79 30.38
N LEU B 514 -6.74 -15.55 30.40
CA LEU B 514 -5.63 -15.21 31.27
C LEU B 514 -5.04 -13.86 30.92
N TYR B 515 -4.89 -13.57 29.62
CA TYR B 515 -4.31 -12.30 29.21
C TYR B 515 -5.20 -11.12 29.59
N GLU B 516 -6.51 -11.27 29.42
CA GLU B 516 -7.40 -10.17 29.76
C GLU B 516 -7.50 -9.99 31.27
N TYR B 517 -7.49 -11.09 32.03
CA TYR B 517 -7.36 -11.00 33.48
C TYR B 517 -6.12 -10.20 33.85
N PHE B 518 -5.00 -10.50 33.19
CA PHE B 518 -3.75 -9.78 33.45
C PHE B 518 -3.91 -8.29 33.18
N THR B 519 -4.44 -7.92 32.00
CA THR B 519 -4.58 -6.51 31.66
C THR B 519 -5.49 -5.79 32.63
N VAL B 520 -6.62 -6.41 32.98
CA VAL B 520 -7.59 -5.78 33.87
C VAL B 520 -6.98 -5.56 35.25
N TYR B 521 -6.35 -6.60 35.82
CA TYR B 521 -5.73 -6.43 37.13
C TYR B 521 -4.58 -5.44 37.09
N ASN B 522 -3.82 -5.39 36.00
CA ASN B 522 -2.68 -4.48 35.92
C ASN B 522 -3.16 -3.02 35.86
N GLU B 523 -4.28 -2.77 35.18
CA GLU B 523 -4.83 -1.42 35.20
C GLU B 523 -5.47 -1.11 36.55
N LEU B 524 -6.13 -2.09 37.15
CA LEU B 524 -6.90 -1.87 38.36
C LEU B 524 -6.00 -1.68 39.58
N THR B 525 -4.80 -2.23 39.55
CA THR B 525 -3.94 -2.15 40.72
C THR B 525 -3.40 -0.75 40.97
N LYS B 526 -3.46 0.13 39.96
CA LYS B 526 -2.97 1.51 40.10
C LYS B 526 -4.09 2.51 40.33
N VAL B 527 -5.31 2.04 40.55
CA VAL B 527 -6.42 2.93 40.86
C VAL B 527 -6.30 3.40 42.30
N LYS B 528 -6.62 4.66 42.54
CA LYS B 528 -6.62 5.22 43.88
C LYS B 528 -7.91 5.97 44.12
N TYR B 529 -8.30 6.07 45.39
CA TYR B 529 -9.60 6.65 45.74
C TYR B 529 -9.48 7.45 47.04
N VAL B 530 -10.26 8.52 47.12
CA VAL B 530 -10.34 9.36 48.32
C VAL B 530 -11.80 9.58 48.67
N THR B 531 -12.07 9.67 49.97
CA THR B 531 -13.37 10.12 50.46
C THR B 531 -13.10 11.22 51.49
N GLU B 532 -14.11 11.52 52.32
CA GLU B 532 -13.98 12.60 53.29
C GLU B 532 -13.01 12.25 54.40
N GLY B 533 -13.30 11.18 55.15
CA GLY B 533 -12.51 10.84 56.32
C GLY B 533 -11.09 10.41 56.02
N MET B 534 -10.80 10.04 54.77
CA MET B 534 -9.48 9.55 54.43
C MET B 534 -8.46 10.67 54.41
N ARG B 535 -7.32 10.43 55.05
CA ARG B 535 -6.24 11.42 55.06
C ARG B 535 -5.48 11.43 53.74
N LYS B 536 -5.46 10.31 53.03
CA LYS B 536 -4.63 10.14 51.85
C LYS B 536 -5.30 9.17 50.89
N PRO B 537 -5.16 9.37 49.58
CA PRO B 537 -5.62 8.35 48.63
C PRO B 537 -4.95 7.01 48.90
N ALA B 538 -5.74 5.96 48.80
CA ALA B 538 -5.27 4.61 49.06
C ALA B 538 -5.42 3.73 47.83
N PHE B 539 -4.64 2.67 47.79
CA PHE B 539 -4.76 1.64 46.77
C PHE B 539 -5.97 0.76 47.05
N LEU B 540 -6.31 -0.07 46.08
CA LEU B 540 -7.32 -1.11 46.26
C LEU B 540 -6.65 -2.35 46.82
N SER B 541 -7.19 -2.88 47.92
CA SER B 541 -6.70 -4.13 48.44
C SER B 541 -7.01 -5.27 47.47
N GLY B 542 -6.35 -6.41 47.68
CA GLY B 542 -6.66 -7.58 46.87
C GLY B 542 -8.12 -7.95 46.95
N GLU B 543 -8.70 -7.83 48.15
CA GLU B 543 -10.13 -8.11 48.32
C GLU B 543 -10.99 -7.12 47.55
N GLN B 544 -10.66 -5.83 47.62
CA GLN B 544 -11.41 -4.83 46.88
C GLN B 544 -11.31 -5.06 45.38
N LYS B 545 -10.12 -5.42 44.89
CA LYS B 545 -9.96 -5.70 43.47
C LYS B 545 -10.77 -6.91 43.05
N LYS B 546 -10.73 -7.99 43.84
CA LYS B 546 -11.52 -9.17 43.50
C LYS B 546 -13.01 -8.85 43.50
N ALA B 547 -13.45 -8.01 44.45
CA ALA B 547 -14.86 -7.63 44.49
C ALA B 547 -15.24 -6.84 43.25
N ILE B 548 -14.41 -5.88 42.85
CA ILE B 548 -14.70 -5.07 41.67
C ILE B 548 -14.73 -5.92 40.42
N VAL B 549 -13.81 -6.90 40.33
CA VAL B 549 -13.79 -7.77 39.16
C VAL B 549 -15.04 -8.65 39.12
N ASP B 550 -15.43 -9.22 40.26
CA ASP B 550 -16.54 -10.16 40.27
C ASP B 550 -17.88 -9.46 40.13
N LEU B 551 -17.97 -8.18 40.53
CA LEU B 551 -19.23 -7.46 40.47
C LEU B 551 -19.39 -6.62 39.21
N LEU B 552 -18.32 -6.01 38.72
CA LEU B 552 -18.39 -5.11 37.58
C LEU B 552 -17.80 -5.72 36.32
N PHE B 553 -16.55 -6.18 36.37
CA PHE B 553 -15.91 -6.70 35.17
C PHE B 553 -16.48 -8.03 34.72
N LYS B 554 -17.12 -8.79 35.62
CA LYS B 554 -17.75 -10.05 35.27
C LYS B 554 -19.24 -9.93 35.06
N THR B 555 -19.79 -8.70 35.08
CA THR B 555 -21.19 -8.47 34.79
C THR B 555 -21.42 -7.41 33.71
N ASN B 556 -20.40 -6.68 33.30
CA ASN B 556 -20.50 -5.70 32.23
C ASN B 556 -19.29 -5.81 31.33
N ARG B 557 -19.51 -5.73 30.01
CA ARG B 557 -18.39 -5.76 29.07
C ARG B 557 -17.40 -4.65 29.38
N LYS B 558 -17.89 -3.43 29.56
CA LYS B 558 -17.07 -2.29 29.93
C LYS B 558 -17.51 -1.76 31.29
N VAL B 559 -16.55 -1.22 32.03
CA VAL B 559 -16.79 -0.73 33.38
C VAL B 559 -16.41 0.74 33.41
N THR B 560 -17.40 1.61 33.62
CA THR B 560 -17.14 3.04 33.68
C THR B 560 -16.78 3.46 35.10
N VAL B 561 -16.17 4.64 35.21
CA VAL B 561 -15.91 5.22 36.53
C VAL B 561 -17.22 5.45 37.25
N LYS B 562 -18.29 5.76 36.52
CA LYS B 562 -19.60 5.87 37.13
C LYS B 562 -20.02 4.56 37.79
N GLN B 563 -19.86 3.46 37.06
CA GLN B 563 -20.21 2.14 37.62
C GLN B 563 -19.34 1.81 38.81
N LEU B 564 -18.06 2.19 38.77
CA LEU B 564 -17.18 1.94 39.90
C LEU B 564 -17.61 2.74 41.12
N LYS B 565 -18.02 3.99 40.93
CA LYS B 565 -18.40 4.84 42.05
C LYS B 565 -19.74 4.40 42.64
N GLU B 566 -20.70 4.03 41.81
CA GLU B 566 -22.05 3.75 42.27
C GLU B 566 -22.24 2.28 42.67
N ASP B 567 -21.90 1.36 41.78
CA ASP B 567 -22.17 -0.06 42.00
C ASP B 567 -21.21 -0.70 42.99
N TYR B 568 -20.07 -0.06 43.28
CA TYR B 568 -19.16 -0.57 44.30
C TYR B 568 -19.09 0.34 45.52
N PHE B 569 -18.62 1.58 45.35
CA PHE B 569 -18.30 2.41 46.51
C PHE B 569 -19.55 2.77 47.31
N LYS B 570 -20.61 3.21 46.62
CA LYS B 570 -21.84 3.55 47.34
C LYS B 570 -22.52 2.30 47.87
N LYS B 571 -22.61 1.25 47.05
CA LYS B 571 -23.38 0.07 47.46
C LYS B 571 -22.65 -0.73 48.54
N ILE B 572 -21.33 -0.83 48.45
CA ILE B 572 -20.58 -1.67 49.37
C ILE B 572 -19.95 -0.84 50.48
N GLU B 573 -19.13 0.14 50.10
CA GLU B 573 -18.42 0.93 51.10
C GLU B 573 -19.26 2.07 51.66
N CYS B 574 -20.46 2.31 51.11
CA CYS B 574 -21.36 3.35 51.59
C CYS B 574 -20.71 4.73 51.55
N PHE B 575 -20.19 5.10 50.37
CA PHE B 575 -19.51 6.37 50.16
C PHE B 575 -20.34 7.21 49.20
N ASP B 576 -20.97 8.26 49.73
CA ASP B 576 -21.81 9.13 48.90
C ASP B 576 -20.97 9.89 47.88
N SER B 577 -19.73 10.22 48.21
CA SER B 577 -18.83 10.91 47.30
C SER B 577 -17.46 10.28 47.39
N VAL B 578 -16.89 9.94 46.24
CA VAL B 578 -15.57 9.33 46.16
C VAL B 578 -14.85 9.89 44.94
N GLU B 579 -13.56 10.17 45.10
CA GLU B 579 -12.73 10.70 44.02
C GLU B 579 -11.77 9.62 43.54
N ILE B 580 -11.79 9.35 42.24
CA ILE B 580 -11.06 8.26 41.62
C ILE B 580 -9.91 8.81 40.78
N SER B 581 -8.75 8.18 40.90
CA SER B 581 -7.57 8.55 40.13
C SER B 581 -6.93 7.31 39.54
N GLY B 582 -6.23 7.50 38.41
CA GLY B 582 -5.68 6.40 37.64
C GLY B 582 -6.58 5.89 36.55
N VAL B 583 -7.83 6.34 36.50
CA VAL B 583 -8.80 5.94 35.49
C VAL B 583 -9.63 7.16 35.12
N GLU B 584 -10.00 7.25 33.84
CA GLU B 584 -10.86 8.33 33.36
C GLU B 584 -11.98 7.75 32.51
N ASP B 585 -13.22 8.17 32.81
CA ASP B 585 -14.43 7.77 32.10
C ASP B 585 -14.73 6.29 32.29
N ARG B 586 -13.96 5.41 31.65
CA ARG B 586 -14.16 3.99 31.80
C ARG B 586 -12.82 3.27 31.74
N PHE B 587 -12.80 2.06 32.30
CA PHE B 587 -11.59 1.25 32.27
C PHE B 587 -11.26 0.82 30.85
N ASN B 588 -9.99 1.00 30.47
CA ASN B 588 -9.54 0.62 29.14
C ASN B 588 -9.60 -0.90 28.97
N ALA B 589 -9.19 -1.64 29.99
CA ALA B 589 -9.19 -3.09 29.92
C ALA B 589 -10.59 -3.64 30.21
N SER B 590 -10.82 -4.88 29.78
CA SER B 590 -12.12 -5.52 29.93
C SER B 590 -11.97 -7.01 29.71
N LEU B 591 -12.92 -7.76 30.25
CA LEU B 591 -12.93 -9.22 30.15
C LEU B 591 -13.90 -9.64 29.04
N GLY B 592 -13.57 -9.25 27.81
CA GLY B 592 -14.48 -9.49 26.70
C GLY B 592 -14.69 -10.96 26.43
N THR B 593 -13.61 -11.75 26.43
CA THR B 593 -13.74 -13.18 26.17
C THR B 593 -14.58 -13.85 27.23
N TYR B 594 -14.48 -13.38 28.48
CA TYR B 594 -15.31 -13.91 29.55
C TYR B 594 -16.79 -13.81 29.18
N HIS B 595 -17.21 -12.65 28.66
CA HIS B 595 -18.62 -12.45 28.34
C HIS B 595 -19.02 -13.17 27.05
N ASP B 596 -18.12 -13.23 26.07
CA ASP B 596 -18.40 -14.04 24.88
C ASP B 596 -18.70 -15.49 25.27
N LEU B 597 -17.81 -16.08 26.06
CA LEU B 597 -17.99 -17.47 26.48
C LEU B 597 -19.17 -17.62 27.43
N LEU B 598 -19.50 -16.57 28.20
CA LEU B 598 -20.69 -16.63 29.04
C LEU B 598 -21.96 -16.67 28.21
N LYS B 599 -22.01 -15.90 27.12
CA LYS B 599 -23.18 -15.97 26.24
C LYS B 599 -23.24 -17.32 25.53
N ILE B 600 -22.08 -17.87 25.17
CA ILE B 600 -22.11 -19.11 24.38
C ILE B 600 -22.44 -20.32 25.25
N ILE B 601 -21.84 -20.42 26.44
CA ILE B 601 -22.01 -21.61 27.28
C ILE B 601 -23.01 -21.41 28.41
N LYS B 602 -23.24 -20.17 28.85
CA LYS B 602 -24.26 -19.85 29.85
C LYS B 602 -24.03 -20.61 31.17
N ASP B 603 -22.76 -20.77 31.55
CA ASP B 603 -22.39 -21.44 32.79
C ASP B 603 -21.31 -20.58 33.46
N LYS B 604 -21.75 -19.60 34.24
CA LYS B 604 -20.81 -18.66 34.85
C LYS B 604 -19.90 -19.36 35.85
N ASP B 605 -20.47 -20.23 36.70
CA ASP B 605 -19.65 -20.94 37.67
C ASP B 605 -18.58 -21.79 36.99
N PHE B 606 -18.82 -22.20 35.74
CA PHE B 606 -17.80 -22.90 34.99
C PHE B 606 -16.65 -21.96 34.62
N LEU B 607 -16.98 -20.74 34.20
CA LEU B 607 -15.95 -19.78 33.83
C LEU B 607 -15.14 -19.31 35.03
N ASP B 608 -15.77 -19.27 36.21
CA ASP B 608 -15.06 -18.80 37.40
C ASP B 608 -14.20 -19.89 38.03
N ASN B 609 -14.50 -21.16 37.78
CA ASN B 609 -13.72 -22.26 38.35
C ASN B 609 -12.35 -22.31 37.70
N GLU B 610 -11.31 -22.25 38.53
CA GLU B 610 -9.94 -22.33 38.02
C GLU B 610 -9.61 -23.69 37.45
N GLU B 611 -10.33 -24.75 37.86
CA GLU B 611 -10.06 -26.09 37.37
C GLU B 611 -10.18 -26.16 35.85
N ASN B 612 -11.09 -25.40 35.28
CA ASN B 612 -11.32 -25.38 33.84
C ASN B 612 -10.41 -24.41 33.11
N GLU B 613 -9.61 -23.62 33.84
CA GLU B 613 -8.72 -22.64 33.26
C GLU B 613 -8.00 -23.16 32.02
N ASP B 614 -7.16 -24.18 32.19
CA ASP B 614 -6.46 -24.82 31.08
C ASP B 614 -7.39 -25.04 29.89
N ILE B 615 -8.51 -25.75 30.13
CA ILE B 615 -9.44 -26.05 29.05
C ILE B 615 -9.80 -24.77 28.30
N LEU B 616 -10.26 -23.76 29.03
CA LEU B 616 -10.63 -22.50 28.41
C LEU B 616 -9.44 -21.93 27.62
N GLU B 617 -8.26 -21.91 28.24
CA GLU B 617 -7.07 -21.40 27.57
C GLU B 617 -6.84 -22.12 26.25
N ASP B 618 -7.09 -23.43 26.21
CA ASP B 618 -6.91 -24.16 24.97
C ASP B 618 -7.94 -23.73 23.94
N ILE B 619 -9.20 -23.64 24.35
CA ILE B 619 -10.29 -23.35 23.41
C ILE B 619 -10.01 -22.04 22.68
N VAL B 620 -9.84 -20.96 23.45
CA VAL B 620 -9.48 -19.67 22.86
C VAL B 620 -8.30 -19.83 21.91
N LEU B 621 -7.26 -20.53 22.35
CA LEU B 621 -6.10 -20.79 21.50
C LEU B 621 -6.54 -21.34 20.16
N THR B 622 -7.30 -22.44 20.18
CA THR B 622 -7.85 -22.99 18.95
C THR B 622 -8.58 -21.92 18.15
N LEU B 623 -9.54 -21.24 18.80
CA LEU B 623 -10.33 -20.23 18.10
C LEU B 623 -9.46 -19.11 17.56
N THR B 624 -8.30 -18.87 18.17
CA THR B 624 -7.38 -17.86 17.66
C THR B 624 -6.45 -18.44 16.61
N LEU B 625 -6.03 -19.70 16.81
CA LEU B 625 -4.97 -20.25 15.96
C LEU B 625 -5.51 -20.66 14.59
N PHE B 626 -6.78 -21.01 14.50
CA PHE B 626 -7.37 -21.52 13.28
C PHE B 626 -8.61 -20.72 12.90
N GLU B 627 -8.97 -20.80 11.63
CA GLU B 627 -10.12 -20.08 11.10
C GLU B 627 -11.05 -21.05 10.38
N ASP B 628 -10.49 -22.13 9.83
CA ASP B 628 -11.30 -23.17 9.21
C ASP B 628 -12.20 -23.82 10.26
N ARG B 629 -13.51 -23.67 10.08
CA ARG B 629 -14.47 -24.13 11.09
C ARG B 629 -14.39 -25.64 11.30
N GLU B 630 -14.05 -26.40 10.26
CA GLU B 630 -13.92 -27.85 10.41
C GLU B 630 -12.74 -28.20 11.31
N MET B 631 -11.61 -27.53 11.13
CA MET B 631 -10.46 -27.79 12.00
C MET B 631 -10.72 -27.31 13.41
N ILE B 632 -11.45 -26.20 13.56
CA ILE B 632 -11.88 -25.76 14.88
C ILE B 632 -12.72 -26.83 15.55
N GLU B 633 -13.66 -27.41 14.80
CA GLU B 633 -14.51 -28.48 15.33
C GLU B 633 -13.68 -29.69 15.73
N GLU B 634 -12.72 -30.08 14.87
CA GLU B 634 -11.89 -31.24 15.17
C GLU B 634 -11.06 -31.01 16.42
N ARG B 635 -10.59 -29.78 16.63
CA ARG B 635 -9.79 -29.49 17.82
C ARG B 635 -10.65 -29.42 19.07
N LEU B 636 -11.87 -28.88 18.96
CA LEU B 636 -12.77 -28.80 20.10
C LEU B 636 -13.50 -30.11 20.39
N LYS B 637 -13.33 -31.12 19.53
CA LYS B 637 -14.00 -32.41 19.75
C LYS B 637 -13.67 -33.00 21.12
N THR B 638 -12.44 -32.81 21.60
CA THR B 638 -12.05 -33.37 22.90
C THR B 638 -12.85 -32.77 24.05
N TYR B 639 -13.62 -31.72 23.82
CA TYR B 639 -14.47 -31.10 24.82
C TYR B 639 -15.95 -31.29 24.52
N ALA B 640 -16.30 -32.16 23.55
CA ALA B 640 -17.70 -32.32 23.17
C ALA B 640 -18.54 -32.87 24.32
N HIS B 641 -17.92 -33.59 25.25
CA HIS B 641 -18.63 -34.12 26.41
C HIS B 641 -18.94 -33.07 27.45
N LEU B 642 -18.40 -31.85 27.33
CA LEU B 642 -18.60 -30.82 28.34
C LEU B 642 -19.69 -29.82 27.99
N PHE B 643 -20.14 -29.77 26.73
CA PHE B 643 -21.07 -28.74 26.29
C PHE B 643 -22.20 -29.34 25.49
N ASP B 644 -23.40 -28.77 25.66
CA ASP B 644 -24.53 -29.15 24.84
C ASP B 644 -24.25 -28.84 23.37
N ASP B 645 -24.88 -29.62 22.48
CA ASP B 645 -24.60 -29.47 21.06
C ASP B 645 -24.91 -28.07 20.56
N LYS B 646 -25.91 -27.41 21.15
CA LYS B 646 -26.15 -26.01 20.81
C LYS B 646 -24.97 -25.13 21.21
N VAL B 647 -24.42 -25.37 22.40
CA VAL B 647 -23.27 -24.59 22.86
C VAL B 647 -22.05 -24.84 21.99
N MET B 648 -21.81 -26.11 21.61
CA MET B 648 -20.66 -26.43 20.76
C MET B 648 -20.83 -25.83 19.37
N LYS B 649 -22.06 -25.85 18.83
CA LYS B 649 -22.32 -25.27 17.52
C LYS B 649 -22.12 -23.76 17.56
N GLN B 650 -22.55 -23.12 18.65
CA GLN B 650 -22.33 -21.69 18.81
C GLN B 650 -20.86 -21.37 19.07
N LEU B 651 -20.12 -22.33 19.61
CA LEU B 651 -18.71 -22.10 19.95
C LEU B 651 -17.82 -22.17 18.71
N LYS B 652 -18.00 -23.22 17.90
CA LYS B 652 -17.18 -23.36 16.70
C LYS B 652 -17.37 -22.22 15.70
N ARG B 653 -18.43 -21.42 15.86
CA ARG B 653 -18.62 -20.26 15.00
C ARG B 653 -17.87 -19.04 15.50
N ARG B 654 -17.61 -18.95 16.80
CA ARG B 654 -16.90 -17.83 17.40
C ARG B 654 -15.40 -18.00 17.16
N ARG B 655 -14.78 -16.97 16.56
CA ARG B 655 -13.35 -16.98 16.25
C ARG B 655 -12.72 -15.67 16.70
N TYR B 656 -11.41 -15.72 16.94
CA TYR B 656 -10.65 -14.57 17.40
C TYR B 656 -9.42 -14.36 16.53
N THR B 657 -8.97 -13.11 16.47
CA THR B 657 -7.79 -12.73 15.71
C THR B 657 -6.89 -11.87 16.58
N GLY B 658 -5.59 -12.04 16.43
CA GLY B 658 -4.63 -11.22 17.15
C GLY B 658 -3.97 -11.97 18.29
N TRP B 659 -2.77 -11.50 18.65
CA TRP B 659 -1.98 -12.13 19.70
C TRP B 659 -1.49 -11.08 20.68
N GLY B 660 -1.33 -11.51 21.93
CA GLY B 660 -0.80 -10.64 22.97
C GLY B 660 0.67 -10.34 22.84
N ARG B 661 1.29 -9.75 23.89
CA ARG B 661 2.70 -9.46 23.85
C ARG B 661 3.49 -10.08 24.99
N LEU B 662 2.88 -10.92 25.81
CA LEU B 662 3.54 -11.61 26.89
C LEU B 662 3.12 -13.08 26.84
N SER B 663 3.91 -13.93 27.50
CA SER B 663 3.67 -15.36 27.50
C SER B 663 2.94 -15.78 28.76
N ARG B 664 2.31 -16.95 28.70
CA ARG B 664 1.63 -17.50 29.88
C ARG B 664 2.62 -17.76 31.00
N LYS B 665 3.85 -18.18 30.67
CA LYS B 665 4.85 -18.42 31.69
C LYS B 665 5.33 -17.14 32.34
N LEU B 666 5.10 -15.98 31.71
CA LEU B 666 5.41 -14.71 32.35
C LEU B 666 4.26 -14.24 33.23
N ILE B 667 3.03 -14.33 32.72
CA ILE B 667 1.87 -13.86 33.47
C ILE B 667 1.67 -14.70 34.72
N ASN B 668 1.59 -16.02 34.55
CA ASN B 668 1.21 -16.91 35.64
C ASN B 668 2.09 -18.15 35.65
N GLY B 669 3.38 -17.97 35.32
CA GLY B 669 4.30 -19.10 35.25
C GLY B 669 5.43 -19.01 36.24
N ILE B 670 6.36 -18.10 36.02
CA ILE B 670 7.50 -17.97 36.93
C ILE B 670 7.03 -17.35 38.23
N ARG B 671 7.61 -17.82 39.34
CA ARG B 671 7.23 -17.37 40.67
C ARG B 671 8.46 -16.82 41.38
N ASP B 672 8.23 -15.87 42.28
CA ASP B 672 9.31 -15.37 43.13
C ASP B 672 9.70 -16.42 44.15
N LYS B 673 11.00 -16.45 44.48
CA LYS B 673 11.53 -17.54 45.31
C LYS B 673 10.95 -17.51 46.72
N GLN B 674 10.85 -16.33 47.32
CA GLN B 674 10.38 -16.24 48.70
C GLN B 674 8.86 -16.17 48.79
N SER B 675 8.23 -15.32 47.98
CA SER B 675 6.77 -15.20 48.03
C SER B 675 6.07 -16.38 47.36
N GLY B 676 6.74 -17.04 46.41
CA GLY B 676 6.14 -18.20 45.76
C GLY B 676 4.91 -17.88 44.93
N LYS B 677 4.78 -16.65 44.46
CA LYS B 677 3.60 -16.20 43.73
C LYS B 677 4.02 -15.64 42.37
N THR B 678 3.12 -15.76 41.40
CA THR B 678 3.40 -15.36 40.04
C THR B 678 3.20 -13.86 39.87
N ILE B 679 3.36 -13.40 38.63
CA ILE B 679 3.13 -11.99 38.31
C ILE B 679 1.67 -11.64 38.53
N LEU B 680 0.75 -12.50 38.07
CA LEU B 680 -0.67 -12.22 38.21
C LEU B 680 -1.09 -12.23 39.68
N ASP B 681 -0.49 -13.12 40.48
CA ASP B 681 -0.74 -13.11 41.91
C ASP B 681 -0.31 -11.79 42.54
N PHE B 682 0.80 -11.22 42.04
CA PHE B 682 1.23 -9.91 42.51
C PHE B 682 0.25 -8.82 42.08
N LEU B 683 -0.28 -8.93 40.86
CA LEU B 683 -1.24 -7.93 40.38
C LEU B 683 -2.53 -7.95 41.19
N LYS B 684 -3.03 -9.15 41.49
CA LYS B 684 -4.27 -9.25 42.27
C LYS B 684 -4.08 -8.69 43.67
N SER B 685 -3.09 -9.19 44.40
CA SER B 685 -2.84 -8.77 45.77
C SER B 685 -1.34 -8.59 45.98
N ASP B 686 -0.94 -7.41 46.42
CA ASP B 686 0.45 -7.11 46.77
C ASP B 686 0.47 -6.14 47.96
N GLY B 687 -0.17 -6.57 49.05
CA GLY B 687 -0.25 -5.78 50.26
C GLY B 687 -0.76 -4.37 50.03
N PHE B 688 0.10 -3.39 50.31
CA PHE B 688 -0.22 -1.99 50.09
C PHE B 688 0.74 -1.31 49.12
N ALA B 689 1.56 -2.07 48.40
CA ALA B 689 2.42 -1.51 47.36
C ALA B 689 1.73 -1.48 46.01
N ASN B 690 0.97 -2.53 45.69
CA ASN B 690 0.23 -2.63 44.44
C ASN B 690 1.15 -2.39 43.24
N ARG B 691 2.26 -3.13 43.20
CA ARG B 691 3.22 -2.98 42.13
C ARG B 691 2.65 -3.53 40.82
N ASN B 692 2.83 -2.77 39.73
CA ASN B 692 2.38 -3.17 38.42
C ASN B 692 3.50 -3.89 37.67
N PHE B 693 3.27 -4.18 36.40
CA PHE B 693 4.13 -5.08 35.64
C PHE B 693 5.57 -4.57 35.55
N MET B 694 5.74 -3.29 35.21
CA MET B 694 7.08 -2.71 35.12
C MET B 694 7.80 -2.81 36.46
N GLN B 695 7.16 -2.32 37.53
CA GLN B 695 7.75 -2.42 38.86
C GLN B 695 8.02 -3.87 39.24
N LEU B 696 7.09 -4.77 38.93
CA LEU B 696 7.25 -6.17 39.31
C LEU B 696 8.47 -6.79 38.65
N ILE B 697 8.66 -6.56 37.35
CA ILE B 697 9.82 -7.12 36.66
C ILE B 697 11.07 -6.27 36.81
N HIS B 698 11.00 -5.15 37.54
CA HIS B 698 12.18 -4.34 37.80
C HIS B 698 12.54 -4.24 39.28
N ASP B 699 11.95 -5.07 40.14
CA ASP B 699 12.21 -4.99 41.58
C ASP B 699 13.33 -5.94 41.96
N ASP B 700 14.39 -5.40 42.57
CA ASP B 700 15.53 -6.23 42.94
C ASP B 700 15.25 -7.12 44.13
N SER B 701 14.22 -6.80 44.93
CA SER B 701 13.80 -7.67 46.02
C SER B 701 12.96 -8.84 45.54
N LEU B 702 12.85 -9.02 44.22
CA LEU B 702 12.10 -10.12 43.63
C LEU B 702 12.97 -10.82 42.60
N THR B 703 12.65 -12.07 42.35
CA THR B 703 13.46 -12.92 41.47
C THR B 703 13.06 -12.82 40.00
N PHE B 704 11.99 -12.09 39.68
CA PHE B 704 11.52 -12.04 38.31
C PHE B 704 12.57 -11.42 37.38
N LYS B 705 13.19 -10.33 37.81
CA LYS B 705 14.12 -9.60 36.95
C LYS B 705 15.33 -10.47 36.57
N GLU B 706 15.92 -11.14 37.55
CA GLU B 706 17.09 -11.95 37.25
C GLU B 706 16.74 -13.14 36.38
N ASP B 707 15.55 -13.72 36.57
CA ASP B 707 15.10 -14.79 35.70
C ASP B 707 14.88 -14.30 34.27
N ILE B 708 14.39 -13.07 34.12
CA ILE B 708 14.25 -12.47 32.79
C ILE B 708 15.62 -12.32 32.14
N GLN B 709 16.59 -11.77 32.88
CA GLN B 709 17.92 -11.56 32.31
C GLN B 709 18.57 -12.89 31.94
N LYS B 710 18.39 -13.91 32.78
CA LYS B 710 18.97 -15.21 32.49
C LYS B 710 18.32 -15.86 31.28
N ALA B 711 17.00 -15.77 31.17
CA ALA B 711 16.30 -16.37 30.02
C ALA B 711 16.63 -15.64 28.73
N GLN B 712 16.94 -14.35 28.81
CA GLN B 712 17.23 -13.57 27.61
C GLN B 712 18.54 -14.02 26.98
N VAL B 713 18.51 -14.26 25.67
CA VAL B 713 19.69 -14.69 24.93
C VAL B 713 19.92 -13.81 23.71
N GLY B 717 23.21 -13.66 15.54
CA GLY B 717 24.10 -12.78 14.81
C GLY B 717 23.55 -12.35 13.46
N ASP B 718 23.57 -11.04 13.22
CA ASP B 718 23.07 -10.48 11.97
C ASP B 718 24.14 -9.61 11.34
N SER B 719 24.12 -9.57 10.01
CA SER B 719 25.02 -8.70 9.27
C SER B 719 24.44 -7.30 9.20
N LEU B 720 25.20 -6.37 8.61
CA LEU B 720 24.69 -5.02 8.41
C LEU B 720 23.47 -5.03 7.50
N HIS B 721 23.58 -5.70 6.36
CA HIS B 721 22.46 -5.76 5.42
C HIS B 721 21.27 -6.52 6.01
N GLU B 722 21.54 -7.60 6.75
CA GLU B 722 20.45 -8.33 7.38
C GLU B 722 19.75 -7.47 8.43
N HIS B 723 20.52 -6.73 9.23
CA HIS B 723 19.92 -5.87 10.25
C HIS B 723 19.12 -4.75 9.62
N ILE B 724 19.58 -4.19 8.50
CA ILE B 724 18.86 -3.11 7.85
C ILE B 724 17.60 -3.63 7.17
N ALA B 725 17.68 -4.83 6.57
CA ALA B 725 16.51 -5.39 5.92
C ALA B 725 15.41 -5.73 6.91
N ASN B 726 15.77 -6.07 8.15
CA ASN B 726 14.79 -6.39 9.17
C ASN B 726 14.24 -5.15 9.88
N LEU B 727 14.61 -3.95 9.45
CA LEU B 727 14.05 -2.74 10.02
C LEU B 727 12.63 -2.52 9.52
N ALA B 728 11.87 -1.75 10.28
CA ALA B 728 10.48 -1.43 9.91
C ALA B 728 10.48 -0.09 9.18
N GLY B 729 10.43 -0.15 7.86
CA GLY B 729 10.41 1.05 7.05
C GLY B 729 10.20 0.69 5.59
N SER B 730 10.10 1.71 4.77
CA SER B 730 9.96 1.47 3.33
C SER B 730 11.29 0.97 2.77
N PRO B 731 11.26 0.06 1.80
CA PRO B 731 12.52 -0.44 1.22
C PRO B 731 13.39 0.67 0.64
N ALA B 732 12.79 1.75 0.14
CA ALA B 732 13.59 2.84 -0.42
C ALA B 732 14.47 3.47 0.66
N ILE B 733 13.88 3.79 1.81
CA ILE B 733 14.66 4.45 2.84
C ILE B 733 15.69 3.48 3.41
N LYS B 734 15.41 2.17 3.35
CA LYS B 734 16.40 1.19 3.80
C LYS B 734 17.60 1.14 2.86
N LYS B 735 17.35 1.16 1.55
CA LYS B 735 18.43 1.30 0.58
C LYS B 735 19.26 2.55 0.89
N GLY B 736 18.58 3.65 1.18
CA GLY B 736 19.29 4.87 1.55
C GLY B 736 20.14 4.70 2.80
N ILE B 737 19.63 3.98 3.80
CA ILE B 737 20.36 3.79 5.05
C ILE B 737 21.63 2.99 4.81
N LEU B 738 21.51 1.90 4.05
CA LEU B 738 22.69 1.08 3.76
C LEU B 738 23.74 1.89 2.99
N GLN B 739 23.30 2.65 1.98
CA GLN B 739 24.25 3.50 1.27
C GLN B 739 24.89 4.53 2.21
N THR B 740 24.13 5.03 3.17
CA THR B 740 24.68 5.99 4.13
C THR B 740 25.81 5.38 4.94
N VAL B 741 25.59 4.17 5.45
CA VAL B 741 26.64 3.51 6.23
C VAL B 741 27.88 3.27 5.37
N LYS B 742 27.69 2.85 4.11
CA LYS B 742 28.84 2.63 3.24
C LYS B 742 29.60 3.93 2.99
N VAL B 743 28.86 5.03 2.80
CA VAL B 743 29.49 6.33 2.61
C VAL B 743 30.31 6.71 3.84
N VAL B 744 29.76 6.47 5.03
CA VAL B 744 30.50 6.80 6.25
C VAL B 744 31.79 6.00 6.32
N ASP B 745 31.74 4.72 5.98
CA ASP B 745 32.95 3.90 6.00
C ASP B 745 34.01 4.44 5.05
N GLU B 746 33.61 4.75 3.82
CA GLU B 746 34.59 5.27 2.86
C GLU B 746 35.15 6.61 3.30
N LEU B 747 34.31 7.45 3.92
CA LEU B 747 34.79 8.75 4.38
C LEU B 747 35.79 8.60 5.52
N VAL B 748 35.55 7.65 6.42
CA VAL B 748 36.52 7.38 7.48
C VAL B 748 37.84 6.89 6.87
N LYS B 749 37.75 6.04 5.85
CA LYS B 749 38.98 5.61 5.18
C LYS B 749 39.72 6.77 4.52
N VAL B 750 38.97 7.77 4.03
CA VAL B 750 39.61 8.93 3.43
C VAL B 750 40.40 9.72 4.46
N MET B 751 39.91 9.79 5.69
CA MET B 751 40.56 10.56 6.74
C MET B 751 41.57 9.73 7.52
N GLY B 752 42.27 8.81 6.86
CA GLY B 752 43.31 8.06 7.54
C GLY B 752 42.83 7.22 8.70
N ARG B 753 41.66 6.61 8.56
CA ARG B 753 41.02 5.75 9.56
C ARG B 753 40.69 6.50 10.85
N HIS B 754 40.83 7.84 10.86
CA HIS B 754 40.49 8.62 12.04
C HIS B 754 38.98 8.78 12.13
N LYS B 755 38.43 8.58 13.32
CA LYS B 755 36.99 8.68 13.49
C LYS B 755 36.58 10.14 13.70
N PRO B 756 35.45 10.56 13.14
CA PRO B 756 35.04 11.96 13.25
C PRO B 756 34.63 12.33 14.66
N GLU B 757 34.58 13.65 14.89
CA GLU B 757 34.15 14.16 16.19
C GLU B 757 32.64 14.00 16.35
N ASN B 758 31.88 14.36 15.32
CA ASN B 758 30.44 14.22 15.32
C ASN B 758 29.98 13.70 13.97
N ILE B 759 28.80 13.11 13.96
CA ILE B 759 28.12 12.70 12.73
C ILE B 759 26.68 13.20 12.84
N VAL B 760 26.35 14.22 12.05
CA VAL B 760 25.01 14.82 12.08
C VAL B 760 24.22 14.25 10.92
N ILE B 761 23.08 13.63 11.22
CA ILE B 761 22.23 13.00 10.21
C ILE B 761 20.86 13.65 10.22
N GLU B 762 20.28 13.77 9.02
CA GLU B 762 18.93 14.28 8.81
C GLU B 762 18.25 13.37 7.79
N MET B 763 17.03 12.94 8.09
CA MET B 763 16.28 12.05 7.22
C MET B 763 15.12 12.80 6.60
N ALA B 764 14.94 12.63 5.29
CA ALA B 764 13.92 13.37 4.57
C ALA B 764 12.51 12.91 4.97
N ARG B 765 11.56 13.82 4.84
CA ARG B 765 10.17 13.51 5.17
C ARG B 765 9.53 12.76 4.00
N GLU B 766 8.96 11.59 4.29
CA GLU B 766 8.27 10.80 3.27
C GLU B 766 6.78 11.15 3.24
N ASN B 776 -3.74 5.46 -5.60
CA ASN B 776 -4.10 6.22 -4.41
C ASN B 776 -5.48 6.84 -4.54
N SER B 777 -5.78 7.31 -5.76
CA SER B 777 -7.10 7.89 -6.03
C SER B 777 -8.19 6.84 -5.89
N ARG B 778 -7.88 5.58 -6.17
CA ARG B 778 -8.84 4.50 -5.93
C ARG B 778 -9.21 4.40 -4.46
N GLU B 779 -8.22 4.53 -3.58
CA GLU B 779 -8.51 4.51 -2.14
C GLU B 779 -9.38 5.69 -1.74
N ARG B 780 -9.16 6.85 -2.35
CA ARG B 780 -10.00 8.02 -2.05
C ARG B 780 -11.44 7.80 -2.50
N MET B 781 -11.62 7.26 -3.71
CA MET B 781 -12.97 6.93 -4.16
C MET B 781 -13.63 5.90 -3.25
N LYS B 782 -12.86 4.90 -2.80
CA LYS B 782 -13.42 3.90 -1.89
C LYS B 782 -13.83 4.53 -0.57
N ARG B 783 -12.97 5.38 0.00
CA ARG B 783 -13.31 6.07 1.24
C ARG B 783 -14.59 6.88 1.09
N ILE B 784 -14.68 7.65 0.01
CA ILE B 784 -15.85 8.52 -0.14
C ILE B 784 -17.11 7.70 -0.41
N GLU B 785 -17.01 6.64 -1.22
CA GLU B 785 -18.17 5.79 -1.48
C GLU B 785 -18.67 5.14 -0.20
N GLU B 786 -17.75 4.53 0.57
CA GLU B 786 -18.15 3.90 1.82
C GLU B 786 -18.74 4.91 2.79
N GLY B 787 -18.12 6.09 2.90
CA GLY B 787 -18.62 7.09 3.83
C GLY B 787 -19.97 7.64 3.43
N ILE B 788 -20.22 7.80 2.12
CA ILE B 788 -21.48 8.38 1.67
C ILE B 788 -22.59 7.35 1.75
N LYS B 789 -22.30 6.08 1.45
CA LYS B 789 -23.33 5.06 1.55
C LYS B 789 -23.62 4.69 2.99
N GLU B 790 -22.61 4.73 3.86
CA GLU B 790 -22.83 4.65 5.30
C GLU B 790 -23.59 5.87 5.80
N LEU B 791 -23.42 7.01 5.12
CA LEU B 791 -24.08 8.25 5.49
C LEU B 791 -25.50 8.34 4.95
N GLY B 792 -25.84 7.56 3.93
CA GLY B 792 -27.14 7.65 3.30
C GLY B 792 -27.38 8.96 2.59
N SER B 793 -26.36 9.49 1.92
CA SER B 793 -26.42 10.81 1.29
C SER B 793 -26.60 10.66 -0.22
N GLN B 794 -27.37 11.59 -0.79
CA GLN B 794 -27.64 11.62 -2.22
C GLN B 794 -26.69 12.55 -2.97
N ILE B 795 -25.62 13.02 -2.32
CA ILE B 795 -24.70 13.93 -2.99
C ILE B 795 -23.86 13.19 -4.01
N LEU B 796 -23.57 11.90 -3.78
CA LEU B 796 -22.86 11.12 -4.78
C LEU B 796 -23.72 10.89 -6.02
N LYS B 797 -25.03 10.72 -5.82
CA LYS B 797 -25.93 10.57 -6.96
C LYS B 797 -26.06 11.87 -7.74
N GLU B 798 -26.13 13.00 -7.04
CA GLU B 798 -26.24 14.29 -7.71
C GLU B 798 -24.90 14.82 -8.22
N HIS B 799 -23.78 14.28 -7.73
CA HIS B 799 -22.45 14.78 -8.10
C HIS B 799 -21.53 13.60 -8.35
N PRO B 800 -21.50 13.08 -9.57
CA PRO B 800 -20.58 11.98 -9.89
C PRO B 800 -19.15 12.50 -9.99
N VAL B 801 -18.21 11.69 -9.51
CA VAL B 801 -16.81 12.06 -9.50
C VAL B 801 -15.98 10.84 -9.86
N GLU B 802 -14.88 11.07 -10.59
CA GLU B 802 -13.91 10.03 -10.89
C GLU B 802 -12.76 10.10 -9.91
N ASN B 803 -12.02 8.99 -9.82
CA ASN B 803 -10.94 8.88 -8.84
C ASN B 803 -9.87 9.94 -9.07
N THR B 804 -9.51 10.18 -10.33
CA THR B 804 -8.48 11.17 -10.63
C THR B 804 -8.86 12.55 -10.10
N GLN B 805 -10.14 12.92 -10.24
CA GLN B 805 -10.59 14.23 -9.75
C GLN B 805 -10.35 14.40 -8.26
N LEU B 806 -10.37 13.29 -7.50
CA LEU B 806 -10.14 13.37 -6.07
C LEU B 806 -8.72 13.74 -5.70
N GLN B 807 -7.81 13.87 -6.67
CA GLN B 807 -6.48 14.37 -6.38
C GLN B 807 -6.48 15.87 -6.11
N ASN B 808 -7.60 16.56 -6.35
CA ASN B 808 -7.75 17.93 -5.91
C ASN B 808 -8.11 17.95 -4.42
N GLU B 809 -7.38 18.75 -3.65
CA GLU B 809 -7.55 18.75 -2.20
C GLU B 809 -8.94 19.22 -1.80
N LYS B 810 -9.41 20.31 -2.42
CA LYS B 810 -10.67 20.92 -2.00
C LYS B 810 -11.86 20.04 -2.34
N LEU B 811 -11.83 19.38 -3.50
CA LEU B 811 -12.95 18.51 -3.87
C LEU B 811 -12.98 17.25 -3.00
N TYR B 812 -11.80 16.69 -2.71
CA TYR B 812 -11.72 15.56 -1.79
C TYR B 812 -12.27 15.93 -0.42
N LEU B 813 -11.90 17.13 0.08
CA LEU B 813 -12.45 17.58 1.36
C LEU B 813 -13.96 17.80 1.26
N TYR B 814 -14.42 18.30 0.11
CA TYR B 814 -15.85 18.53 -0.09
C TYR B 814 -16.64 17.23 0.06
N TYR B 815 -16.17 16.17 -0.60
CA TYR B 815 -16.88 14.90 -0.49
C TYR B 815 -16.67 14.25 0.86
N LEU B 816 -15.52 14.48 1.52
CA LEU B 816 -15.32 13.98 2.86
C LEU B 816 -16.16 14.71 3.90
N GLN B 817 -16.66 15.91 3.56
CA GLN B 817 -17.53 16.67 4.43
C GLN B 817 -18.99 16.63 3.98
N ASN B 818 -19.33 15.71 3.07
CA ASN B 818 -20.69 15.57 2.55
C ASN B 818 -21.20 16.87 1.94
N GLY B 819 -20.29 17.65 1.36
CA GLY B 819 -20.67 18.90 0.71
C GLY B 819 -21.16 19.97 1.65
N ARG B 820 -20.52 20.12 2.80
CA ARG B 820 -20.93 21.09 3.80
C ARG B 820 -19.71 21.81 4.34
N ASP B 821 -19.94 23.00 4.89
CA ASP B 821 -18.94 23.63 5.71
C ASP B 821 -18.74 22.78 6.97
N MET B 822 -17.52 22.81 7.48
CA MET B 822 -17.21 22.02 8.66
C MET B 822 -17.39 22.78 9.95
N TYR B 823 -17.22 24.10 9.92
CA TYR B 823 -17.41 24.94 11.08
C TYR B 823 -18.83 25.47 11.22
N VAL B 824 -19.64 25.35 10.17
CA VAL B 824 -21.04 25.78 10.19
C VAL B 824 -21.90 24.68 9.56
N ASP B 825 -23.09 24.49 10.12
CA ASP B 825 -24.05 23.49 9.65
C ASP B 825 -24.82 24.06 8.46
N GLN B 826 -24.12 24.16 7.34
CA GLN B 826 -24.70 24.77 6.15
C GLN B 826 -24.15 24.09 4.91
N GLU B 827 -24.89 24.24 3.81
CA GLU B 827 -24.55 23.59 2.55
C GLU B 827 -23.31 24.23 1.93
N LEU B 828 -22.56 23.41 1.20
CA LEU B 828 -21.44 23.87 0.39
C LEU B 828 -21.73 23.63 -1.09
N ASP B 829 -21.02 24.39 -1.93
CA ASP B 829 -21.22 24.39 -3.37
C ASP B 829 -19.94 23.89 -4.05
N ILE B 830 -20.10 22.91 -4.95
CA ILE B 830 -18.97 22.44 -5.74
C ILE B 830 -18.40 23.57 -6.59
N ASN B 831 -19.29 24.37 -7.20
CA ASN B 831 -18.85 25.35 -8.16
C ASN B 831 -18.06 26.48 -7.49
N ARG B 832 -18.28 26.69 -6.19
CA ARG B 832 -17.68 27.79 -5.45
C ARG B 832 -16.47 27.37 -4.63
N LEU B 833 -15.83 26.25 -4.97
CA LEU B 833 -14.70 25.76 -4.19
C LEU B 833 -13.53 26.74 -4.22
N SER B 834 -13.37 27.48 -5.33
CA SER B 834 -12.30 28.46 -5.43
C SER B 834 -12.47 29.61 -4.44
N ASP B 835 -13.65 29.76 -3.86
CA ASP B 835 -13.91 30.82 -2.88
C ASP B 835 -13.82 30.33 -1.44
N TYR B 836 -13.74 29.02 -1.21
CA TYR B 836 -13.70 28.48 0.13
C TYR B 836 -12.25 28.43 0.64
N ASP B 837 -12.09 27.97 1.88
CA ASP B 837 -10.80 27.93 2.55
C ASP B 837 -10.50 26.51 3.03
N VAL B 838 -9.21 26.20 3.07
CA VAL B 838 -8.70 24.97 3.65
C VAL B 838 -7.85 25.36 4.85
N ASP B 839 -8.34 25.05 6.04
CA ASP B 839 -7.74 25.46 7.29
C ASP B 839 -7.10 24.28 8.00
N ALA B 840 -6.07 24.57 8.80
CA ALA B 840 -5.45 23.57 9.65
C ALA B 840 -6.19 23.54 11.00
N ILE B 841 -6.58 22.34 11.42
CA ILE B 841 -7.31 22.16 12.67
C ILE B 841 -6.46 22.68 13.81
N VAL B 842 -5.38 21.97 14.13
CA VAL B 842 -4.32 22.57 14.97
C VAL B 842 -3.48 23.47 14.08
N PRO B 843 -3.29 24.75 14.44
CA PRO B 843 -2.62 25.68 13.53
C PRO B 843 -1.23 25.19 13.14
N GLN B 844 -0.88 25.43 11.87
CA GLN B 844 0.42 25.00 11.34
C GLN B 844 1.59 25.73 11.98
N SER B 845 1.33 26.81 12.72
CA SER B 845 2.40 27.44 13.50
C SER B 845 2.83 26.58 14.68
N PHE B 846 2.01 25.62 15.07
CA PHE B 846 2.35 24.67 16.13
C PHE B 846 2.66 23.28 15.58
N LEU B 847 1.77 22.72 14.75
CA LEU B 847 1.94 21.40 14.16
C LEU B 847 2.05 21.55 12.65
N LYS B 848 3.25 21.35 12.13
CA LYS B 848 3.46 21.40 10.68
C LYS B 848 2.89 20.15 10.03
N ASP B 849 1.57 20.03 10.03
CA ASP B 849 0.87 18.90 9.41
C ASP B 849 0.00 19.45 8.29
N ASP B 850 0.24 18.97 7.07
CA ASP B 850 -0.48 19.43 5.88
C ASP B 850 -1.32 18.33 5.24
N SER B 851 -1.65 17.28 5.99
CA SER B 851 -2.40 16.15 5.47
C SER B 851 -3.88 16.33 5.72
N ILE B 852 -4.70 15.58 4.98
CA ILE B 852 -6.14 15.59 5.18
C ILE B 852 -6.54 15.33 6.63
N ASP B 853 -5.66 14.69 7.44
CA ASP B 853 -5.98 14.41 8.83
C ASP B 853 -6.01 15.67 9.69
N ASN B 854 -5.30 16.73 9.30
CA ASN B 854 -5.26 17.97 10.06
C ASN B 854 -5.76 19.15 9.24
N LYS B 855 -6.39 18.90 8.10
CA LYS B 855 -6.92 19.96 7.26
C LYS B 855 -8.43 19.84 7.16
N VAL B 856 -9.07 20.92 6.72
CA VAL B 856 -10.52 21.00 6.77
C VAL B 856 -10.99 22.02 5.75
N LEU B 857 -12.11 21.71 5.08
CA LEU B 857 -12.70 22.60 4.09
C LEU B 857 -13.87 23.35 4.72
N THR B 858 -13.76 24.68 4.77
CA THR B 858 -14.82 25.52 5.32
C THR B 858 -15.05 26.69 4.37
N ARG B 859 -16.19 27.37 4.56
CA ARG B 859 -16.48 28.53 3.73
C ARG B 859 -15.48 29.65 3.98
N SER B 860 -15.17 29.91 5.25
CA SER B 860 -14.23 30.95 5.62
C SER B 860 -13.52 30.51 6.89
N ASP B 861 -12.19 30.65 6.90
CA ASP B 861 -11.42 30.27 8.09
C ASP B 861 -11.77 31.13 9.30
N LYS B 862 -12.30 32.34 9.08
CA LYS B 862 -12.73 33.18 10.19
C LYS B 862 -13.74 32.46 11.09
N ASN B 863 -14.58 31.60 10.51
CA ASN B 863 -15.59 30.87 11.27
C ASN B 863 -15.00 29.80 12.17
N ARG B 864 -13.67 29.62 12.18
CA ARG B 864 -13.05 28.68 13.10
C ARG B 864 -12.95 29.23 14.52
N GLY B 865 -13.03 30.56 14.68
CA GLY B 865 -12.79 31.19 15.96
C GLY B 865 -11.49 31.97 15.94
N LYS B 866 -10.70 31.86 17.01
CA LYS B 866 -9.40 32.50 17.05
C LYS B 866 -8.36 31.62 16.36
N SER B 867 -7.46 32.25 15.61
CA SER B 867 -6.49 31.54 14.79
C SER B 867 -5.27 31.07 15.57
N ASP B 868 -5.20 31.33 16.87
CA ASP B 868 -4.03 31.00 17.68
C ASP B 868 -4.16 29.67 18.41
N ASN B 869 -5.20 28.90 18.12
CA ASN B 869 -5.49 27.71 18.91
C ASN B 869 -6.39 26.77 18.11
N VAL B 870 -6.92 25.76 18.78
CA VAL B 870 -7.85 24.78 18.23
C VAL B 870 -9.19 25.49 18.02
N PRO B 871 -10.04 25.04 17.04
CA PRO B 871 -11.39 25.61 16.90
C PRO B 871 -12.09 25.90 18.21
N SER B 872 -12.83 27.01 18.27
CA SER B 872 -13.30 27.56 19.52
C SER B 872 -14.38 26.67 20.14
N GLU B 873 -14.70 26.99 21.41
CA GLU B 873 -15.73 26.25 22.13
C GLU B 873 -17.09 26.37 21.46
N GLU B 874 -17.38 27.54 20.90
CA GLU B 874 -18.69 27.76 20.27
C GLU B 874 -18.85 26.89 19.04
N VAL B 875 -17.83 26.87 18.17
CA VAL B 875 -17.90 26.04 16.97
C VAL B 875 -18.02 24.57 17.35
N VAL B 876 -17.35 24.15 18.43
CA VAL B 876 -17.45 22.78 18.87
C VAL B 876 -18.88 22.46 19.32
N LYS B 877 -19.44 23.31 20.20
CA LYS B 877 -20.83 23.13 20.61
C LYS B 877 -21.75 23.02 19.41
N LYS B 878 -21.51 23.83 18.37
CA LYS B 878 -22.42 23.84 17.23
C LYS B 878 -22.24 22.60 16.35
N MET B 879 -21.01 22.11 16.19
CA MET B 879 -20.68 21.16 15.13
C MET B 879 -20.29 19.77 15.61
N LYS B 880 -20.32 19.51 16.91
CA LYS B 880 -19.76 18.25 17.42
C LYS B 880 -20.52 17.03 16.90
N ASN B 881 -21.85 17.12 16.83
CA ASN B 881 -22.63 15.96 16.40
C ASN B 881 -22.46 15.69 14.90
N TYR B 882 -22.41 16.76 14.10
CA TYR B 882 -22.10 16.59 12.68
C TYR B 882 -20.71 15.98 12.49
N TRP B 883 -19.74 16.39 13.31
CA TRP B 883 -18.41 15.81 13.24
C TRP B 883 -18.43 14.34 13.63
N ARG B 884 -19.22 13.98 14.64
CA ARG B 884 -19.35 12.57 15.02
C ARG B 884 -19.97 11.75 13.90
N GLN B 885 -20.97 12.31 13.22
CA GLN B 885 -21.56 11.62 12.07
C GLN B 885 -20.53 11.38 10.98
N LEU B 886 -19.74 12.41 10.67
CA LEU B 886 -18.69 12.23 9.66
C LEU B 886 -17.61 11.26 10.14
N LEU B 887 -17.41 11.15 11.46
CA LEU B 887 -16.44 10.20 11.99
C LEU B 887 -16.94 8.76 11.84
N ASN B 888 -18.22 8.54 12.09
CA ASN B 888 -18.76 7.19 11.98
C ASN B 888 -18.81 6.70 10.55
N ALA B 889 -18.94 7.62 9.58
CA ALA B 889 -18.86 7.26 8.18
C ALA B 889 -17.42 7.05 7.71
N LYS B 890 -16.46 7.11 8.61
CA LYS B 890 -15.03 6.97 8.29
C LYS B 890 -14.58 8.00 7.26
N LEU B 891 -15.31 9.10 7.17
CA LEU B 891 -14.87 10.28 6.44
C LEU B 891 -13.96 11.16 7.29
N ILE B 892 -13.79 10.83 8.56
CA ILE B 892 -12.91 11.53 9.48
C ILE B 892 -12.22 10.49 10.35
N THR B 893 -10.92 10.67 10.57
CA THR B 893 -10.26 9.78 11.51
C THR B 893 -10.47 10.29 12.93
N GLN B 894 -10.26 9.40 13.90
CA GLN B 894 -10.48 9.73 15.31
C GLN B 894 -9.60 10.91 15.74
N ARG B 895 -8.36 10.93 15.25
CA ARG B 895 -7.45 12.02 15.61
C ARG B 895 -7.96 13.37 15.11
N LYS B 896 -8.51 13.40 13.89
CA LYS B 896 -9.08 14.63 13.36
C LYS B 896 -10.26 15.09 14.22
N PHE B 897 -11.15 14.17 14.59
CA PHE B 897 -12.27 14.52 15.46
C PHE B 897 -11.78 15.04 16.81
N ASP B 898 -10.73 14.42 17.36
CA ASP B 898 -10.25 14.84 18.67
C ASP B 898 -9.58 16.21 18.61
N ASN B 899 -8.82 16.48 17.55
CA ASN B 899 -8.22 17.81 17.40
C ASN B 899 -9.29 18.86 17.16
N LEU B 900 -10.38 18.50 16.47
CA LEU B 900 -11.49 19.43 16.31
C LEU B 900 -12.20 19.69 17.63
N THR B 901 -12.38 18.66 18.44
CA THR B 901 -13.10 18.76 19.70
C THR B 901 -12.20 19.03 20.88
N LYS B 902 -10.94 19.39 20.63
CA LYS B 902 -10.00 19.66 21.72
C LYS B 902 -10.48 20.78 22.63
N ALA B 903 -11.29 21.71 22.11
CA ALA B 903 -11.68 22.88 22.88
C ALA B 903 -12.52 22.51 24.10
N GLU B 904 -13.35 21.48 23.99
CA GLU B 904 -14.14 21.05 25.14
C GLU B 904 -13.32 20.32 26.18
N ARG B 905 -12.06 19.99 25.87
CA ARG B 905 -11.13 19.37 26.81
C ARG B 905 -10.04 20.34 27.26
N GLY B 906 -10.30 21.64 27.19
CA GLY B 906 -9.34 22.65 27.55
C GLY B 906 -8.60 23.27 26.39
N GLY B 907 -8.70 22.69 25.19
CA GLY B 907 -7.98 23.24 24.05
C GLY B 907 -6.48 22.97 24.16
N LEU B 908 -5.71 23.82 23.48
CA LEU B 908 -4.25 23.71 23.53
C LEU B 908 -3.74 24.36 24.81
N SER B 909 -3.10 23.57 25.66
CA SER B 909 -2.40 24.12 26.81
C SER B 909 -1.04 24.65 26.40
N GLU B 910 -0.41 25.40 27.31
CA GLU B 910 0.94 25.89 27.03
C GLU B 910 1.94 24.75 26.90
N LEU B 911 1.74 23.68 27.68
CA LEU B 911 2.59 22.51 27.54
C LEU B 911 2.46 21.89 26.15
N ASP B 912 1.24 21.89 25.60
CA ASP B 912 1.03 21.35 24.26
C ASP B 912 1.77 22.16 23.21
N LYS B 913 1.74 23.48 23.33
CA LYS B 913 2.47 24.32 22.39
C LYS B 913 3.97 24.13 22.52
N ALA B 914 4.47 24.05 23.76
CA ALA B 914 5.89 23.77 23.96
C ALA B 914 6.28 22.44 23.34
N GLY B 915 5.44 21.41 23.51
CA GLY B 915 5.74 20.11 22.93
C GLY B 915 5.71 20.13 21.42
N PHE B 916 4.77 20.88 20.84
CA PHE B 916 4.73 21.02 19.38
C PHE B 916 5.99 21.70 18.86
N ILE B 917 6.43 22.77 19.52
CA ILE B 917 7.64 23.45 19.06
C ILE B 917 8.86 22.54 19.21
N LYS B 918 8.95 21.81 20.34
CA LYS B 918 10.06 20.89 20.51
C LYS B 918 10.04 19.79 19.45
N ARG B 919 8.84 19.33 19.07
CA ARG B 919 8.72 18.32 18.03
C ARG B 919 9.29 18.80 16.70
N GLN B 920 9.09 20.08 16.38
CA GLN B 920 9.59 20.63 15.13
C GLN B 920 11.11 20.58 15.02
N LEU B 921 11.82 20.34 16.13
CA LEU B 921 13.28 20.39 16.13
C LEU B 921 13.94 19.10 16.57
N VAL B 922 13.31 18.33 17.45
CA VAL B 922 13.90 17.11 18.00
C VAL B 922 13.28 15.92 17.24
N GLU B 923 14.12 15.20 16.49
CA GLU B 923 13.65 14.07 15.73
C GLU B 923 13.32 12.91 16.66
N THR B 924 12.11 12.34 16.50
CA THR B 924 11.67 11.22 17.32
C THR B 924 11.16 10.04 16.50
N ARG B 925 11.38 10.04 15.19
CA ARG B 925 11.01 8.88 14.39
C ARG B 925 11.90 7.70 14.74
N GLN B 926 11.31 6.50 14.66
CA GLN B 926 12.03 5.31 15.07
C GLN B 926 13.11 4.92 14.06
N ILE B 927 12.83 5.12 12.77
CA ILE B 927 13.80 4.74 11.75
C ILE B 927 15.05 5.60 11.85
N THR B 928 14.88 6.89 12.17
CA THR B 928 16.04 7.75 12.39
C THR B 928 16.83 7.30 13.60
N LYS B 929 16.13 6.88 14.67
CA LYS B 929 16.81 6.35 15.84
C LYS B 929 17.61 5.10 15.48
N HIS B 930 17.09 4.27 14.59
CA HIS B 930 17.81 3.05 14.22
C HIS B 930 19.03 3.35 13.37
N VAL B 931 18.93 4.34 12.49
CA VAL B 931 20.12 4.80 11.75
C VAL B 931 21.17 5.31 12.72
N ALA B 932 20.74 6.12 13.68
CA ALA B 932 21.65 6.66 14.69
C ALA B 932 22.29 5.54 15.50
N GLN B 933 21.51 4.52 15.86
CA GLN B 933 22.03 3.40 16.62
C GLN B 933 23.05 2.60 15.82
N ILE B 934 22.76 2.36 14.53
CA ILE B 934 23.71 1.65 13.68
C ILE B 934 25.03 2.40 13.62
N LEU B 935 24.97 3.70 13.29
CA LEU B 935 26.21 4.47 13.19
C LEU B 935 26.93 4.56 14.53
N ASP B 936 26.17 4.69 15.63
CA ASP B 936 26.78 4.82 16.94
C ASP B 936 27.49 3.54 17.37
N SER B 937 26.85 2.40 17.14
CA SER B 937 27.49 1.12 17.45
C SER B 937 28.64 0.82 16.50
N ARG B 938 28.64 1.42 15.30
CA ARG B 938 29.77 1.20 14.39
C ARG B 938 30.96 2.07 14.75
N MET B 939 30.74 3.28 15.26
CA MET B 939 31.83 4.20 15.58
C MET B 939 32.41 3.94 16.97
N ASN B 940 31.56 3.85 17.99
CA ASN B 940 31.99 3.73 19.37
C ASN B 940 31.97 2.25 19.76
N THR B 941 33.16 1.70 20.04
CA THR B 941 33.28 0.27 20.31
C THR B 941 34.01 -0.06 21.60
N LYS B 942 34.73 0.87 22.20
CA LYS B 942 35.52 0.61 23.40
C LYS B 942 34.73 0.97 24.66
N TYR B 943 35.15 0.37 25.78
CA TYR B 943 34.51 0.57 27.06
C TYR B 943 35.54 1.07 28.08
N ASP B 944 35.07 1.85 29.05
CA ASP B 944 35.93 2.51 30.01
C ASP B 944 36.14 1.62 31.24
N GLU B 945 36.66 2.20 32.32
CA GLU B 945 36.99 1.41 33.51
C GLU B 945 35.74 0.85 34.15
N ASN B 946 34.63 1.59 34.12
CA ASN B 946 33.36 1.13 34.64
C ASN B 946 32.56 0.33 33.61
N ASP B 947 33.23 -0.18 32.57
CA ASP B 947 32.61 -1.02 31.55
C ASP B 947 31.42 -0.34 30.88
N LYS B 948 31.48 0.98 30.76
CA LYS B 948 30.47 1.75 30.04
C LYS B 948 31.06 2.24 28.72
N LEU B 949 30.19 2.42 27.73
CA LEU B 949 30.63 2.68 26.37
C LEU B 949 31.33 4.03 26.27
N ILE B 950 32.46 4.05 25.58
CA ILE B 950 33.19 5.28 25.31
C ILE B 950 32.62 5.89 24.04
N ARG B 951 32.04 7.08 24.17
CA ARG B 951 31.35 7.73 23.05
C ARG B 951 32.31 8.72 22.39
N GLU B 952 33.22 8.17 21.58
CA GLU B 952 34.15 9.02 20.84
C GLU B 952 33.41 9.86 19.81
N VAL B 953 32.45 9.27 19.13
CA VAL B 953 31.71 9.93 18.04
C VAL B 953 30.30 10.19 18.53
N LYS B 954 29.89 11.45 18.48
CA LYS B 954 28.54 11.83 18.87
C LYS B 954 27.65 11.83 17.63
N VAL B 955 26.62 10.99 17.64
CA VAL B 955 25.68 10.89 16.53
C VAL B 955 24.51 11.82 16.82
N ILE B 956 24.45 12.93 16.08
CA ILE B 956 23.40 13.92 16.22
C ILE B 956 22.34 13.68 15.15
N THR B 957 21.08 13.91 15.50
CA THR B 957 19.97 13.77 14.58
C THR B 957 19.15 15.06 14.60
N LEU B 958 18.91 15.63 13.42
CA LEU B 958 18.18 16.88 13.32
C LEU B 958 17.00 16.73 12.36
N LYS B 959 16.03 17.62 12.49
CA LYS B 959 14.90 17.68 11.58
C LYS B 959 15.17 18.72 10.49
N SER B 960 14.54 18.50 9.34
CA SER B 960 14.84 19.32 8.16
C SER B 960 14.51 20.79 8.38
N LYS B 961 13.57 21.09 9.29
CA LYS B 961 13.17 22.47 9.50
C LYS B 961 14.32 23.32 10.03
N LEU B 962 15.24 22.71 10.78
CA LEU B 962 16.39 23.47 11.29
C LEU B 962 17.20 24.09 10.15
N VAL B 963 17.72 23.25 9.25
CA VAL B 963 18.54 23.75 8.15
C VAL B 963 17.70 24.55 7.16
N SER B 964 16.42 24.20 7.00
CA SER B 964 15.55 24.99 6.13
C SER B 964 15.44 26.42 6.63
N ASP B 965 15.12 26.59 7.91
CA ASP B 965 15.03 27.92 8.50
C ASP B 965 16.39 28.61 8.49
N PHE B 966 17.47 27.86 8.66
CA PHE B 966 18.80 28.46 8.56
C PHE B 966 19.02 29.08 7.18
N ARG B 967 18.79 28.29 6.13
CA ARG B 967 18.91 28.78 4.77
C ARG B 967 18.06 30.03 4.55
N LYS B 968 16.80 29.98 5.00
CA LYS B 968 15.91 31.11 4.73
C LYS B 968 16.27 32.34 5.55
N ASP B 969 16.86 32.15 6.75
CA ASP B 969 17.19 33.27 7.61
C ASP B 969 18.50 33.94 7.22
N PHE B 970 19.41 33.19 6.60
CA PHE B 970 20.71 33.75 6.23
C PHE B 970 20.93 33.74 4.72
N GLN B 971 19.86 33.59 3.94
CA GLN B 971 19.89 33.72 2.49
C GLN B 971 20.84 32.71 1.85
N PHE B 972 20.81 31.49 2.36
CA PHE B 972 21.49 30.35 1.73
C PHE B 972 20.47 29.48 1.00
N TYR B 973 19.77 30.12 0.07
CA TYR B 973 18.60 29.51 -0.57
C TYR B 973 19.00 28.30 -1.39
N LYS B 974 18.05 27.38 -1.52
CA LYS B 974 18.21 26.19 -2.37
C LYS B 974 17.16 26.24 -3.47
N VAL B 975 17.56 25.77 -4.66
CA VAL B 975 16.66 25.57 -5.79
C VAL B 975 16.93 24.17 -6.31
N ARG B 976 15.97 23.26 -6.11
CA ARG B 976 16.20 21.85 -6.42
C ARG B 976 16.38 21.61 -7.91
N GLU B 977 15.77 22.43 -8.76
CA GLU B 977 15.77 22.17 -10.19
C GLU B 977 17.06 22.58 -10.88
N ILE B 978 17.89 23.40 -10.23
CA ILE B 978 19.13 23.85 -10.87
C ILE B 978 20.09 22.68 -11.05
N ASN B 979 20.29 21.89 -10.00
CA ASN B 979 21.14 20.70 -10.10
C ASN B 979 20.91 19.79 -8.89
N ASN B 980 21.83 18.86 -8.65
CA ASN B 980 21.75 17.99 -7.49
C ASN B 980 22.65 18.43 -6.36
N TYR B 981 23.33 19.57 -6.49
CA TYR B 981 24.25 20.02 -5.46
C TYR B 981 23.56 20.26 -4.11
N HIS B 982 22.26 20.51 -4.11
CA HIS B 982 21.58 20.88 -2.87
C HIS B 982 21.57 19.75 -1.85
N HIS B 983 21.68 18.49 -2.28
CA HIS B 983 21.79 17.39 -1.32
C HIS B 983 23.09 17.50 -0.52
N ALA B 984 24.20 17.67 -1.23
CA ALA B 984 25.49 17.86 -0.56
C ALA B 984 25.49 19.12 0.30
N HIS B 985 24.88 20.19 -0.20
CA HIS B 985 24.81 21.42 0.59
C HIS B 985 23.98 21.22 1.85
N ASP B 986 22.90 20.45 1.77
CA ASP B 986 22.11 20.14 2.95
C ASP B 986 22.93 19.35 3.95
N ALA B 987 23.71 18.37 3.48
CA ALA B 987 24.55 17.62 4.40
C ALA B 987 25.57 18.52 5.08
N TYR B 988 26.17 19.44 4.32
CA TYR B 988 27.14 20.37 4.91
C TYR B 988 26.49 21.24 5.96
N LEU B 989 25.35 21.86 5.64
CA LEU B 989 24.67 22.72 6.60
C LEU B 989 24.21 21.92 7.81
N ASN B 990 23.85 20.65 7.62
CA ASN B 990 23.51 19.80 8.76
C ASN B 990 24.71 19.65 9.69
N ALA B 991 25.86 19.28 9.14
CA ALA B 991 27.07 19.18 9.95
C ALA B 991 27.33 20.46 10.72
N VAL B 992 27.30 21.59 10.00
CA VAL B 992 27.62 22.87 10.62
C VAL B 992 26.65 23.20 11.74
N VAL B 993 25.34 23.16 11.44
CA VAL B 993 24.35 23.55 12.42
C VAL B 993 24.36 22.62 13.62
N GLY B 994 24.49 21.32 13.38
CA GLY B 994 24.48 20.38 14.50
C GLY B 994 25.68 20.56 15.41
N THR B 995 26.88 20.62 14.83
CA THR B 995 28.07 20.82 15.66
C THR B 995 28.01 22.14 16.41
N ALA B 996 27.58 23.22 15.73
CA ALA B 996 27.52 24.52 16.39
C ALA B 996 26.48 24.52 17.50
N LEU B 997 25.35 23.85 17.29
CA LEU B 997 24.30 23.82 18.29
C LEU B 997 24.75 23.07 19.54
N ILE B 998 25.34 21.88 19.36
CA ILE B 998 25.76 21.14 20.55
C ILE B 998 27.01 21.77 21.18
N LYS B 999 27.77 22.56 20.43
CA LYS B 999 28.88 23.30 21.03
C LYS B 999 28.37 24.46 21.88
N LYS B 1000 27.35 25.17 21.40
CA LYS B 1000 26.83 26.31 22.14
C LYS B 1000 26.07 25.86 23.38
N TYR B 1001 25.27 24.80 23.28
CA TYR B 1001 24.48 24.27 24.38
C TYR B 1001 24.78 22.80 24.56
N PRO B 1002 25.81 22.46 25.35
CA PRO B 1002 26.12 21.03 25.54
C PRO B 1002 25.04 20.29 26.29
N LYS B 1003 24.29 20.96 27.17
CA LYS B 1003 23.24 20.29 27.95
C LYS B 1003 22.15 19.71 27.06
N LEU B 1004 22.05 20.15 25.80
CA LEU B 1004 21.07 19.61 24.88
C LEU B 1004 21.49 18.26 24.29
N GLU B 1005 22.62 17.70 24.73
CA GLU B 1005 23.09 16.44 24.15
C GLU B 1005 22.05 15.34 24.31
N SER B 1006 21.49 15.21 25.51
CA SER B 1006 20.45 14.20 25.75
C SER B 1006 19.30 14.31 24.79
N GLU B 1007 19.09 15.50 24.19
CA GLU B 1007 18.03 15.65 23.21
C GLU B 1007 18.49 15.25 21.81
N PHE B 1008 19.72 15.59 21.44
CA PHE B 1008 20.17 15.50 20.07
C PHE B 1008 21.22 14.43 19.82
N VAL B 1009 21.85 13.89 20.85
CA VAL B 1009 22.91 12.90 20.69
C VAL B 1009 22.38 11.54 21.13
N TYR B 1010 22.51 10.55 20.26
CA TYR B 1010 22.07 9.20 20.60
C TYR B 1010 22.92 8.63 21.72
N GLY B 1011 22.27 7.95 22.65
CA GLY B 1011 22.93 7.33 23.77
C GLY B 1011 22.21 7.64 25.06
N ASP B 1012 22.85 7.30 26.17
CA ASP B 1012 22.26 7.51 27.49
C ASP B 1012 23.29 8.08 28.46
N LYS B 1031 6.12 25.51 33.97
CA LYS B 1031 7.35 25.79 33.26
C LYS B 1031 7.19 25.56 31.75
N ALA B 1032 5.95 25.41 31.31
CA ALA B 1032 5.67 25.25 29.89
C ALA B 1032 6.08 26.49 29.11
N THR B 1033 5.85 27.67 29.67
CA THR B 1033 6.25 28.91 29.02
C THR B 1033 7.76 28.98 28.84
N ALA B 1034 8.51 28.51 29.85
CA ALA B 1034 9.97 28.55 29.78
C ALA B 1034 10.49 27.73 28.60
N LYS B 1035 10.04 26.48 28.49
CA LYS B 1035 10.51 25.63 27.40
C LYS B 1035 9.97 26.09 26.06
N TYR B 1036 8.75 26.63 26.02
CA TYR B 1036 8.23 27.23 24.80
C TYR B 1036 9.18 28.31 24.29
N PHE B 1037 9.46 29.30 25.15
CA PHE B 1037 10.38 30.38 24.81
C PHE B 1037 11.75 29.84 24.42
N PHE B 1038 12.25 28.84 25.17
CA PHE B 1038 13.60 28.33 24.96
C PHE B 1038 13.73 27.65 23.61
N TYR B 1039 12.86 26.66 23.34
CA TYR B 1039 12.92 25.95 22.06
C TYR B 1039 12.49 26.81 20.88
N SER B 1040 11.75 27.89 21.12
CA SER B 1040 11.45 28.82 20.04
C SER B 1040 12.68 29.63 19.68
N ASN B 1041 13.49 30.01 20.67
CA ASN B 1041 14.65 30.85 20.47
C ASN B 1041 15.96 30.07 20.56
N ILE B 1042 15.92 28.77 20.25
CA ILE B 1042 17.12 27.94 20.37
C ILE B 1042 18.15 28.34 19.31
N MET B 1043 17.69 28.80 18.15
CA MET B 1043 18.56 29.10 17.02
C MET B 1043 18.90 30.58 16.91
N ASN B 1044 18.59 31.36 17.95
CA ASN B 1044 18.84 32.81 17.89
C ASN B 1044 20.32 33.15 18.02
N PHE B 1045 21.14 32.23 18.56
CA PHE B 1045 22.54 32.54 18.76
C PHE B 1045 23.29 32.73 17.45
N PHE B 1046 22.70 32.30 16.33
CA PHE B 1046 23.28 32.60 15.02
C PHE B 1046 23.03 34.03 14.59
N LYS B 1047 21.89 34.62 14.98
CA LYS B 1047 21.53 35.95 14.54
C LYS B 1047 22.31 37.02 15.31
N THR B 1048 22.40 38.21 14.71
CA THR B 1048 23.04 39.35 15.33
C THR B 1048 22.03 40.20 16.11
N GLU B 1049 20.90 40.51 15.49
CA GLU B 1049 19.78 41.14 16.17
C GLU B 1049 18.57 40.23 16.09
N ILE B 1050 17.82 40.15 17.19
CA ILE B 1050 16.63 39.32 17.26
C ILE B 1050 15.47 40.18 17.75
N THR B 1051 14.45 40.33 16.92
CA THR B 1051 13.29 41.17 17.23
C THR B 1051 12.12 40.23 17.55
N LEU B 1052 12.16 39.65 18.74
CA LEU B 1052 11.11 38.74 19.20
C LEU B 1052 10.24 39.46 20.21
N ALA B 1053 8.99 39.70 19.86
CA ALA B 1053 8.05 40.35 20.76
C ALA B 1053 7.42 39.32 21.70
N GLU B 1056 10.70 42.76 23.28
CA GLU B 1056 10.67 43.62 22.10
C GLU B 1056 11.86 43.32 21.19
N ILE B 1057 12.87 44.18 21.20
CA ILE B 1057 14.04 44.02 20.34
C ILE B 1057 15.28 43.84 21.21
N ARG B 1058 16.12 42.87 20.85
CA ARG B 1058 17.37 42.61 21.54
C ARG B 1058 18.46 42.33 20.50
N LYS B 1059 19.72 42.41 20.96
CA LYS B 1059 20.87 42.20 20.10
C LYS B 1059 21.85 41.26 20.79
N ARG B 1060 22.68 40.60 19.98
CA ARG B 1060 23.62 39.59 20.43
C ARG B 1060 25.03 39.93 19.98
N PRO B 1061 26.04 39.38 20.66
CA PRO B 1061 27.43 39.71 20.31
C PRO B 1061 27.82 39.16 18.94
N LEU B 1062 28.89 39.74 18.40
CA LEU B 1062 29.42 39.30 17.11
C LEU B 1062 30.01 37.89 17.20
N ILE B 1063 30.69 37.59 18.30
CA ILE B 1063 31.27 36.27 18.54
C ILE B 1063 30.42 35.57 19.61
N GLU B 1064 30.02 34.34 19.33
CA GLU B 1064 29.22 33.52 20.22
C GLU B 1064 30.09 32.38 20.75
N THR B 1065 30.18 32.29 22.08
CA THR B 1065 31.03 31.33 22.77
C THR B 1065 30.18 30.52 23.75
N ASN B 1066 30.77 29.42 24.22
CA ASN B 1066 30.12 28.62 25.25
C ASN B 1066 30.24 29.31 26.61
N GLY B 1067 29.21 29.18 27.42
CA GLY B 1067 29.18 29.90 28.68
C GLY B 1067 30.20 29.39 29.69
N GLU B 1068 30.40 28.07 29.73
CA GLU B 1068 31.27 27.47 30.74
C GLU B 1068 32.71 27.32 30.26
N THR B 1069 32.91 26.69 29.09
CA THR B 1069 34.26 26.42 28.63
C THR B 1069 34.97 27.65 28.10
N GLY B 1070 34.21 28.64 27.63
CA GLY B 1070 34.79 29.79 26.97
C GLY B 1070 35.28 29.53 25.57
N GLU B 1071 34.96 28.38 25.00
CA GLU B 1071 35.35 28.08 23.62
C GLU B 1071 34.43 28.78 22.64
N ILE B 1072 34.97 29.13 21.48
CA ILE B 1072 34.25 29.87 20.46
C ILE B 1072 33.44 28.90 19.62
N VAL B 1073 32.15 29.18 19.43
CA VAL B 1073 31.31 28.34 18.61
C VAL B 1073 30.90 29.01 17.30
N TRP B 1074 30.76 30.33 17.25
CA TRP B 1074 30.29 30.96 16.01
C TRP B 1074 30.80 32.39 15.90
N ASP B 1075 31.58 32.66 14.87
CA ASP B 1075 32.06 34.02 14.57
C ASP B 1075 31.24 34.55 13.39
N LYS B 1076 30.25 35.39 13.71
CA LYS B 1076 29.32 35.89 12.69
C LYS B 1076 29.99 36.76 11.65
N GLY B 1077 31.24 37.18 11.86
CA GLY B 1077 31.93 37.95 10.86
C GLY B 1077 32.69 37.09 9.87
N ARG B 1078 33.10 35.90 10.31
CA ARG B 1078 33.96 35.03 9.51
C ARG B 1078 33.29 33.73 9.10
N ASP B 1079 32.46 33.14 9.95
CA ASP B 1079 31.93 31.81 9.67
C ASP B 1079 30.86 31.82 8.59
N PHE B 1080 30.02 32.85 8.56
CA PHE B 1080 29.03 32.96 7.48
C PHE B 1080 29.71 33.06 6.13
N ALA B 1081 30.83 33.77 6.04
CA ALA B 1081 31.60 33.80 4.80
C ALA B 1081 32.12 32.40 4.46
N THR B 1082 32.49 31.62 5.47
CA THR B 1082 32.92 30.25 5.22
C THR B 1082 31.79 29.44 4.59
N VAL B 1083 30.57 29.58 5.14
CA VAL B 1083 29.43 28.86 4.58
C VAL B 1083 29.16 29.31 3.15
N ARG B 1084 29.25 30.61 2.89
CA ARG B 1084 29.05 31.12 1.53
C ARG B 1084 30.07 30.50 0.57
N LYS B 1085 31.34 30.52 0.96
CA LYS B 1085 32.38 29.99 0.09
C LYS B 1085 32.18 28.49 -0.16
N VAL B 1086 31.75 27.75 0.87
CA VAL B 1086 31.51 26.32 0.70
C VAL B 1086 30.38 26.08 -0.29
N LEU B 1087 29.27 26.83 -0.13
CA LEU B 1087 28.15 26.65 -1.04
C LEU B 1087 28.46 27.12 -2.45
N SER B 1088 29.43 28.02 -2.62
CA SER B 1088 29.76 28.52 -3.95
C SER B 1088 30.74 27.62 -4.70
N MET B 1089 31.32 26.62 -4.05
CA MET B 1089 32.30 25.77 -4.70
C MET B 1089 31.67 25.05 -5.89
N PRO B 1090 32.25 25.13 -7.09
CA PRO B 1090 31.66 24.44 -8.23
C PRO B 1090 31.92 22.95 -8.26
N GLN B 1091 32.99 22.48 -7.63
CA GLN B 1091 33.38 21.07 -7.68
C GLN B 1091 32.71 20.34 -6.53
N VAL B 1092 31.64 19.62 -6.84
CA VAL B 1092 30.92 18.82 -5.85
C VAL B 1092 30.76 17.41 -6.40
N ASN B 1093 31.03 16.40 -5.56
CA ASN B 1093 31.11 15.01 -6.01
C ASN B 1093 29.72 14.39 -6.06
N ILE B 1094 29.04 14.59 -7.18
CA ILE B 1094 27.75 13.96 -7.44
C ILE B 1094 28.01 12.64 -8.17
N VAL B 1095 27.57 11.54 -7.57
CA VAL B 1095 27.82 10.21 -8.10
C VAL B 1095 26.48 9.49 -8.25
N LYS B 1096 26.14 9.09 -9.48
CA LYS B 1096 24.95 8.30 -9.73
C LYS B 1096 25.32 6.83 -9.63
N LYS B 1097 24.67 6.12 -8.70
CA LYS B 1097 25.00 4.73 -8.43
C LYS B 1097 24.76 3.87 -9.66
N THR B 1098 25.82 3.28 -10.19
CA THR B 1098 25.68 2.35 -11.30
C THR B 1098 24.99 1.08 -10.81
N GLU B 1099 23.98 0.63 -11.55
CA GLU B 1099 23.17 -0.50 -11.13
C GLU B 1099 22.86 -1.40 -12.31
N VAL B 1100 23.13 -2.70 -12.14
CA VAL B 1100 22.64 -3.69 -13.09
C VAL B 1100 21.11 -3.69 -13.04
N GLN B 1101 20.48 -3.70 -14.21
CA GLN B 1101 19.03 -3.66 -14.27
C GLN B 1101 18.45 -5.05 -14.03
N THR B 1102 17.46 -5.13 -13.14
CA THR B 1102 16.76 -6.36 -12.84
C THR B 1102 15.27 -6.17 -13.11
N GLY B 1103 14.53 -7.28 -13.06
CA GLY B 1103 13.09 -7.24 -13.21
C GLY B 1103 12.61 -8.10 -14.38
N GLY B 1104 11.57 -7.62 -15.03
CA GLY B 1104 10.98 -8.36 -16.12
C GLY B 1104 11.88 -8.43 -17.33
N PHE B 1105 11.68 -9.47 -18.14
CA PHE B 1105 12.51 -9.66 -19.32
C PHE B 1105 12.30 -8.54 -20.34
N SER B 1106 11.04 -8.16 -20.56
CA SER B 1106 10.70 -7.23 -21.63
C SER B 1106 9.33 -6.64 -21.33
N LYS B 1107 8.84 -5.83 -22.26
CA LYS B 1107 7.46 -5.39 -22.20
C LYS B 1107 6.54 -6.61 -22.18
N GLU B 1108 5.40 -6.46 -21.52
CA GLU B 1108 4.51 -7.59 -21.30
C GLU B 1108 3.60 -7.87 -22.48
N SER B 1109 3.34 -6.87 -23.33
CA SER B 1109 2.36 -7.04 -24.39
C SER B 1109 2.79 -8.15 -25.35
N ILE B 1110 1.87 -9.06 -25.63
CA ILE B 1110 2.09 -10.10 -26.62
C ILE B 1110 1.72 -9.49 -27.98
N LEU B 1111 2.74 -9.11 -28.74
CA LEU B 1111 2.51 -8.42 -30.00
C LEU B 1111 2.14 -9.40 -31.10
N PRO B 1112 1.37 -8.97 -32.09
CA PRO B 1112 1.06 -9.85 -33.23
C PRO B 1112 2.29 -10.13 -34.07
N LYS B 1113 2.15 -11.13 -34.94
CA LYS B 1113 3.28 -11.55 -35.77
C LYS B 1113 3.75 -10.40 -36.65
N ARG B 1114 5.05 -10.37 -36.90
CA ARG B 1114 5.68 -9.27 -37.64
C ARG B 1114 7.02 -9.73 -38.16
N ASN B 1115 7.37 -9.25 -39.36
CA ASN B 1115 8.65 -9.58 -39.98
C ASN B 1115 9.72 -8.67 -39.37
N SER B 1116 10.20 -9.05 -38.19
CA SER B 1116 11.19 -8.25 -37.49
C SER B 1116 11.93 -9.13 -36.50
N ASP B 1117 13.26 -8.96 -36.45
CA ASP B 1117 14.09 -9.69 -35.51
C ASP B 1117 14.01 -9.13 -34.09
N LYS B 1118 13.35 -7.99 -33.90
CA LYS B 1118 13.14 -7.49 -32.54
C LYS B 1118 12.14 -8.34 -31.77
N LEU B 1119 11.28 -9.09 -32.46
CA LEU B 1119 10.34 -9.95 -31.76
C LEU B 1119 11.07 -11.09 -31.07
N ILE B 1120 10.57 -11.48 -29.90
CA ILE B 1120 11.18 -12.51 -29.07
C ILE B 1120 10.16 -13.62 -28.88
N ALA B 1121 10.60 -14.86 -29.07
CA ALA B 1121 9.69 -16.00 -29.04
C ALA B 1121 9.13 -16.22 -27.64
N ARG B 1122 7.81 -16.37 -27.55
CA ARG B 1122 7.18 -16.65 -26.26
C ARG B 1122 7.39 -18.09 -25.83
N LYS B 1123 7.71 -18.98 -26.76
CA LYS B 1123 8.08 -20.34 -26.45
C LYS B 1123 9.25 -20.72 -27.35
N LYS B 1124 9.90 -21.84 -27.03
CA LYS B 1124 11.14 -22.19 -27.73
C LYS B 1124 10.92 -22.36 -29.23
N ASP B 1125 9.81 -23.00 -29.62
CA ASP B 1125 9.56 -23.30 -31.01
C ASP B 1125 8.60 -22.33 -31.68
N TRP B 1126 8.17 -21.28 -31.00
CA TRP B 1126 7.17 -20.37 -31.54
C TRP B 1126 7.89 -19.25 -32.28
N ASP B 1127 8.14 -19.48 -33.57
CA ASP B 1127 8.77 -18.49 -34.43
C ASP B 1127 7.94 -17.21 -34.45
N PRO B 1128 8.48 -16.11 -33.93
CA PRO B 1128 7.68 -14.87 -33.82
C PRO B 1128 7.15 -14.36 -35.14
N LYS B 1129 7.79 -14.69 -36.27
CA LYS B 1129 7.25 -14.31 -37.55
C LYS B 1129 5.93 -15.00 -37.83
N LYS B 1130 5.70 -16.15 -37.20
CA LYS B 1130 4.44 -16.87 -37.35
C LYS B 1130 3.47 -16.64 -36.19
N TYR B 1131 3.98 -16.46 -34.98
CA TYR B 1131 3.15 -16.44 -33.77
C TYR B 1131 3.23 -15.15 -32.98
N GLY B 1132 4.01 -14.17 -33.41
CA GLY B 1132 4.22 -12.98 -32.62
C GLY B 1132 5.00 -13.26 -31.36
N GLY B 1133 5.10 -12.24 -30.52
CA GLY B 1133 5.82 -12.39 -29.28
C GLY B 1133 6.14 -11.03 -28.67
N PHE B 1134 7.15 -11.03 -27.80
CA PHE B 1134 7.55 -9.82 -27.10
C PHE B 1134 8.57 -9.02 -27.92
N ASP B 1135 8.71 -7.76 -27.56
CA ASP B 1135 9.86 -6.97 -27.96
C ASP B 1135 10.22 -6.06 -26.78
N SER B 1136 11.07 -5.08 -27.03
CA SER B 1136 11.51 -4.12 -26.02
C SER B 1136 12.06 -4.79 -24.75
N PRO B 1137 13.09 -5.62 -24.89
CA PRO B 1137 13.70 -6.21 -23.69
C PRO B 1137 14.55 -5.19 -22.95
N THR B 1138 14.75 -5.47 -21.66
CA THR B 1138 15.56 -4.61 -20.81
C THR B 1138 17.00 -5.14 -20.77
N VAL B 1139 17.95 -4.23 -20.92
CA VAL B 1139 19.37 -4.56 -20.87
C VAL B 1139 19.81 -4.57 -19.41
N ALA B 1140 20.22 -5.74 -18.92
CA ALA B 1140 20.76 -5.83 -17.57
C ALA B 1140 22.01 -5.00 -17.43
N TYR B 1141 22.93 -5.13 -18.40
CA TYR B 1141 24.15 -4.35 -18.47
C TYR B 1141 24.78 -4.57 -19.84
N SER B 1142 25.47 -3.54 -20.32
CA SER B 1142 26.16 -3.63 -21.60
C SER B 1142 27.56 -4.24 -21.41
N VAL B 1143 28.15 -4.64 -22.53
CA VAL B 1143 29.47 -5.26 -22.52
C VAL B 1143 30.29 -4.67 -23.66
N LEU B 1144 31.49 -4.18 -23.35
CA LEU B 1144 32.42 -3.72 -24.37
C LEU B 1144 33.09 -4.93 -25.01
N VAL B 1145 32.79 -5.17 -26.28
CA VAL B 1145 33.35 -6.30 -27.02
C VAL B 1145 34.37 -5.77 -28.01
N VAL B 1146 35.58 -6.33 -27.94
CA VAL B 1146 36.63 -6.06 -28.90
C VAL B 1146 36.93 -7.38 -29.59
N ALA B 1147 36.49 -7.51 -30.83
CA ALA B 1147 36.62 -8.75 -31.58
C ALA B 1147 36.46 -8.42 -33.07
N LYS B 1148 36.27 -9.46 -33.87
CA LYS B 1148 36.09 -9.33 -35.30
C LYS B 1148 34.78 -9.97 -35.71
N VAL B 1149 34.16 -9.41 -36.75
CA VAL B 1149 32.90 -9.93 -37.29
C VAL B 1149 33.05 -10.17 -38.78
N GLU B 1150 32.36 -11.18 -39.27
CA GLU B 1150 32.35 -11.46 -40.71
C GLU B 1150 31.63 -10.34 -41.45
N LYS B 1151 32.12 -10.04 -42.66
CA LYS B 1151 31.59 -8.95 -43.46
C LYS B 1151 31.34 -9.40 -44.88
N GLY B 1152 30.18 -9.04 -45.42
CA GLY B 1152 29.83 -9.35 -46.80
C GLY B 1152 29.64 -10.84 -47.03
N LYS B 1153 29.32 -11.16 -48.29
CA LYS B 1153 29.18 -12.55 -48.70
C LYS B 1153 30.49 -13.32 -48.61
N SER B 1154 31.62 -12.61 -48.58
CA SER B 1154 32.93 -13.24 -48.43
C SER B 1154 33.23 -13.67 -47.00
N LYS B 1155 32.46 -13.18 -46.02
CA LYS B 1155 32.71 -13.47 -44.61
C LYS B 1155 34.12 -13.07 -44.17
N LYS B 1156 34.58 -11.92 -44.66
CA LYS B 1156 35.92 -11.44 -44.33
C LYS B 1156 35.93 -10.81 -42.94
N LEU B 1157 36.91 -11.19 -42.13
CA LEU B 1157 36.97 -10.71 -40.75
C LEU B 1157 37.35 -9.23 -40.70
N LYS B 1158 36.62 -8.48 -39.88
CA LYS B 1158 36.82 -7.04 -39.75
C LYS B 1158 36.79 -6.69 -38.26
N SER B 1159 37.83 -6.01 -37.80
CA SER B 1159 37.94 -5.67 -36.39
C SER B 1159 36.91 -4.61 -36.01
N VAL B 1160 36.21 -4.85 -34.90
CA VAL B 1160 35.17 -3.97 -34.43
C VAL B 1160 35.31 -3.77 -32.93
N LYS B 1161 34.84 -2.61 -32.46
CA LYS B 1161 34.72 -2.32 -31.04
C LYS B 1161 33.36 -1.68 -30.86
N GLU B 1162 32.45 -2.37 -30.16
CA GLU B 1162 31.09 -1.87 -30.05
C GLU B 1162 30.49 -2.33 -28.71
N LEU B 1163 29.30 -1.80 -28.43
CA LEU B 1163 28.58 -2.10 -27.19
C LEU B 1163 27.50 -3.12 -27.48
N LEU B 1164 27.65 -4.31 -26.90
CA LEU B 1164 26.60 -5.33 -26.92
C LEU B 1164 25.79 -5.24 -25.63
N GLY B 1165 24.48 -5.09 -25.77
CA GLY B 1165 23.60 -5.11 -24.62
C GLY B 1165 23.16 -6.51 -24.29
N ILE B 1166 23.48 -6.97 -23.09
CA ILE B 1166 23.01 -8.26 -22.59
C ILE B 1166 21.65 -8.03 -21.95
N THR B 1167 20.60 -8.59 -22.55
CA THR B 1167 19.28 -8.50 -21.95
C THR B 1167 19.24 -9.31 -20.65
N ILE B 1168 18.27 -8.95 -19.79
CA ILE B 1168 18.12 -9.66 -18.52
C ILE B 1168 17.95 -11.15 -18.77
N MET B 1169 17.14 -11.50 -19.76
CA MET B 1169 16.92 -12.90 -20.08
C MET B 1169 18.22 -13.58 -20.50
N GLU B 1170 19.08 -12.87 -21.24
CA GLU B 1170 20.31 -13.46 -21.73
C GLU B 1170 21.39 -13.54 -20.65
N ARG B 1171 21.21 -12.84 -19.52
CA ARG B 1171 22.31 -12.60 -18.59
C ARG B 1171 22.90 -13.89 -18.03
N SER B 1172 22.06 -14.83 -17.61
CA SER B 1172 22.57 -16.08 -17.06
C SER B 1172 23.41 -16.83 -18.09
N SER B 1173 22.90 -16.93 -19.31
CA SER B 1173 23.63 -17.59 -20.38
C SER B 1173 24.97 -16.90 -20.63
N PHE B 1174 24.95 -15.58 -20.76
CA PHE B 1174 26.18 -14.84 -21.02
C PHE B 1174 27.19 -15.06 -19.92
N GLU B 1175 26.74 -15.16 -18.67
CA GLU B 1175 27.68 -15.27 -17.57
C GLU B 1175 28.21 -16.69 -17.40
N LYS B 1176 27.43 -17.71 -17.82
CA LYS B 1176 27.94 -19.07 -17.69
C LYS B 1176 29.14 -19.31 -18.58
N ASN B 1177 29.14 -18.71 -19.78
CA ASN B 1177 30.28 -18.78 -20.69
C ASN B 1177 30.25 -17.59 -21.64
N PRO B 1178 30.96 -16.50 -21.32
CA PRO B 1178 30.86 -15.30 -22.16
C PRO B 1178 31.38 -15.50 -23.57
N ILE B 1179 32.45 -16.28 -23.75
CA ILE B 1179 33.05 -16.44 -25.07
C ILE B 1179 32.09 -17.16 -26.01
N ASP B 1180 31.47 -18.25 -25.54
CA ASP B 1180 30.53 -18.98 -26.37
C ASP B 1180 29.31 -18.13 -26.71
N PHE B 1181 28.81 -17.37 -25.73
CA PHE B 1181 27.68 -16.47 -25.99
C PHE B 1181 28.04 -15.45 -27.06
N LEU B 1182 29.18 -14.77 -26.91
CA LEU B 1182 29.58 -13.75 -27.86
C LEU B 1182 29.79 -14.34 -29.25
N GLU B 1183 30.40 -15.53 -29.32
CA GLU B 1183 30.59 -16.17 -30.62
C GLU B 1183 29.26 -16.55 -31.24
N ALA B 1184 28.30 -16.95 -30.41
CA ALA B 1184 26.95 -17.22 -30.92
C ALA B 1184 26.31 -15.97 -31.50
N LYS B 1185 26.59 -14.81 -30.91
CA LYS B 1185 26.05 -13.55 -31.43
C LYS B 1185 26.74 -13.11 -32.72
N GLY B 1186 27.88 -13.69 -33.06
CA GLY B 1186 28.56 -13.42 -34.31
C GLY B 1186 29.99 -12.93 -34.17
N TYR B 1187 30.48 -12.67 -32.96
CA TYR B 1187 31.83 -12.16 -32.79
C TYR B 1187 32.84 -13.29 -32.83
N LYS B 1188 34.02 -12.99 -33.38
CA LYS B 1188 35.12 -13.94 -33.49
C LYS B 1188 36.39 -13.33 -32.92
N GLU B 1189 37.22 -14.18 -32.33
CA GLU B 1189 38.49 -13.78 -31.70
C GLU B 1189 38.26 -12.68 -30.68
N VAL B 1190 37.39 -12.98 -29.70
CA VAL B 1190 37.06 -12.00 -28.67
C VAL B 1190 38.21 -11.91 -27.69
N LYS B 1191 38.79 -10.72 -27.56
CA LYS B 1191 39.85 -10.49 -26.59
C LYS B 1191 39.22 -10.55 -25.19
N LYS B 1192 39.33 -11.71 -24.55
CA LYS B 1192 38.57 -11.99 -23.34
C LYS B 1192 38.88 -11.02 -22.21
N ASP B 1193 40.13 -10.57 -22.10
CA ASP B 1193 40.51 -9.68 -21.01
C ASP B 1193 40.08 -8.23 -21.25
N LEU B 1194 39.70 -7.87 -22.47
CA LEU B 1194 39.23 -6.53 -22.76
C LEU B 1194 37.72 -6.40 -22.65
N ILE B 1195 37.03 -7.44 -22.20
CA ILE B 1195 35.59 -7.37 -21.97
C ILE B 1195 35.33 -6.54 -20.73
N ILE B 1196 34.65 -5.41 -20.91
CA ILE B 1196 34.35 -4.49 -19.82
C ILE B 1196 32.85 -4.53 -19.57
N LYS B 1197 32.48 -4.82 -18.32
CA LYS B 1197 31.08 -4.83 -17.92
C LYS B 1197 30.65 -3.41 -17.59
N LEU B 1198 29.55 -2.96 -18.21
CA LEU B 1198 29.09 -1.58 -18.08
C LEU B 1198 27.63 -1.58 -17.64
N PRO B 1199 27.36 -1.48 -16.35
CA PRO B 1199 25.95 -1.37 -15.90
C PRO B 1199 25.34 -0.03 -16.26
N LYS B 1200 24.07 0.15 -15.94
CA LYS B 1200 23.40 1.41 -16.24
C LYS B 1200 24.06 2.55 -15.48
N TYR B 1201 24.04 3.74 -16.10
CA TYR B 1201 24.63 4.96 -15.57
C TYR B 1201 26.16 4.93 -15.52
N SER B 1202 26.79 4.11 -16.35
CA SER B 1202 28.25 4.10 -16.42
C SER B 1202 28.75 5.42 -16.99
N LEU B 1203 29.75 6.00 -16.34
CA LEU B 1203 30.18 7.37 -16.64
C LEU B 1203 31.28 7.37 -17.69
N PHE B 1204 31.16 8.26 -18.67
CA PHE B 1204 32.17 8.49 -19.69
C PHE B 1204 32.43 9.98 -19.79
N GLU B 1205 33.71 10.35 -19.95
CA GLU B 1205 34.12 11.72 -20.21
C GLU B 1205 34.67 11.84 -21.61
N LEU B 1206 34.25 12.88 -22.32
CA LEU B 1206 34.70 13.13 -23.69
C LEU B 1206 35.48 14.44 -23.76
N GLU B 1207 35.20 15.28 -24.76
CA GLU B 1207 35.95 16.51 -24.94
C GLU B 1207 35.31 17.66 -24.17
N ASN B 1208 36.16 18.61 -23.75
CA ASN B 1208 35.74 19.83 -23.06
C ASN B 1208 34.96 19.52 -21.77
N GLY B 1209 35.34 18.44 -21.09
CA GLY B 1209 34.67 18.06 -19.86
C GLY B 1209 33.26 17.53 -20.03
N ARG B 1210 32.84 17.27 -21.26
CA ARG B 1210 31.50 16.76 -21.51
C ARG B 1210 31.39 15.32 -21.03
N LYS B 1211 30.35 15.01 -20.27
CA LYS B 1211 30.16 13.70 -19.69
C LYS B 1211 28.84 13.09 -20.14
N ARG B 1212 28.85 11.78 -20.34
CA ARG B 1212 27.65 11.01 -20.66
C ARG B 1212 27.54 9.84 -19.69
N MET B 1213 26.32 9.38 -19.47
CA MET B 1213 26.07 8.19 -18.68
C MET B 1213 25.37 7.15 -19.53
N LEU B 1214 25.65 5.88 -19.26
CA LEU B 1214 25.10 4.81 -20.07
C LEU B 1214 23.65 4.58 -19.69
N ALA B 1215 22.72 5.01 -20.55
CA ALA B 1215 21.31 4.73 -20.33
C ALA B 1215 20.95 3.32 -20.78
N SER B 1216 21.69 2.78 -21.74
CA SER B 1216 21.46 1.46 -22.30
C SER B 1216 22.68 1.03 -23.10
N ALA B 1217 22.52 0.07 -24.01
CA ALA B 1217 23.58 -0.25 -24.95
C ALA B 1217 23.57 0.67 -26.16
N GLY B 1218 22.49 1.43 -26.37
CA GLY B 1218 22.39 2.29 -27.54
C GLY B 1218 21.84 3.68 -27.28
N GLU B 1219 21.79 4.09 -26.01
CA GLU B 1219 21.35 5.44 -25.67
C GLU B 1219 22.14 5.94 -24.47
N LEU B 1220 22.32 7.26 -24.40
CA LEU B 1220 23.08 7.92 -23.36
C LEU B 1220 22.23 8.97 -22.66
N GLN B 1221 22.55 9.22 -21.39
CA GLN B 1221 21.96 10.28 -20.59
C GLN B 1221 23.00 11.39 -20.37
N LYS B 1222 22.50 12.59 -20.10
CA LYS B 1222 23.36 13.71 -19.74
C LYS B 1222 24.14 13.37 -18.47
N GLY B 1223 25.43 13.69 -18.47
CA GLY B 1223 26.29 13.31 -17.37
C GLY B 1223 26.94 14.45 -16.62
N ASN B 1224 26.59 15.69 -16.94
CA ASN B 1224 27.22 16.87 -16.36
C ASN B 1224 26.23 17.66 -15.53
N GLU B 1225 26.74 18.26 -14.47
CA GLU B 1225 25.98 19.13 -13.58
C GLU B 1225 26.29 20.59 -13.92
N LEU B 1226 25.25 21.43 -13.87
CA LEU B 1226 25.42 22.85 -14.14
C LEU B 1226 25.66 23.54 -12.81
N ALA B 1227 26.91 23.94 -12.55
CA ALA B 1227 27.27 24.60 -11.29
C ALA B 1227 26.98 26.08 -11.45
N LEU B 1228 25.71 26.45 -11.24
CA LEU B 1228 25.32 27.85 -11.34
C LEU B 1228 25.84 28.61 -10.13
N PRO B 1229 26.44 29.79 -10.32
CA PRO B 1229 26.98 30.54 -9.18
C PRO B 1229 25.91 30.87 -8.15
N SER B 1230 26.36 31.06 -6.91
CA SER B 1230 25.42 31.25 -5.80
C SER B 1230 24.61 32.52 -5.94
N LYS B 1231 25.18 33.59 -6.51
CA LYS B 1231 24.43 34.83 -6.66
C LYS B 1231 23.21 34.61 -7.54
N TYR B 1232 23.38 33.90 -8.66
CA TYR B 1232 22.24 33.63 -9.54
C TYR B 1232 21.26 32.66 -8.90
N VAL B 1233 21.74 31.73 -8.07
CA VAL B 1233 20.84 30.82 -7.38
C VAL B 1233 19.93 31.59 -6.42
N ASN B 1234 20.52 32.48 -5.63
CA ASN B 1234 19.73 33.26 -4.68
C ASN B 1234 18.80 34.23 -5.41
N PHE B 1235 19.27 34.80 -6.52
CA PHE B 1235 18.40 35.67 -7.33
C PHE B 1235 17.21 34.90 -7.88
N LEU B 1236 17.45 33.68 -8.37
CA LEU B 1236 16.35 32.87 -8.88
C LEU B 1236 15.38 32.49 -7.78
N TYR B 1237 15.89 32.20 -6.59
CA TYR B 1237 15.02 31.91 -5.46
C TYR B 1237 14.12 33.11 -5.14
N LEU B 1238 14.74 34.27 -4.94
CA LEU B 1238 13.97 35.43 -4.49
C LEU B 1238 13.01 35.93 -5.57
N ALA B 1239 13.48 36.00 -6.83
CA ALA B 1239 12.66 36.53 -7.90
C ALA B 1239 11.46 35.64 -8.19
N SER B 1240 11.65 34.32 -8.17
CA SER B 1240 10.55 33.40 -8.47
C SER B 1240 9.52 33.32 -7.36
N HIS B 1241 9.77 33.96 -6.21
CA HIS B 1241 8.94 33.79 -5.01
C HIS B 1241 8.84 32.31 -4.66
N TYR B 1242 10.01 31.71 -4.42
CA TYR B 1242 10.14 30.28 -4.20
C TYR B 1242 9.50 29.85 -2.88
N GLY B 1247 7.41 37.63 5.06
CA GLY B 1247 8.33 38.10 6.08
C GLY B 1247 8.06 39.53 6.54
N SER B 1248 9.10 40.21 6.99
CA SER B 1248 8.97 41.58 7.43
C SER B 1248 8.72 42.50 6.23
N PRO B 1249 7.98 43.58 6.42
CA PRO B 1249 7.76 44.51 5.30
C PRO B 1249 9.05 45.12 4.77
N GLU B 1250 9.92 45.59 5.67
CA GLU B 1250 11.18 46.20 5.24
C GLU B 1250 12.09 45.17 4.57
N ASP B 1251 12.13 43.94 5.09
CA ASP B 1251 12.98 42.91 4.51
C ASP B 1251 12.42 42.42 3.17
N ASN B 1252 11.10 42.27 3.08
CA ASN B 1252 10.50 41.96 1.78
C ASN B 1252 10.80 43.04 0.76
N GLU B 1253 10.74 44.31 1.19
CA GLU B 1253 11.04 45.41 0.27
C GLU B 1253 12.52 45.39 -0.14
N GLN B 1254 13.41 45.06 0.80
CA GLN B 1254 14.84 44.98 0.45
C GLN B 1254 15.10 43.86 -0.54
N LYS B 1255 14.44 42.71 -0.35
CA LYS B 1255 14.61 41.61 -1.30
C LYS B 1255 14.05 41.97 -2.67
N GLN B 1256 12.89 42.62 -2.71
CA GLN B 1256 12.33 43.07 -3.99
C GLN B 1256 13.24 44.08 -4.67
N LEU B 1257 13.83 44.98 -3.88
CA LEU B 1257 14.74 45.97 -4.44
C LEU B 1257 16.00 45.32 -4.97
N PHE B 1258 16.51 44.30 -4.28
CA PHE B 1258 17.66 43.56 -4.79
C PHE B 1258 17.32 42.86 -6.10
N VAL B 1259 16.11 42.28 -6.18
CA VAL B 1259 15.67 41.62 -7.41
C VAL B 1259 15.67 42.62 -8.57
N GLU B 1260 15.06 43.79 -8.36
CA GLU B 1260 14.97 44.75 -9.44
C GLU B 1260 16.32 45.37 -9.79
N GLN B 1261 17.22 45.48 -8.81
CA GLN B 1261 18.54 46.06 -9.08
C GLN B 1261 19.42 45.10 -9.88
N HIS B 1262 19.17 43.79 -9.75
CA HIS B 1262 19.95 42.78 -10.43
C HIS B 1262 19.15 42.07 -11.52
N LYS B 1263 18.20 42.77 -12.13
CA LYS B 1263 17.41 42.19 -13.22
C LYS B 1263 18.29 41.66 -14.33
N HIS B 1264 19.45 42.29 -14.57
CA HIS B 1264 20.34 41.83 -15.63
C HIS B 1264 20.75 40.38 -15.42
N TYR B 1265 20.72 39.90 -14.18
CA TYR B 1265 21.04 38.50 -13.90
C TYR B 1265 20.29 37.55 -14.81
N LEU B 1266 19.04 37.93 -15.16
CA LEU B 1266 18.22 37.16 -16.07
C LEU B 1266 19.02 36.78 -17.31
N ASP B 1267 19.43 37.80 -18.05
CA ASP B 1267 20.24 37.57 -19.24
C ASP B 1267 21.49 36.77 -18.88
N GLU B 1268 22.19 37.18 -17.82
CA GLU B 1268 23.38 36.48 -17.40
C GLU B 1268 23.11 34.99 -17.22
N ILE B 1269 22.04 34.68 -16.48
CA ILE B 1269 21.69 33.28 -16.25
C ILE B 1269 21.47 32.57 -17.59
N ILE B 1270 20.67 33.18 -18.47
CA ILE B 1270 20.49 32.62 -19.80
C ILE B 1270 21.85 32.33 -20.42
N GLU B 1271 22.73 33.34 -20.42
CA GLU B 1271 24.05 33.17 -20.99
C GLU B 1271 24.71 31.92 -20.42
N GLN B 1272 24.76 31.84 -19.09
CA GLN B 1272 25.36 30.67 -18.44
C GLN B 1272 24.80 29.39 -19.04
N ILE B 1273 23.47 29.24 -18.98
CA ILE B 1273 22.82 28.06 -19.51
C ILE B 1273 23.27 27.81 -20.95
N SER B 1274 23.18 28.84 -21.78
CA SER B 1274 23.55 28.69 -23.18
C SER B 1274 24.95 28.10 -23.30
N GLU B 1275 25.92 28.73 -22.63
CA GLU B 1275 27.30 28.26 -22.70
C GLU B 1275 27.37 26.78 -22.30
N PHE B 1276 26.76 26.45 -21.15
CA PHE B 1276 26.73 25.07 -20.70
C PHE B 1276 26.19 24.16 -21.79
N SER B 1277 25.03 24.54 -22.35
CA SER B 1277 24.39 23.72 -23.37
C SER B 1277 25.26 23.57 -24.59
N LYS B 1278 25.98 24.64 -24.98
CA LYS B 1278 26.84 24.56 -26.15
C LYS B 1278 28.10 23.73 -25.89
N ARG B 1279 28.51 23.60 -24.61
CA ARG B 1279 29.69 22.82 -24.28
C ARG B 1279 29.36 21.36 -24.01
N VAL B 1280 28.17 21.05 -23.48
CA VAL B 1280 27.93 19.75 -22.90
C VAL B 1280 26.66 19.11 -23.43
N ILE B 1281 25.56 19.88 -23.49
CA ILE B 1281 24.26 19.30 -23.82
C ILE B 1281 24.17 18.98 -25.30
N LEU B 1282 24.57 19.92 -26.15
CA LEU B 1282 24.62 19.73 -27.60
C LEU B 1282 23.23 19.39 -28.16
N ALA B 1283 22.30 20.33 -27.95
CA ALA B 1283 20.95 20.24 -28.49
C ALA B 1283 20.68 21.57 -29.21
N ASP B 1284 21.18 21.67 -30.44
CA ASP B 1284 21.14 22.95 -31.15
C ASP B 1284 19.71 23.42 -31.36
N ALA B 1285 18.84 22.53 -31.82
CA ALA B 1285 17.45 22.90 -32.08
C ALA B 1285 16.76 23.34 -30.80
N ASN B 1286 16.88 22.54 -29.74
CA ASN B 1286 16.25 22.89 -28.47
C ASN B 1286 16.81 24.19 -27.90
N LEU B 1287 18.13 24.37 -27.98
CA LEU B 1287 18.73 25.58 -27.43
C LEU B 1287 18.27 26.82 -28.19
N ASP B 1288 18.19 26.73 -29.52
CA ASP B 1288 17.72 27.87 -30.30
C ASP B 1288 16.25 28.17 -30.02
N LYS B 1289 15.42 27.12 -29.92
CA LYS B 1289 14.01 27.34 -29.58
C LYS B 1289 13.88 27.98 -28.20
N VAL B 1290 14.74 27.58 -27.26
CA VAL B 1290 14.66 28.13 -25.91
C VAL B 1290 15.10 29.59 -25.90
N LEU B 1291 16.15 29.92 -26.66
CA LEU B 1291 16.56 31.32 -26.75
C LEU B 1291 15.48 32.18 -27.37
N SER B 1292 14.82 31.66 -28.41
CA SER B 1292 13.71 32.39 -29.01
C SER B 1292 12.55 32.56 -28.03
N ALA B 1293 12.28 31.53 -27.22
CA ALA B 1293 11.21 31.61 -26.24
C ALA B 1293 11.53 32.64 -25.16
N TYR B 1294 12.78 32.70 -24.72
CA TYR B 1294 13.15 33.70 -23.72
C TYR B 1294 13.07 35.11 -24.29
N ASN B 1295 13.54 35.30 -25.53
CA ASN B 1295 13.45 36.61 -26.16
C ASN B 1295 12.02 36.98 -26.52
N LYS B 1296 11.11 36.01 -26.55
CA LYS B 1296 9.71 36.29 -26.85
C LYS B 1296 8.98 36.84 -25.63
N HIS B 1297 9.36 36.42 -24.43
CA HIS B 1297 8.66 36.80 -23.20
C HIS B 1297 9.51 37.71 -22.32
N ARG B 1298 10.30 38.61 -22.94
CA ARG B 1298 11.10 39.54 -22.15
C ARG B 1298 10.24 40.62 -21.49
N ASP B 1299 9.04 40.87 -22.01
CA ASP B 1299 8.13 41.82 -21.40
C ASP B 1299 7.26 41.20 -20.32
N LYS B 1300 7.36 39.90 -20.10
CA LYS B 1300 6.61 39.25 -19.03
C LYS B 1300 7.12 39.73 -17.67
N PRO B 1301 6.30 39.62 -16.62
CA PRO B 1301 6.76 39.98 -15.28
C PRO B 1301 7.99 39.17 -14.89
N ILE B 1302 8.80 39.76 -14.01
CA ILE B 1302 10.08 39.15 -13.63
C ILE B 1302 9.84 37.83 -12.91
N ARG B 1303 8.82 37.76 -12.06
CA ARG B 1303 8.54 36.52 -11.33
C ARG B 1303 8.25 35.38 -12.28
N GLU B 1304 7.43 35.63 -13.31
CA GLU B 1304 7.06 34.58 -14.24
C GLU B 1304 8.25 34.16 -15.11
N GLN B 1305 9.02 35.13 -15.60
CA GLN B 1305 10.24 34.81 -16.34
C GLN B 1305 11.18 33.95 -15.49
N ALA B 1306 11.26 34.25 -14.19
CA ALA B 1306 12.16 33.50 -13.32
C ALA B 1306 11.67 32.07 -13.11
N GLU B 1307 10.37 31.90 -12.84
CA GLU B 1307 9.86 30.55 -12.64
C GLU B 1307 9.85 29.74 -13.93
N ASN B 1308 9.96 30.40 -15.09
CA ASN B 1308 10.16 29.64 -16.33
C ASN B 1308 11.63 29.33 -16.57
N ILE B 1309 12.53 30.24 -16.19
CA ILE B 1309 13.95 29.92 -16.18
C ILE B 1309 14.20 28.70 -15.29
N ILE B 1310 13.40 28.53 -14.25
CA ILE B 1310 13.51 27.32 -13.43
C ILE B 1310 13.22 26.08 -14.28
N HIS B 1311 12.18 26.13 -15.11
CA HIS B 1311 11.89 25.01 -16.01
C HIS B 1311 13.04 24.78 -16.99
N LEU B 1312 13.72 25.86 -17.38
CA LEU B 1312 14.79 25.75 -18.37
C LEU B 1312 15.85 24.72 -18.00
N PHE B 1313 16.13 24.54 -16.70
CA PHE B 1313 17.23 23.67 -16.29
C PHE B 1313 16.97 22.20 -16.59
N THR B 1314 15.74 21.83 -16.95
CA THR B 1314 15.49 20.45 -17.40
C THR B 1314 16.35 20.11 -18.61
N LEU B 1315 16.64 21.10 -19.46
CA LEU B 1315 17.53 20.88 -20.59
C LEU B 1315 18.94 20.52 -20.13
N THR B 1316 19.38 21.07 -19.00
CA THR B 1316 20.76 20.91 -18.54
C THR B 1316 20.88 19.91 -17.39
N ASN B 1317 19.77 19.42 -16.85
CA ASN B 1317 19.83 18.54 -15.70
C ASN B 1317 20.57 17.26 -16.02
N LEU B 1318 21.18 16.68 -14.98
CA LEU B 1318 21.79 15.36 -15.09
C LEU B 1318 20.73 14.30 -15.30
N GLY B 1319 21.09 13.31 -16.09
CA GLY B 1319 20.29 12.13 -16.29
C GLY B 1319 19.62 12.12 -17.64
N ALA B 1320 18.48 11.43 -17.67
CA ALA B 1320 17.75 11.20 -18.90
C ALA B 1320 17.13 12.50 -19.40
N PRO B 1321 17.21 12.77 -20.71
CA PRO B 1321 16.55 13.97 -21.26
C PRO B 1321 15.05 13.89 -21.09
N ALA B 1322 14.43 15.07 -20.92
CA ALA B 1322 12.99 15.15 -20.71
C ALA B 1322 12.46 16.42 -21.34
N ALA B 1323 11.16 16.43 -21.59
CA ALA B 1323 10.52 17.60 -22.17
C ALA B 1323 10.14 18.58 -21.07
N PHE B 1324 10.15 19.87 -21.41
CA PHE B 1324 9.77 20.91 -20.46
C PHE B 1324 9.00 21.98 -21.20
N LYS B 1325 8.61 23.03 -20.46
CA LYS B 1325 7.78 24.09 -21.00
C LYS B 1325 8.28 25.44 -20.52
N TYR B 1326 8.50 26.34 -21.47
CA TYR B 1326 8.78 27.74 -21.19
C TYR B 1326 7.51 28.53 -21.48
N PHE B 1327 6.84 28.98 -20.43
CA PHE B 1327 5.51 29.57 -20.51
C PHE B 1327 4.57 28.63 -21.24
N ASP B 1328 4.22 28.94 -22.49
CA ASP B 1328 3.31 28.11 -23.26
C ASP B 1328 3.97 27.47 -24.47
N THR B 1329 5.31 27.49 -24.51
CA THR B 1329 6.07 26.77 -25.53
C THR B 1329 6.59 25.47 -24.93
N THR B 1330 6.55 24.40 -25.72
CA THR B 1330 6.98 23.09 -25.27
C THR B 1330 8.27 22.70 -25.97
N ILE B 1331 9.26 22.28 -25.20
CA ILE B 1331 10.54 21.79 -25.70
C ILE B 1331 10.57 20.29 -25.48
N ASP B 1332 10.63 19.53 -26.58
CA ASP B 1332 10.78 18.09 -26.52
C ASP B 1332 12.22 17.72 -26.20
N ARG B 1333 12.39 16.54 -25.62
CA ARG B 1333 13.71 16.10 -25.20
C ARG B 1333 14.58 15.75 -26.40
N LYS B 1334 15.79 16.31 -26.45
CA LYS B 1334 16.81 15.85 -27.37
C LYS B 1334 17.49 14.62 -26.77
N ARG B 1335 17.33 13.48 -27.42
CA ARG B 1335 17.86 12.23 -26.91
C ARG B 1335 19.16 11.88 -27.62
N TYR B 1336 19.95 11.03 -26.96
CA TYR B 1336 21.26 10.62 -27.46
C TYR B 1336 21.14 9.15 -27.89
N THR B 1337 20.74 8.95 -29.14
CA THR B 1337 20.35 7.65 -29.65
C THR B 1337 21.53 6.79 -30.13
N SER B 1338 22.77 7.21 -29.86
CA SER B 1338 23.94 6.46 -30.31
C SER B 1338 24.99 6.47 -29.20
N THR B 1339 25.61 5.30 -28.98
CA THR B 1339 26.67 5.16 -27.99
C THR B 1339 28.02 4.88 -28.64
N LYS B 1340 28.21 5.28 -29.89
CA LYS B 1340 29.46 4.99 -30.57
C LYS B 1340 30.61 5.79 -29.97
N GLU B 1341 30.35 7.02 -29.54
CA GLU B 1341 31.44 7.91 -29.15
C GLU B 1341 32.10 7.44 -27.86
N VAL B 1342 31.32 6.93 -26.91
CA VAL B 1342 31.89 6.50 -25.63
C VAL B 1342 32.87 5.34 -25.83
N LEU B 1343 32.83 4.66 -26.97
CA LEU B 1343 33.78 3.59 -27.24
C LEU B 1343 35.20 4.12 -27.41
N ASP B 1344 35.36 5.42 -27.62
CA ASP B 1344 36.68 6.03 -27.69
C ASP B 1344 36.89 7.10 -26.63
N ALA B 1345 35.94 7.29 -25.72
CA ALA B 1345 36.04 8.30 -24.67
C ALA B 1345 36.79 7.71 -23.48
N THR B 1346 36.64 8.31 -22.30
CA THR B 1346 37.32 7.85 -21.10
C THR B 1346 36.27 7.35 -20.10
N LEU B 1347 36.29 6.05 -19.84
CA LEU B 1347 35.38 5.45 -18.88
C LEU B 1347 35.85 5.76 -17.46
N ILE B 1348 34.93 6.17 -16.60
CA ILE B 1348 35.25 6.55 -15.23
C ILE B 1348 34.55 5.58 -14.28
N HIS B 1349 35.32 4.86 -13.49
CA HIS B 1349 34.80 4.06 -12.38
C HIS B 1349 34.94 4.88 -11.11
N GLN B 1350 33.83 5.09 -10.42
CA GLN B 1350 33.79 5.92 -9.22
C GLN B 1350 33.44 5.08 -8.00
N SER B 1351 34.18 5.28 -6.92
CA SER B 1351 33.80 4.71 -5.63
C SER B 1351 32.50 5.36 -5.15
N ILE B 1352 31.99 4.92 -4.00
CA ILE B 1352 30.66 5.36 -3.60
C ILE B 1352 30.62 6.87 -3.39
N THR B 1353 31.69 7.45 -2.85
CA THR B 1353 31.76 8.90 -2.71
C THR B 1353 32.18 9.59 -4.00
N GLY B 1354 32.85 8.87 -4.90
CA GLY B 1354 33.42 9.48 -6.08
C GLY B 1354 34.82 10.02 -5.90
N LEU B 1355 35.38 9.89 -4.69
CA LEU B 1355 36.73 10.42 -4.46
C LEU B 1355 37.78 9.51 -5.08
N TYR B 1356 37.55 8.21 -5.06
CA TYR B 1356 38.44 7.25 -5.69
C TYR B 1356 37.96 6.96 -7.10
N GLU B 1357 38.83 7.17 -8.08
CA GLU B 1357 38.47 6.99 -9.47
C GLU B 1357 39.42 6.00 -10.14
N THR B 1358 38.92 5.42 -11.24
CA THR B 1358 39.75 4.65 -12.17
C THR B 1358 39.31 5.04 -13.58
N ARG B 1359 40.18 5.71 -14.32
CA ARG B 1359 39.84 6.25 -15.63
C ARG B 1359 40.55 5.46 -16.71
N ILE B 1360 39.77 4.87 -17.61
CA ILE B 1360 40.29 4.02 -18.69
C ILE B 1360 40.09 4.76 -20.00
N ASP B 1361 41.19 4.94 -20.74
CA ASP B 1361 41.12 5.54 -22.07
C ASP B 1361 40.71 4.45 -23.06
N LEU B 1362 39.44 4.48 -23.46
CA LEU B 1362 38.93 3.48 -24.38
C LEU B 1362 39.42 3.68 -25.82
N SER B 1363 40.06 4.81 -26.12
CA SER B 1363 40.63 5.00 -27.45
C SER B 1363 41.78 4.04 -27.70
N GLN B 1364 42.46 3.61 -26.63
CA GLN B 1364 43.59 2.71 -26.71
C GLN B 1364 43.18 1.24 -26.86
N LEU B 1365 41.95 0.97 -27.30
CA LEU B 1365 41.46 -0.38 -27.49
C LEU B 1365 40.95 -0.54 -28.92
N GLY B 1366 41.43 -1.57 -29.60
CA GLY B 1366 41.08 -1.81 -30.99
C GLY B 1366 42.12 -1.27 -31.97
MG MG E . -9.78 -16.04 -22.58
MG MG F . 5.08 -22.28 -17.64
K K G . 17.87 -4.19 -8.59
K K H . 29.36 3.16 -7.92
K K I . 3.27 3.26 24.73
K K J . -11.03 -16.28 -38.64
K K K . -4.44 7.85 4.63
K K L . 14.80 -0.79 -11.52
K K M . -8.75 -16.99 13.72
K K N . -12.07 -6.06 -28.39
K K O . -45.72 4.61 0.10
K K P . 0.37 -30.63 -41.71
K K Q . -9.80 5.73 29.69
K K R . -1.47 -7.38 -22.50
K K S . -3.42 -9.39 -2.14
#